data_5X74
# 
_entry.id   5X74 
# 
_audit_conform.dict_name       mmcif_pdbx.dic 
_audit_conform.dict_version    5.380 
_audit_conform.dict_location   http://mmcif.pdb.org/dictionaries/ascii/mmcif_pdbx.dic 
# 
loop_
_database_2.database_id 
_database_2.database_code 
_database_2.pdbx_database_accession 
_database_2.pdbx_DOI 
PDB   5X74         pdb_00005x74 10.2210/pdb5x74/pdb 
WWPDB D_1300003021 ?            ?                   
# 
loop_
_pdbx_database_related.db_name 
_pdbx_database_related.details 
_pdbx_database_related.db_id 
_pdbx_database_related.content_type 
PDB . 5X72 unspecified 
PDB . 5X73 unspecified 
# 
_pdbx_database_status.status_code                     REL 
_pdbx_database_status.status_code_sf                  REL 
_pdbx_database_status.status_code_mr                  ? 
_pdbx_database_status.entry_id                        5X74 
_pdbx_database_status.recvd_initial_deposition_date   2017-02-23 
_pdbx_database_status.SG_entry                        N 
_pdbx_database_status.deposit_site                    PDBJ 
_pdbx_database_status.process_site                    PDBJ 
_pdbx_database_status.status_code_cs                  ? 
_pdbx_database_status.methods_development_category    ? 
_pdbx_database_status.pdb_format_compatible           Y 
_pdbx_database_status.status_code_nmr_data            ? 
# 
loop_
_audit_author.name 
_audit_author.pdbx_ordinal 
_audit_author.identifier_ORCID 
'Jiang, Y.'  1 ? 
'Zhuang, C.' 2 ? 
'Chen, L.'   3 ? 
'Wang, R.'   4 ? 
'Wang, F.'   5 ? 
'Sheng, C.'  6 ? 
# 
_citation.abstract                  ? 
_citation.abstract_id_CAS           ? 
_citation.book_id_ISBN              ? 
_citation.book_publisher            ? 
_citation.book_publisher_city       ? 
_citation.book_title                ? 
_citation.coordinate_linkage        ? 
_citation.country                   US 
_citation.database_id_Medline       ? 
_citation.details                   ? 
_citation.id                        primary 
_citation.journal_abbrev            'J. Med. Chem.' 
_citation.journal_id_ASTM           JMCMAR 
_citation.journal_id_CSD            0151 
_citation.journal_id_ISSN           1520-4804 
_citation.journal_full              ? 
_citation.journal_issue             ? 
_citation.journal_volume            60 
_citation.language                  ? 
_citation.page_first                9400 
_citation.page_last                 9406 
_citation.title                     'Structural Biology-Inspired Discovery of Novel KRAS-PDE delta Inhibitors' 
_citation.year                      2017 
_citation.database_id_CSD           ? 
_citation.pdbx_database_id_DOI      10.1021/acs.jmedchem.7b01243 
_citation.pdbx_database_id_PubMed   28929751 
_citation.unpublished_flag          ? 
# 
loop_
_citation_author.citation_id 
_citation_author.name 
_citation_author.ordinal 
_citation_author.identifier_ORCID 
primary 'Jiang, Y.'  1 ? 
primary 'Zhuang, C.' 2 ? 
primary 'Chen, L.'   3 ? 
primary 'Lu, J.'     4 ? 
primary 'Dong, G.'   5 ? 
primary 'Miao, Z.'   6 ? 
primary 'Zhang, W.'  7 ? 
primary 'Li, J.'     8 ? 
primary 'Sheng, C.'  9 ? 
# 
_cell.angle_alpha                  90.00 
_cell.angle_alpha_esd              ? 
_cell.angle_beta                   90.00 
_cell.angle_beta_esd               ? 
_cell.angle_gamma                  120.00 
_cell.angle_gamma_esd              ? 
_cell.entry_id                     5X74 
_cell.details                      ? 
_cell.formula_units_Z              ? 
_cell.length_a                     55.700 
_cell.length_a_esd                 ? 
_cell.length_b                     55.700 
_cell.length_b_esd                 ? 
_cell.length_c                     114.902 
_cell.length_c_esd                 ? 
_cell.volume                       ? 
_cell.volume_esd                   ? 
_cell.Z_PDB                        6 
_cell.reciprocal_angle_alpha       ? 
_cell.reciprocal_angle_beta        ? 
_cell.reciprocal_angle_gamma       ? 
_cell.reciprocal_angle_alpha_esd   ? 
_cell.reciprocal_angle_beta_esd    ? 
_cell.reciprocal_angle_gamma_esd   ? 
_cell.reciprocal_length_a          ? 
_cell.reciprocal_length_b          ? 
_cell.reciprocal_length_c          ? 
_cell.reciprocal_length_a_esd      ? 
_cell.reciprocal_length_b_esd      ? 
_cell.reciprocal_length_c_esd      ? 
_cell.pdbx_unique_axis             ? 
# 
_symmetry.entry_id                         5X74 
_symmetry.cell_setting                     ? 
_symmetry.Int_Tables_number                154 
_symmetry.space_group_name_Hall            ? 
_symmetry.space_group_name_H-M             'P 32 2 1' 
_symmetry.pdbx_full_space_group_name_H-M   ? 
# 
loop_
_entity.id 
_entity.type 
_entity.src_method 
_entity.pdbx_description 
_entity.formula_weight 
_entity.pdbx_number_of_molecules 
_entity.pdbx_ec 
_entity.pdbx_mutation 
_entity.pdbx_fragment 
_entity.details 
1 polymer     man 
;Retinal rod rhodopsin-sensitive cGMP 3',5'-cyclic phosphodiesterase subunit delta
;
17398.955 1  ? ? ? ? 
2 non-polymer syn 
;(2R)-2-(2-fluorophenyl)-3-[2-[4-[(2R)-2-(2-fluorophenyl)-4-oxidanylidene-1,2-dihydroquinazolin-3-yl]piperidin-1-yl]ethyl]-1,2-dihydroquinazolin-4-one
;
593.666   1  ? ? ? ? 
3 water       nat water 18.015    39 ? ? ? ? 
# 
_entity_name_com.entity_id   1 
_entity_name_com.name        'GMP-PDE delta,Protein p17' 
# 
_entity_poly.entity_id                      1 
_entity_poly.type                           'polypeptide(L)' 
_entity_poly.nstd_linkage                   no 
_entity_poly.nstd_monomer                   no 
_entity_poly.pdbx_seq_one_letter_code       
;MSAKDERAREILRGFKLNWMNLRDAETGKILWQGTEDLSVPGVEHEARVPKKILKCKAVSRELNFSSTEQMEKFRLEQKV
YFKGQCLEEWFFEFGFVIPNSTNTWQSLISAAPESQMMPASVLTGNVIIETKFFDDDLLVSTSRVRLFYV
;
_entity_poly.pdbx_seq_one_letter_code_can   
;MSAKDERAREILRGFKLNWMNLRDAETGKILWQGTEDLSVPGVEHEARVPKKILKCKAVSRELNFSSTEQMEKFRLEQKV
YFKGQCLEEWFFEFGFVIPNSTNTWQSLISAAPESQMMPASVLTGNVIIETKFFDDDLLVSTSRVRLFYV
;
_entity_poly.pdbx_strand_id                 A 
_entity_poly.pdbx_target_identifier         ? 
# 
loop_
_entity_poly_seq.entity_id 
_entity_poly_seq.num 
_entity_poly_seq.mon_id 
_entity_poly_seq.hetero 
1 1   MET n 
1 2   SER n 
1 3   ALA n 
1 4   LYS n 
1 5   ASP n 
1 6   GLU n 
1 7   ARG n 
1 8   ALA n 
1 9   ARG n 
1 10  GLU n 
1 11  ILE n 
1 12  LEU n 
1 13  ARG n 
1 14  GLY n 
1 15  PHE n 
1 16  LYS n 
1 17  LEU n 
1 18  ASN n 
1 19  TRP n 
1 20  MET n 
1 21  ASN n 
1 22  LEU n 
1 23  ARG n 
1 24  ASP n 
1 25  ALA n 
1 26  GLU n 
1 27  THR n 
1 28  GLY n 
1 29  LYS n 
1 30  ILE n 
1 31  LEU n 
1 32  TRP n 
1 33  GLN n 
1 34  GLY n 
1 35  THR n 
1 36  GLU n 
1 37  ASP n 
1 38  LEU n 
1 39  SER n 
1 40  VAL n 
1 41  PRO n 
1 42  GLY n 
1 43  VAL n 
1 44  GLU n 
1 45  HIS n 
1 46  GLU n 
1 47  ALA n 
1 48  ARG n 
1 49  VAL n 
1 50  PRO n 
1 51  LYS n 
1 52  LYS n 
1 53  ILE n 
1 54  LEU n 
1 55  LYS n 
1 56  CYS n 
1 57  LYS n 
1 58  ALA n 
1 59  VAL n 
1 60  SER n 
1 61  ARG n 
1 62  GLU n 
1 63  LEU n 
1 64  ASN n 
1 65  PHE n 
1 66  SER n 
1 67  SER n 
1 68  THR n 
1 69  GLU n 
1 70  GLN n 
1 71  MET n 
1 72  GLU n 
1 73  LYS n 
1 74  PHE n 
1 75  ARG n 
1 76  LEU n 
1 77  GLU n 
1 78  GLN n 
1 79  LYS n 
1 80  VAL n 
1 81  TYR n 
1 82  PHE n 
1 83  LYS n 
1 84  GLY n 
1 85  GLN n 
1 86  CYS n 
1 87  LEU n 
1 88  GLU n 
1 89  GLU n 
1 90  TRP n 
1 91  PHE n 
1 92  PHE n 
1 93  GLU n 
1 94  PHE n 
1 95  GLY n 
1 96  PHE n 
1 97  VAL n 
1 98  ILE n 
1 99  PRO n 
1 100 ASN n 
1 101 SER n 
1 102 THR n 
1 103 ASN n 
1 104 THR n 
1 105 TRP n 
1 106 GLN n 
1 107 SER n 
1 108 LEU n 
1 109 ILE n 
1 110 SER n 
1 111 ALA n 
1 112 ALA n 
1 113 PRO n 
1 114 GLU n 
1 115 SER n 
1 116 GLN n 
1 117 MET n 
1 118 MET n 
1 119 PRO n 
1 120 ALA n 
1 121 SER n 
1 122 VAL n 
1 123 LEU n 
1 124 THR n 
1 125 GLY n 
1 126 ASN n 
1 127 VAL n 
1 128 ILE n 
1 129 ILE n 
1 130 GLU n 
1 131 THR n 
1 132 LYS n 
1 133 PHE n 
1 134 PHE n 
1 135 ASP n 
1 136 ASP n 
1 137 ASP n 
1 138 LEU n 
1 139 LEU n 
1 140 VAL n 
1 141 SER n 
1 142 THR n 
1 143 SER n 
1 144 ARG n 
1 145 VAL n 
1 146 ARG n 
1 147 LEU n 
1 148 PHE n 
1 149 TYR n 
1 150 VAL n 
# 
_entity_src_gen.entity_id                          1 
_entity_src_gen.pdbx_src_id                        1 
_entity_src_gen.pdbx_alt_source_flag               sample 
_entity_src_gen.pdbx_seq_type                      'Biological sequence' 
_entity_src_gen.pdbx_beg_seq_num                   1 
_entity_src_gen.pdbx_end_seq_num                   150 
_entity_src_gen.gene_src_common_name               Human 
_entity_src_gen.gene_src_genus                     ? 
_entity_src_gen.pdbx_gene_src_gene                 'PDE6D, PDED' 
_entity_src_gen.gene_src_species                   ? 
_entity_src_gen.gene_src_strain                    ? 
_entity_src_gen.gene_src_tissue                    ? 
_entity_src_gen.gene_src_tissue_fraction           ? 
_entity_src_gen.gene_src_details                   ? 
_entity_src_gen.pdbx_gene_src_fragment             ? 
_entity_src_gen.pdbx_gene_src_scientific_name      'Homo sapiens' 
_entity_src_gen.pdbx_gene_src_ncbi_taxonomy_id     9606 
_entity_src_gen.pdbx_gene_src_variant              ? 
_entity_src_gen.pdbx_gene_src_cell_line            ? 
_entity_src_gen.pdbx_gene_src_atcc                 ? 
_entity_src_gen.pdbx_gene_src_organ                ? 
_entity_src_gen.pdbx_gene_src_organelle            ? 
_entity_src_gen.pdbx_gene_src_cell                 ? 
_entity_src_gen.pdbx_gene_src_cellular_location    ? 
_entity_src_gen.host_org_common_name               ? 
_entity_src_gen.pdbx_host_org_scientific_name      'Escherichia coli' 
_entity_src_gen.pdbx_host_org_ncbi_taxonomy_id     562 
_entity_src_gen.host_org_genus                     ? 
_entity_src_gen.pdbx_host_org_gene                 ? 
_entity_src_gen.pdbx_host_org_organ                ? 
_entity_src_gen.host_org_species                   ? 
_entity_src_gen.pdbx_host_org_tissue               ? 
_entity_src_gen.pdbx_host_org_tissue_fraction      ? 
_entity_src_gen.pdbx_host_org_strain               ? 
_entity_src_gen.pdbx_host_org_variant              ? 
_entity_src_gen.pdbx_host_org_cell_line            ? 
_entity_src_gen.pdbx_host_org_atcc                 ? 
_entity_src_gen.pdbx_host_org_culture_collection   ? 
_entity_src_gen.pdbx_host_org_cell                 ? 
_entity_src_gen.pdbx_host_org_organelle            ? 
_entity_src_gen.pdbx_host_org_cellular_location    ? 
_entity_src_gen.pdbx_host_org_vector_type          ? 
_entity_src_gen.pdbx_host_org_vector               ? 
_entity_src_gen.host_org_details                   ? 
_entity_src_gen.expression_system_id               ? 
_entity_src_gen.plasmid_name                       ? 
_entity_src_gen.plasmid_details                    ? 
_entity_src_gen.pdbx_description                   ? 
# 
_struct_ref.id                         1 
_struct_ref.db_name                    UNP 
_struct_ref.db_code                    PDE6D_HUMAN 
_struct_ref.pdbx_db_accession          O43924 
_struct_ref.pdbx_db_isoform            ? 
_struct_ref.entity_id                  1 
_struct_ref.pdbx_seq_one_letter_code   
;MSAKDERAREILRGFKLNWMNLRDAETGKILWQGTEDLSVPGVEHEARVPKKILKCKAVSRELNFSSTEQMEKFRLEQKV
YFKGQCLEEWFFEFGFVIPNSTNTWQSLIEAAPESQMMPASVLTGNVIIETKFFDDDLLVSTSRVRLFYV
;
_struct_ref.pdbx_align_begin           1 
# 
_struct_ref_seq.align_id                      1 
_struct_ref_seq.ref_id                        1 
_struct_ref_seq.pdbx_PDB_id_code              5X74 
_struct_ref_seq.pdbx_strand_id                A 
_struct_ref_seq.seq_align_beg                 1 
_struct_ref_seq.pdbx_seq_align_beg_ins_code   ? 
_struct_ref_seq.seq_align_end                 150 
_struct_ref_seq.pdbx_seq_align_end_ins_code   ? 
_struct_ref_seq.pdbx_db_accession             O43924 
_struct_ref_seq.db_align_beg                  1 
_struct_ref_seq.pdbx_db_align_beg_ins_code    ? 
_struct_ref_seq.db_align_end                  150 
_struct_ref_seq.pdbx_db_align_end_ins_code    ? 
_struct_ref_seq.pdbx_auth_seq_align_beg       1 
_struct_ref_seq.pdbx_auth_seq_align_end       150 
# 
_struct_ref_seq_dif.align_id                     1 
_struct_ref_seq_dif.pdbx_pdb_id_code             5X74 
_struct_ref_seq_dif.mon_id                       SER 
_struct_ref_seq_dif.pdbx_pdb_strand_id           A 
_struct_ref_seq_dif.seq_num                      110 
_struct_ref_seq_dif.pdbx_pdb_ins_code            ? 
_struct_ref_seq_dif.pdbx_seq_db_name             UNP 
_struct_ref_seq_dif.pdbx_seq_db_accession_code   O43924 
_struct_ref_seq_dif.db_mon_id                    GLU 
_struct_ref_seq_dif.pdbx_seq_db_seq_num          110 
_struct_ref_seq_dif.details                      conflict 
_struct_ref_seq_dif.pdbx_auth_seq_num            110 
_struct_ref_seq_dif.pdbx_ordinal                 1 
# 
loop_
_chem_comp.id 
_chem_comp.type 
_chem_comp.mon_nstd_flag 
_chem_comp.name 
_chem_comp.pdbx_synonyms 
_chem_comp.formula 
_chem_comp.formula_weight 
ALA 'L-peptide linking' y ALANINE ? 'C3 H7 N O2'       89.093  
ARG 'L-peptide linking' y ARGININE ? 'C6 H15 N4 O2 1'   175.209 
ASN 'L-peptide linking' y ASPARAGINE ? 'C4 H8 N2 O3'      132.118 
ASP 'L-peptide linking' y 'ASPARTIC ACID' ? 'C4 H7 N O4'       133.103 
CYS 'L-peptide linking' y CYSTEINE ? 'C3 H7 N O2 S'     121.158 
GLN 'L-peptide linking' y GLUTAMINE ? 'C5 H10 N2 O3'     146.144 
GLU 'L-peptide linking' y 'GLUTAMIC ACID' ? 'C5 H9 N O4'       147.129 
GLY 'peptide linking'   y GLYCINE ? 'C2 H5 N O2'       75.067  
HIS 'L-peptide linking' y HISTIDINE ? 'C6 H10 N3 O2 1'   156.162 
HOH non-polymer         . WATER ? 'H2 O'             18.015  
ILE 'L-peptide linking' y ISOLEUCINE ? 'C6 H13 N O2'      131.173 
JAY non-polymer         . 
;(2R)-2-(2-fluorophenyl)-3-[2-[4-[(2R)-2-(2-fluorophenyl)-4-oxidanylidene-1,2-dihydroquinazolin-3-yl]piperidin-1-yl]ethyl]-1,2-dihydroquinazolin-4-one
;
? 'C35 H33 F2 N5 O2' 593.666 
LEU 'L-peptide linking' y LEUCINE ? 'C6 H13 N O2'      131.173 
LYS 'L-peptide linking' y LYSINE ? 'C6 H15 N2 O2 1'   147.195 
MET 'L-peptide linking' y METHIONINE ? 'C5 H11 N O2 S'    149.211 
PHE 'L-peptide linking' y PHENYLALANINE ? 'C9 H11 N O2'      165.189 
PRO 'L-peptide linking' y PROLINE ? 'C5 H9 N O2'       115.130 
SER 'L-peptide linking' y SERINE ? 'C3 H7 N O3'       105.093 
THR 'L-peptide linking' y THREONINE ? 'C4 H9 N O3'       119.119 
TRP 'L-peptide linking' y TRYPTOPHAN ? 'C11 H12 N2 O2'    204.225 
TYR 'L-peptide linking' y TYROSINE ? 'C9 H11 N O3'      181.189 
VAL 'L-peptide linking' y VALINE ? 'C5 H11 N O2'      117.146 
# 
_exptl.absorpt_coefficient_mu     ? 
_exptl.absorpt_correction_T_max   ? 
_exptl.absorpt_correction_T_min   ? 
_exptl.absorpt_correction_type    ? 
_exptl.absorpt_process_details    ? 
_exptl.entry_id                   5X74 
_exptl.crystals_number            1 
_exptl.details                    ? 
_exptl.method                     'X-RAY DIFFRACTION' 
_exptl.method_details             ? 
# 
_exptl_crystal.colour                      ? 
_exptl_crystal.density_diffrn              ? 
_exptl_crystal.density_Matthews            2.96 
_exptl_crystal.density_method              ? 
_exptl_crystal.density_percent_sol         58.41 
_exptl_crystal.description                 ? 
_exptl_crystal.F_000                       ? 
_exptl_crystal.id                          1 
_exptl_crystal.preparation                 ? 
_exptl_crystal.size_max                    ? 
_exptl_crystal.size_mid                    ? 
_exptl_crystal.size_min                    ? 
_exptl_crystal.size_rad                    ? 
_exptl_crystal.colour_lustre               ? 
_exptl_crystal.colour_modifier             ? 
_exptl_crystal.colour_primary              ? 
_exptl_crystal.density_meas                ? 
_exptl_crystal.density_meas_esd            ? 
_exptl_crystal.density_meas_gt             ? 
_exptl_crystal.density_meas_lt             ? 
_exptl_crystal.density_meas_temp           ? 
_exptl_crystal.density_meas_temp_esd       ? 
_exptl_crystal.density_meas_temp_gt        ? 
_exptl_crystal.density_meas_temp_lt        ? 
_exptl_crystal.pdbx_crystal_image_url      ? 
_exptl_crystal.pdbx_crystal_image_format   ? 
_exptl_crystal.pdbx_mosaicity              ? 
_exptl_crystal.pdbx_mosaicity_esd          ? 
# 
_exptl_crystal_grow.apparatus       ? 
_exptl_crystal_grow.atmosphere      ? 
_exptl_crystal_grow.crystal_id      1 
_exptl_crystal_grow.details         ? 
_exptl_crystal_grow.method          'VAPOR DIFFUSION, SITTING DROP' 
_exptl_crystal_grow.method_ref      ? 
_exptl_crystal_grow.pH              4.6 
_exptl_crystal_grow.pressure        ? 
_exptl_crystal_grow.pressure_esd    ? 
_exptl_crystal_grow.seeding         ? 
_exptl_crystal_grow.seeding_ref     ? 
_exptl_crystal_grow.temp            277 
_exptl_crystal_grow.temp_details    ? 
_exptl_crystal_grow.temp_esd        ? 
_exptl_crystal_grow.time            ? 
_exptl_crystal_grow.pdbx_details    '0.1 M Sodium acetate, 30 %(v/v) PEG 300' 
_exptl_crystal_grow.pdbx_pH_range   ? 
# 
_diffrn.ambient_environment    ? 
_diffrn.ambient_temp           100 
_diffrn.ambient_temp_details   ? 
_diffrn.ambient_temp_esd       ? 
_diffrn.crystal_id             1 
_diffrn.crystal_support        ? 
_diffrn.crystal_treatment      ? 
_diffrn.details                ? 
_diffrn.id                     1 
_diffrn.ambient_pressure       ? 
_diffrn.ambient_pressure_esd   ? 
_diffrn.ambient_pressure_gt    ? 
_diffrn.ambient_pressure_lt    ? 
_diffrn.ambient_temp_gt        ? 
_diffrn.ambient_temp_lt        ? 
# 
_diffrn_detector.details                      ? 
_diffrn_detector.detector                     'AREA DETECTOR' 
_diffrn_detector.diffrn_id                    1 
_diffrn_detector.type                         'ADSC QUANTUM 315r' 
_diffrn_detector.area_resol_mean              ? 
_diffrn_detector.dtime                        ? 
_diffrn_detector.pdbx_frames_total            ? 
_diffrn_detector.pdbx_collection_time_total   ? 
_diffrn_detector.pdbx_collection_date         2016-10-31 
# 
_diffrn_radiation.collimation                      ? 
_diffrn_radiation.diffrn_id                        1 
_diffrn_radiation.filter_edge                      ? 
_diffrn_radiation.inhomogeneity                    ? 
_diffrn_radiation.monochromator                    ? 
_diffrn_radiation.polarisn_norm                    ? 
_diffrn_radiation.polarisn_ratio                   ? 
_diffrn_radiation.probe                            ? 
_diffrn_radiation.type                             ? 
_diffrn_radiation.xray_symbol                      ? 
_diffrn_radiation.wavelength_id                    1 
_diffrn_radiation.pdbx_monochromatic_or_laue_m_l   M 
_diffrn_radiation.pdbx_wavelength_list             ? 
_diffrn_radiation.pdbx_wavelength                  ? 
_diffrn_radiation.pdbx_diffrn_protocol             'SINGLE WAVELENGTH' 
_diffrn_radiation.pdbx_analyzer                    ? 
_diffrn_radiation.pdbx_scattering_type             x-ray 
# 
_diffrn_radiation_wavelength.id           1 
_diffrn_radiation_wavelength.wavelength   0.97913 
_diffrn_radiation_wavelength.wt           1.0 
# 
_diffrn_source.current                     ? 
_diffrn_source.details                     ? 
_diffrn_source.diffrn_id                   1 
_diffrn_source.power                       ? 
_diffrn_source.size                        ? 
_diffrn_source.source                      SYNCHROTRON 
_diffrn_source.target                      ? 
_diffrn_source.type                        'SSRF BEAMLINE BL17U' 
_diffrn_source.voltage                     ? 
_diffrn_source.take-off_angle              ? 
_diffrn_source.pdbx_wavelength_list        0.97913 
_diffrn_source.pdbx_wavelength             ? 
_diffrn_source.pdbx_synchrotron_beamline   BL17U 
_diffrn_source.pdbx_synchrotron_site       SSRF 
# 
_reflns.B_iso_Wilson_estimate            ? 
_reflns.entry_id                         5X74 
_reflns.data_reduction_details           ? 
_reflns.data_reduction_method            ? 
_reflns.d_resolution_high                2.25 
_reflns.d_resolution_low                 50.00 
_reflns.details                          ? 
_reflns.limit_h_max                      ? 
_reflns.limit_h_min                      ? 
_reflns.limit_k_max                      ? 
_reflns.limit_k_min                      ? 
_reflns.limit_l_max                      ? 
_reflns.limit_l_min                      ? 
_reflns.number_all                       ? 
_reflns.number_obs                       10393 
_reflns.observed_criterion               ? 
_reflns.observed_criterion_F_max         ? 
_reflns.observed_criterion_F_min         ? 
_reflns.observed_criterion_I_max         ? 
_reflns.observed_criterion_I_min         ? 
_reflns.observed_criterion_sigma_F       ? 
_reflns.observed_criterion_sigma_I       ? 
_reflns.percent_possible_obs             99.9 
_reflns.R_free_details                   ? 
_reflns.Rmerge_F_all                     ? 
_reflns.Rmerge_F_obs                     ? 
_reflns.Friedel_coverage                 ? 
_reflns.number_gt                        ? 
_reflns.threshold_expression             ? 
_reflns.pdbx_redundancy                  9.2 
_reflns.pdbx_Rmerge_I_obs                0.112 
_reflns.pdbx_Rmerge_I_all                ? 
_reflns.pdbx_Rsym_value                  ? 
_reflns.pdbx_netI_over_av_sigmaI         ? 
_reflns.pdbx_netI_over_sigmaI            24.40 
_reflns.pdbx_res_netI_over_av_sigmaI_2   ? 
_reflns.pdbx_res_netI_over_sigmaI_2      ? 
_reflns.pdbx_chi_squared                 1.041 
_reflns.pdbx_scaling_rejects             ? 
_reflns.pdbx_d_res_high_opt              ? 
_reflns.pdbx_d_res_low_opt               ? 
_reflns.pdbx_d_res_opt_method            ? 
_reflns.phase_calculation_details        ? 
_reflns.pdbx_Rrim_I_all                  ? 
_reflns.pdbx_Rpim_I_all                  0.04 
_reflns.pdbx_d_opt                       ? 
_reflns.pdbx_number_measured_all         ? 
_reflns.pdbx_diffrn_id                   1 
_reflns.pdbx_ordinal                     1 
_reflns.pdbx_CC_half                     ? 
_reflns.pdbx_R_split                     ? 
# 
_reflns_shell.d_res_high                  2.25 
_reflns_shell.d_res_low                   2.29 
_reflns_shell.meanI_over_sigI_all         ? 
_reflns_shell.meanI_over_sigI_obs         11.93 
_reflns_shell.number_measured_all         ? 
_reflns_shell.number_measured_obs         ? 
_reflns_shell.number_possible             ? 
_reflns_shell.number_unique_all           ? 
_reflns_shell.number_unique_obs           498 
_reflns_shell.percent_possible_all        100.0 
_reflns_shell.percent_possible_obs        ? 
_reflns_shell.Rmerge_F_all                ? 
_reflns_shell.Rmerge_F_obs                ? 
_reflns_shell.Rmerge_I_all                ? 
_reflns_shell.Rmerge_I_obs                ? 
_reflns_shell.meanI_over_sigI_gt          ? 
_reflns_shell.meanI_over_uI_all           ? 
_reflns_shell.meanI_over_uI_gt            ? 
_reflns_shell.number_measured_gt          ? 
_reflns_shell.number_unique_gt            ? 
_reflns_shell.percent_possible_gt         ? 
_reflns_shell.Rmerge_F_gt                 ? 
_reflns_shell.Rmerge_I_gt                 ? 
_reflns_shell.pdbx_redundancy             9.4 
_reflns_shell.pdbx_Rsym_value             ? 
_reflns_shell.pdbx_chi_squared            ? 
_reflns_shell.pdbx_netI_over_sigmaI_all   ? 
_reflns_shell.pdbx_netI_over_sigmaI_obs   ? 
_reflns_shell.pdbx_Rrim_I_all             ? 
_reflns_shell.pdbx_Rpim_I_all             0.208 
_reflns_shell.pdbx_rejects                ? 
_reflns_shell.pdbx_ordinal                1 
_reflns_shell.pdbx_diffrn_id              1 
_reflns_shell.pdbx_CC_half                ? 
_reflns_shell.pdbx_R_split                ? 
# 
_refine.aniso_B[1][1]                            0.00 
_refine.aniso_B[1][2]                            0.00 
_refine.aniso_B[1][3]                            0.00 
_refine.aniso_B[2][2]                            0.00 
_refine.aniso_B[2][3]                            0.00 
_refine.aniso_B[3][3]                            -0.01 
_refine.B_iso_max                                ? 
_refine.B_iso_mean                               40.307 
_refine.B_iso_min                                ? 
_refine.correlation_coeff_Fo_to_Fc               0.958 
_refine.correlation_coeff_Fo_to_Fc_free          0.923 
_refine.details                                  'HYDROGENS HAVE BEEN ADDED IN THE RIDING POSITIONS' 
_refine.diff_density_max                         ? 
_refine.diff_density_max_esd                     ? 
_refine.diff_density_min                         ? 
_refine.diff_density_min_esd                     ? 
_refine.diff_density_rms                         ? 
_refine.diff_density_rms_esd                     ? 
_refine.entry_id                                 5X74 
_refine.pdbx_refine_id                           'X-RAY DIFFRACTION' 
_refine.ls_abs_structure_details                 ? 
_refine.ls_abs_structure_Flack                   ? 
_refine.ls_abs_structure_Flack_esd               ? 
_refine.ls_abs_structure_Rogers                  ? 
_refine.ls_abs_structure_Rogers_esd              ? 
_refine.ls_d_res_high                            2.25 
_refine.ls_d_res_low                             36.94 
_refine.ls_extinction_coef                       ? 
_refine.ls_extinction_coef_esd                   ? 
_refine.ls_extinction_expression                 ? 
_refine.ls_extinction_method                     ? 
_refine.ls_goodness_of_fit_all                   ? 
_refine.ls_goodness_of_fit_all_esd               ? 
_refine.ls_goodness_of_fit_obs                   ? 
_refine.ls_goodness_of_fit_obs_esd               ? 
_refine.ls_hydrogen_treatment                    ? 
_refine.ls_matrix_type                           ? 
_refine.ls_number_constraints                    ? 
_refine.ls_number_parameters                     ? 
_refine.ls_number_reflns_all                     ? 
_refine.ls_number_reflns_obs                     9805 
_refine.ls_number_reflns_R_free                  557 
_refine.ls_number_reflns_R_work                  ? 
_refine.ls_number_restraints                     ? 
_refine.ls_percent_reflns_obs                    99.91 
_refine.ls_percent_reflns_R_free                 5.4 
_refine.ls_R_factor_all                          ? 
_refine.ls_R_factor_obs                          0.18420 
_refine.ls_R_factor_R_free                       0.24119 
_refine.ls_R_factor_R_free_error                 ? 
_refine.ls_R_factor_R_free_error_details         ? 
_refine.ls_R_factor_R_work                       0.18100 
_refine.ls_R_Fsqd_factor_obs                     ? 
_refine.ls_R_I_factor_obs                        ? 
_refine.ls_redundancy_reflns_all                 ? 
_refine.ls_redundancy_reflns_obs                 ? 
_refine.ls_restrained_S_all                      ? 
_refine.ls_restrained_S_obs                      ? 
_refine.ls_shift_over_esd_max                    ? 
_refine.ls_shift_over_esd_mean                   ? 
_refine.ls_structure_factor_coef                 ? 
_refine.ls_weighting_details                     ? 
_refine.ls_weighting_scheme                      ? 
_refine.ls_wR_factor_all                         ? 
_refine.ls_wR_factor_obs                         ? 
_refine.ls_wR_factor_R_free                      ? 
_refine.ls_wR_factor_R_work                      ? 
_refine.occupancy_max                            ? 
_refine.occupancy_min                            ? 
_refine.solvent_model_details                    ? 
_refine.solvent_model_param_bsol                 ? 
_refine.solvent_model_param_ksol                 ? 
_refine.ls_R_factor_gt                           ? 
_refine.ls_goodness_of_fit_gt                    ? 
_refine.ls_goodness_of_fit_ref                   ? 
_refine.ls_shift_over_su_max                     ? 
_refine.ls_shift_over_su_max_lt                  ? 
_refine.ls_shift_over_su_mean                    ? 
_refine.ls_shift_over_su_mean_lt                 ? 
_refine.pdbx_ls_sigma_I                          ? 
_refine.pdbx_ls_sigma_F                          ? 
_refine.pdbx_ls_sigma_Fsqd                       ? 
_refine.pdbx_data_cutoff_high_absF               ? 
_refine.pdbx_data_cutoff_high_rms_absF           ? 
_refine.pdbx_data_cutoff_low_absF                ? 
_refine.pdbx_isotropic_thermal_model             ? 
_refine.pdbx_ls_cross_valid_method               THROUGHOUT 
_refine.pdbx_method_to_determine_struct          'MOLECULAR REPLACEMENT' 
_refine.pdbx_starting_model                      4JV6 
_refine.pdbx_stereochemistry_target_values       ? 
_refine.pdbx_R_Free_selection_details            RANDOM 
_refine.pdbx_stereochem_target_val_spec_case     ? 
_refine.pdbx_overall_ESU_R                       0.047 
_refine.pdbx_overall_ESU_R_Free                  0.043 
_refine.pdbx_solvent_vdw_probe_radii             1.20 
_refine.pdbx_solvent_ion_probe_radii             0.80 
_refine.pdbx_solvent_shrinkage_radii             0.80 
_refine.pdbx_real_space_R                        ? 
_refine.pdbx_density_correlation                 ? 
_refine.pdbx_pd_number_of_powder_patterns        ? 
_refine.pdbx_pd_number_of_points                 ? 
_refine.pdbx_pd_meas_number_of_points            ? 
_refine.pdbx_pd_proc_ls_prof_R_factor            ? 
_refine.pdbx_pd_proc_ls_prof_wR_factor           ? 
_refine.pdbx_pd_Marquardt_correlation_coeff      ? 
_refine.pdbx_pd_Fsqrd_R_factor                   ? 
_refine.pdbx_pd_ls_matrix_band_width             ? 
_refine.pdbx_overall_phase_error                 ? 
_refine.pdbx_overall_SU_R_free_Cruickshank_DPI   ? 
_refine.pdbx_overall_SU_R_free_Blow_DPI          ? 
_refine.pdbx_overall_SU_R_Blow_DPI               ? 
_refine.pdbx_TLS_residual_ADP_flag               ? 
_refine.pdbx_diffrn_id                           1 
_refine.overall_SU_B                             4.736 
_refine.overall_SU_ML                            0.121 
_refine.overall_SU_R_Cruickshank_DPI             ? 
_refine.overall_SU_R_free                        ? 
_refine.overall_FOM_free_R_set                   ? 
_refine.overall_FOM_work_R_set                   ? 
_refine.pdbx_average_fsc_overall                 ? 
_refine.pdbx_average_fsc_work                    ? 
_refine.pdbx_average_fsc_free                    ? 
# 
_refine_hist.pdbx_refine_id                   'X-RAY DIFFRACTION' 
_refine_hist.cycle_id                         1 
_refine_hist.pdbx_number_atoms_protein        1222 
_refine_hist.pdbx_number_atoms_nucleic_acid   0 
_refine_hist.pdbx_number_atoms_ligand         44 
_refine_hist.number_atoms_solvent             39 
_refine_hist.number_atoms_total               1305 
_refine_hist.d_res_high                       2.25 
_refine_hist.d_res_low                        36.94 
# 
loop_
_refine_ls_restr.pdbx_refine_id 
_refine_ls_restr.criterion 
_refine_ls_restr.dev_ideal 
_refine_ls_restr.dev_ideal_target 
_refine_ls_restr.number 
_refine_ls_restr.rejects 
_refine_ls_restr.type 
_refine_ls_restr.weight 
_refine_ls_restr.pdbx_restraint_function 
'X-RAY DIFFRACTION' ? 0.019  0.020  1312 ? r_bond_refined_d             ? ? 
'X-RAY DIFFRACTION' ? 0.003  0.020  1241 ? r_bond_other_d               ? ? 
'X-RAY DIFFRACTION' ? 1.838  1.997  1775 ? r_angle_refined_deg          ? ? 
'X-RAY DIFFRACTION' ? 1.025  3.011  2863 ? r_angle_other_deg            ? ? 
'X-RAY DIFFRACTION' ? 6.813  5.000  153  ? r_dihedral_angle_1_deg       ? ? 
'X-RAY DIFFRACTION' ? 39.746 24.194 62   ? r_dihedral_angle_2_deg       ? ? 
'X-RAY DIFFRACTION' ? 13.799 15.000 237  ? r_dihedral_angle_3_deg       ? ? 
'X-RAY DIFFRACTION' ? 19.043 15.000 9    ? r_dihedral_angle_4_deg       ? ? 
'X-RAY DIFFRACTION' ? 0.106  0.200  188  ? r_chiral_restr               ? ? 
'X-RAY DIFFRACTION' ? 0.008  0.021  1457 ? r_gen_planes_refined         ? ? 
'X-RAY DIFFRACTION' ? 0.001  0.020  314  ? r_gen_planes_other           ? ? 
'X-RAY DIFFRACTION' ? ?      ?      ?    ? r_nbd_refined                ? ? 
'X-RAY DIFFRACTION' ? ?      ?      ?    ? r_nbd_other                  ? ? 
'X-RAY DIFFRACTION' ? ?      ?      ?    ? r_nbtor_refined              ? ? 
'X-RAY DIFFRACTION' ? ?      ?      ?    ? r_nbtor_other                ? ? 
'X-RAY DIFFRACTION' ? ?      ?      ?    ? r_xyhbond_nbd_refined        ? ? 
'X-RAY DIFFRACTION' ? ?      ?      ?    ? r_xyhbond_nbd_other          ? ? 
'X-RAY DIFFRACTION' ? ?      ?      ?    ? r_metal_ion_refined          ? ? 
'X-RAY DIFFRACTION' ? ?      ?      ?    ? r_metal_ion_other            ? ? 
'X-RAY DIFFRACTION' ? ?      ?      ?    ? r_symmetry_vdw_refined       ? ? 
'X-RAY DIFFRACTION' ? ?      ?      ?    ? r_symmetry_vdw_other         ? ? 
'X-RAY DIFFRACTION' ? ?      ?      ?    ? r_symmetry_hbond_refined     ? ? 
'X-RAY DIFFRACTION' ? ?      ?      ?    ? r_symmetry_hbond_other       ? ? 
'X-RAY DIFFRACTION' ? ?      ?      ?    ? r_symmetry_metal_ion_refined ? ? 
'X-RAY DIFFRACTION' ? ?      ?      ?    ? r_symmetry_metal_ion_other   ? ? 
'X-RAY DIFFRACTION' ? 3.315  3.630  603  ? r_mcbond_it                  ? ? 
'X-RAY DIFFRACTION' ? 3.316  3.630  602  ? r_mcbond_other               ? ? 
'X-RAY DIFFRACTION' ? 4.316  5.421  753  ? r_mcangle_it                 ? ? 
'X-RAY DIFFRACTION' ? 4.313  5.421  754  ? r_mcangle_other              ? ? 
'X-RAY DIFFRACTION' ? 4.723  4.226  709  ? r_scbond_it                  ? ? 
'X-RAY DIFFRACTION' ? 4.722  4.228  710  ? r_scbond_other               ? ? 
'X-RAY DIFFRACTION' ? ?      ?      ?    ? r_scangle_it                 ? ? 
'X-RAY DIFFRACTION' ? 7.101  6.118  1021 ? r_scangle_other              ? ? 
'X-RAY DIFFRACTION' ? 8.803  29.808 1451 ? r_long_range_B_refined       ? ? 
'X-RAY DIFFRACTION' ? 8.800  29.825 1452 ? r_long_range_B_other         ? ? 
'X-RAY DIFFRACTION' ? ?      ?      ?    ? r_rigid_bond_restr           ? ? 
'X-RAY DIFFRACTION' ? ?      ?      ?    ? r_sphericity_free            ? ? 
'X-RAY DIFFRACTION' ? ?      ?      ?    ? r_sphericity_bonded          ? ? 
# 
_refine_ls_shell.pdbx_refine_id                   'X-RAY DIFFRACTION' 
_refine_ls_shell.d_res_high                       2.245 
_refine_ls_shell.d_res_low                        2.303 
_refine_ls_shell.number_reflns_all                ? 
_refine_ls_shell.number_reflns_obs                ? 
_refine_ls_shell.number_reflns_R_free             34 
_refine_ls_shell.number_reflns_R_work             708 
_refine_ls_shell.percent_reflns_obs               99.46 
_refine_ls_shell.percent_reflns_R_free            ? 
_refine_ls_shell.R_factor_all                     ? 
_refine_ls_shell.R_factor_obs                     ? 
_refine_ls_shell.R_factor_R_free                  0.250 
_refine_ls_shell.R_factor_R_free_error            ? 
_refine_ls_shell.R_factor_R_work                  0.209 
_refine_ls_shell.redundancy_reflns_all            ? 
_refine_ls_shell.redundancy_reflns_obs            ? 
_refine_ls_shell.wR_factor_all                    ? 
_refine_ls_shell.wR_factor_obs                    ? 
_refine_ls_shell.wR_factor_R_free                 ? 
_refine_ls_shell.wR_factor_R_work                 ? 
_refine_ls_shell.pdbx_total_number_of_bins_used   20 
_refine_ls_shell.pdbx_phase_error                 ? 
_refine_ls_shell.pdbx_fsc_work                    ? 
_refine_ls_shell.pdbx_fsc_free                    ? 
# 
_struct.entry_id                     5X74 
_struct.title                        'The crystal Structure PDE delta in complex with compound (R, R)-1g' 
_struct.pdbx_model_details           ? 
_struct.pdbx_formula_weight          ? 
_struct.pdbx_formula_weight_method   ? 
_struct.pdbx_model_type_details      ? 
_struct.pdbx_CASP_flag               N 
# 
_struct_keywords.entry_id        5X74 
_struct_keywords.text            'LIPID BINDING PROTEIN' 
_struct_keywords.pdbx_keywords   'LIPID BINDING PROTEIN' 
# 
loop_
_struct_asym.id 
_struct_asym.pdbx_blank_PDB_chainid_flag 
_struct_asym.pdbx_modified 
_struct_asym.entity_id 
_struct_asym.details 
A N N 1 ? 
B N N 2 ? 
C N N 3 ? 
# 
loop_
_struct_conf.conf_type_id 
_struct_conf.id 
_struct_conf.pdbx_PDB_helix_id 
_struct_conf.beg_label_comp_id 
_struct_conf.beg_label_asym_id 
_struct_conf.beg_label_seq_id 
_struct_conf.pdbx_beg_PDB_ins_code 
_struct_conf.end_label_comp_id 
_struct_conf.end_label_asym_id 
_struct_conf.end_label_seq_id 
_struct_conf.pdbx_end_PDB_ins_code 
_struct_conf.beg_auth_comp_id 
_struct_conf.beg_auth_asym_id 
_struct_conf.beg_auth_seq_id 
_struct_conf.end_auth_comp_id 
_struct_conf.end_auth_asym_id 
_struct_conf.end_auth_seq_id 
_struct_conf.pdbx_PDB_helix_class 
_struct_conf.details 
_struct_conf.pdbx_PDB_helix_length 
HELX_P HELX_P1 AA1 SER A 2   ? GLY A 14  ? SER A 2   GLY A 14  1 ? 13 
HELX_P HELX_P2 AA2 LYS A 52  ? CYS A 56  ? LYS A 52  CYS A 56  5 ? 5  
HELX_P HELX_P3 AA3 PRO A 119 ? THR A 124 ? PRO A 119 THR A 124 1 ? 6  
# 
_struct_conf_type.id          HELX_P 
_struct_conf_type.criteria    ? 
_struct_conf_type.reference   ? 
# 
loop_
_struct_sheet.id 
_struct_sheet.type 
_struct_sheet.number_strands 
_struct_sheet.details 
AA1 ? 4 ? 
AA2 ? 5 ? 
# 
loop_
_struct_sheet_order.sheet_id 
_struct_sheet_order.range_id_1 
_struct_sheet_order.range_id_2 
_struct_sheet_order.offset 
_struct_sheet_order.sense 
AA1 1 2 ? anti-parallel 
AA1 2 3 ? anti-parallel 
AA1 3 4 ? anti-parallel 
AA2 1 2 ? parallel      
AA2 2 3 ? anti-parallel 
AA2 3 4 ? anti-parallel 
AA2 4 5 ? anti-parallel 
# 
loop_
_struct_sheet_range.sheet_id 
_struct_sheet_range.id 
_struct_sheet_range.beg_label_comp_id 
_struct_sheet_range.beg_label_asym_id 
_struct_sheet_range.beg_label_seq_id 
_struct_sheet_range.pdbx_beg_PDB_ins_code 
_struct_sheet_range.end_label_comp_id 
_struct_sheet_range.end_label_asym_id 
_struct_sheet_range.end_label_seq_id 
_struct_sheet_range.pdbx_end_PDB_ins_code 
_struct_sheet_range.beg_auth_comp_id 
_struct_sheet_range.beg_auth_asym_id 
_struct_sheet_range.beg_auth_seq_id 
_struct_sheet_range.end_auth_comp_id 
_struct_sheet_range.end_auth_asym_id 
_struct_sheet_range.end_auth_seq_id 
AA1 1 ILE A 30  ? GLY A 34  ? ILE A 30  GLY A 34  
AA1 2 PHE A 15  ? ASP A 24  ? PHE A 15  ASP A 24  
AA1 3 ALA A 58  ? SER A 67  ? ALA A 58  SER A 67  
AA1 4 SER A 101 ? SER A 110 ? SER A 101 SER A 110 
AA2 1 GLU A 44  ? PRO A 50  ? GLU A 44  PRO A 50  
AA2 2 LEU A 138 ? VAL A 150 ? LEU A 138 VAL A 150 
AA2 3 VAL A 127 ? ASP A 135 ? VAL A 127 ASP A 135 
AA2 4 MET A 71  ? PHE A 82  ? MET A 71  PHE A 82  
AA2 5 GLN A 85  ? VAL A 97  ? GLN A 85  VAL A 97  
# 
loop_
_pdbx_struct_sheet_hbond.sheet_id 
_pdbx_struct_sheet_hbond.range_id_1 
_pdbx_struct_sheet_hbond.range_id_2 
_pdbx_struct_sheet_hbond.range_1_label_atom_id 
_pdbx_struct_sheet_hbond.range_1_label_comp_id 
_pdbx_struct_sheet_hbond.range_1_label_asym_id 
_pdbx_struct_sheet_hbond.range_1_label_seq_id 
_pdbx_struct_sheet_hbond.range_1_PDB_ins_code 
_pdbx_struct_sheet_hbond.range_1_auth_atom_id 
_pdbx_struct_sheet_hbond.range_1_auth_comp_id 
_pdbx_struct_sheet_hbond.range_1_auth_asym_id 
_pdbx_struct_sheet_hbond.range_1_auth_seq_id 
_pdbx_struct_sheet_hbond.range_2_label_atom_id 
_pdbx_struct_sheet_hbond.range_2_label_comp_id 
_pdbx_struct_sheet_hbond.range_2_label_asym_id 
_pdbx_struct_sheet_hbond.range_2_label_seq_id 
_pdbx_struct_sheet_hbond.range_2_PDB_ins_code 
_pdbx_struct_sheet_hbond.range_2_auth_atom_id 
_pdbx_struct_sheet_hbond.range_2_auth_comp_id 
_pdbx_struct_sheet_hbond.range_2_auth_asym_id 
_pdbx_struct_sheet_hbond.range_2_auth_seq_id 
AA1 1 2 O LEU A 31  ? O LEU A 31  N LEU A 22  ? N LEU A 22  
AA1 2 3 N ARG A 23  ? N ARG A 23  O SER A 60  ? O SER A 60  
AA1 3 4 N VAL A 59  ? N VAL A 59  O ILE A 109 ? O ILE A 109 
AA2 1 2 N VAL A 49  ? N VAL A 49  O PHE A 148 ? O PHE A 148 
AA2 2 3 O SER A 141 ? O SER A 141 N PHE A 133 ? N PHE A 133 
AA2 3 4 O LYS A 132 ? O LYS A 132 N GLU A 77  ? N GLU A 77  
AA2 4 5 N PHE A 74  ? N PHE A 74  O GLY A 95  ? O GLY A 95  
# 
_struct_site.id                   AC1 
_struct_site.pdbx_evidence_code   Software 
_struct_site.pdbx_auth_asym_id    A 
_struct_site.pdbx_auth_comp_id    JAY 
_struct_site.pdbx_auth_seq_id     201 
_struct_site.pdbx_auth_ins_code   ? 
_struct_site.pdbx_num_residues    16 
_struct_site.details              'binding site for residue JAY A 201' 
# 
loop_
_struct_site_gen.id 
_struct_site_gen.site_id 
_struct_site_gen.pdbx_num_res 
_struct_site_gen.label_comp_id 
_struct_site_gen.label_asym_id 
_struct_site_gen.label_seq_id 
_struct_site_gen.pdbx_auth_ins_code 
_struct_site_gen.auth_comp_id 
_struct_site_gen.auth_asym_id 
_struct_site_gen.auth_seq_id 
_struct_site_gen.label_atom_id 
_struct_site_gen.label_alt_id 
_struct_site_gen.symmetry 
_struct_site_gen.details 
1  AC1 16 MET A 20  ? MET A 20  . ? 1_555 ? 
2  AC1 16 LEU A 22  ? LEU A 22  . ? 1_555 ? 
3  AC1 16 TRP A 32  ? TRP A 32  . ? 1_555 ? 
4  AC1 16 ILE A 53  ? ILE A 53  . ? 1_555 ? 
5  AC1 16 CYS A 56  ? CYS A 56  . ? 1_555 ? 
6  AC1 16 ARG A 61  ? ARG A 61  . ? 1_555 ? 
7  AC1 16 GLN A 78  ? GLN A 78  . ? 1_555 ? 
8  AC1 16 GLU A 88  ? GLU A 88  . ? 1_555 ? 
9  AC1 16 TRP A 90  ? TRP A 90  . ? 1_555 ? 
10 AC1 16 ILE A 109 ? ILE A 109 . ? 1_555 ? 
11 AC1 16 MET A 117 ? MET A 117 . ? 1_555 ? 
12 AC1 16 ILE A 129 ? ILE A 129 . ? 1_555 ? 
13 AC1 16 THR A 131 ? THR A 131 . ? 1_555 ? 
14 AC1 16 VAL A 145 ? VAL A 145 . ? 1_555 ? 
15 AC1 16 LEU A 147 ? LEU A 147 . ? 1_555 ? 
16 AC1 16 TYR A 149 ? TYR A 149 . ? 1_555 ? 
# 
_atom_sites.entry_id                    5X74 
_atom_sites.fract_transf_matrix[1][1]   0.01955456 
_atom_sites.fract_transf_matrix[1][2]   -0.00288255 
_atom_sites.fract_transf_matrix[1][3]   -0.00624929 
_atom_sites.fract_transf_matrix[2][1]   0.00511654 
_atom_sites.fract_transf_matrix[2][2]   0.00317276 
_atom_sites.fract_transf_matrix[2][3]   -0.01983756 
_atom_sites.fract_transf_matrix[3][1]   0.00180078 
_atom_sites.fract_transf_matrix[3][2]   0.00832317 
_atom_sites.fract_transf_matrix[3][3]   0.00179564 
_atom_sites.fract_transf_vector[1]      0.150717 
_atom_sites.fract_transf_vector[2]      -0.412380 
_atom_sites.fract_transf_vector[3]      0.089499 
# 
loop_
_atom_type.symbol 
C 
F 
N 
O 
S 
# 
loop_
_atom_site.group_PDB 
_atom_site.id 
_atom_site.type_symbol 
_atom_site.label_atom_id 
_atom_site.label_alt_id 
_atom_site.label_comp_id 
_atom_site.label_asym_id 
_atom_site.label_entity_id 
_atom_site.label_seq_id 
_atom_site.pdbx_PDB_ins_code 
_atom_site.Cartn_x 
_atom_site.Cartn_y 
_atom_site.Cartn_z 
_atom_site.occupancy 
_atom_site.B_iso_or_equiv 
_atom_site.pdbx_formal_charge 
_atom_site.auth_seq_id 
_atom_site.auth_comp_id 
_atom_site.auth_asym_id 
_atom_site.auth_atom_id 
_atom_site.pdbx_PDB_model_num 
ATOM   1    N N   . MET A 1 1   ? 0.862   -10.062 26.238  1.00 61.49  ? 1   MET A N   1 
ATOM   2    C CA  . MET A 1 1   ? 1.678   -10.665 25.120  1.00 55.29  ? 1   MET A CA  1 
ATOM   3    C C   . MET A 1 1   ? 1.252   -12.106 24.783  1.00 50.51  ? 1   MET A C   1 
ATOM   4    O O   . MET A 1 1   ? 1.645   -13.087 25.444  1.00 52.86  ? 1   MET A O   1 
ATOM   5    C CB  . MET A 1 1   ? 3.179   -10.584 25.454  1.00 62.80  ? 1   MET A CB  1 
ATOM   6    C CG  . MET A 1 1   ? 4.121   -10.712 24.248  1.00 64.80  ? 1   MET A CG  1 
ATOM   7    S SD  . MET A 1 1   ? 3.889   -9.417  22.991  1.00 73.44  ? 1   MET A SD  1 
ATOM   8    C CE  . MET A 1 1   ? 4.866   -10.088 21.632  1.00 60.33  ? 1   MET A CE  1 
ATOM   9    N N   . SER A 1 2   ? 0.412   -12.223 23.755  1.00 49.22  ? 2   SER A N   1 
ATOM   10   C CA  . SER A 1 2   ? -0.095  -13.515 23.296  1.00 44.81  ? 2   SER A CA  1 
ATOM   11   C C   . SER A 1 2   ? 0.805   -14.112 22.203  1.00 43.69  ? 2   SER A C   1 
ATOM   12   O O   . SER A 1 2   ? 1.646   -13.429 21.592  1.00 39.27  ? 2   SER A O   1 
ATOM   13   C CB  . SER A 1 2   ? -1.485  -13.340 22.695  1.00 46.77  ? 2   SER A CB  1 
ATOM   14   O OG  . SER A 1 2   ? -1.429  -12.719 21.411  1.00 47.34  ? 2   SER A OG  1 
ATOM   15   N N   . ALA A 1 3   ? 0.564   -15.371 21.928  1.00 37.71  ? 3   ALA A N   1 
ATOM   16   C CA  . ALA A 1 3   ? 1.254   -16.088 20.890  1.00 40.24  ? 3   ALA A CA  1 
ATOM   17   C C   . ALA A 1 3   ? 1.091   -15.457 19.476  1.00 47.83  ? 3   ALA A C   1 
ATOM   18   O O   . ALA A 1 3   ? 2.061   -15.411 18.680  1.00 39.82  ? 3   ALA A O   1 
ATOM   19   C CB  . ALA A 1 3   ? 0.788   -17.534 20.880  1.00 36.77  ? 3   ALA A CB  1 
ATOM   20   N N   . LYS A 1 4   ? -0.135  -15.015 19.194  1.00 44.57  ? 4   LYS A N   1 
ATOM   21   C CA  . LYS A 1 4   ? -0.464  -14.256 18.022  1.00 47.77  ? 4   LYS A CA  1 
ATOM   22   C C   . LYS A 1 4   ? 0.310   -12.944 17.873  1.00 42.50  ? 4   LYS A C   1 
ATOM   23   O O   . LYS A 1 4   ? 0.756   -12.650 16.754  1.00 34.95  ? 4   LYS A O   1 
ATOM   24   C CB  . LYS A 1 4   ? -1.978  -13.992 17.958  1.00 51.54  ? 4   LYS A CB  1 
ATOM   25   C CG  . LYS A 1 4   ? -2.666  -15.259 17.507  1.00 57.10  ? 4   LYS A CG  1 
ATOM   26   C CD  . LYS A 1 4   ? -4.161  -15.134 17.238  1.00 64.95  ? 4   LYS A CD  1 
ATOM   27   C CE  . LYS A 1 4   ? -4.750  -16.543 17.139  1.00 73.17  ? 4   LYS A CE  1 
ATOM   28   N NZ  . LYS A 1 4   ? -5.986  -16.590 16.315  1.00 81.43  ? 4   LYS A NZ  1 
ATOM   29   N N   . ASP A 1 5   ? 0.476   -12.201 18.974  1.00 35.58  ? 5   ASP A N   1 
ATOM   30   C CA  . ASP A 1 5   ? 1.309   -11.028 19.025  1.00 33.76  ? 5   ASP A CA  1 
ATOM   31   C C   . ASP A 1 5   ? 2.787   -11.327 18.596  1.00 37.04  ? 5   ASP A C   1 
ATOM   32   O O   . ASP A 1 5   ? 3.425   -10.535 17.848  1.00 31.61  ? 5   ASP A O   1 
ATOM   33   C CB  . ASP A 1 5   ? 1.341   -10.404 20.422  1.00 42.16  ? 5   ASP A CB  1 
ATOM   34   C CG  . ASP A 1 5   ? -0.062  -9.796  20.893  1.00 51.77  ? 5   ASP A CG  1 
ATOM   35   O OD1 . ASP A 1 5   ? -0.845  -9.440  20.032  1.00 51.22  ? 5   ASP A OD1 1 
ATOM   36   O OD2 . ASP A 1 5   ? -0.362  -9.675  22.125  1.00 58.47  ? 5   ASP A OD2 1 
ATOM   37   N N   . GLU A 1 6   ? 3.319   -12.402 19.151  1.00 33.67  ? 6   GLU A N   1 
ATOM   38   C CA  . GLU A 1 6   ? 4.700   -12.801 18.953  1.00 38.52  ? 6   GLU A CA  1 
ATOM   39   C C   . GLU A 1 6   ? 4.867   -13.174 17.469  1.00 35.63  ? 6   GLU A C   1 
ATOM   40   O O   . GLU A 1 6   ? 5.818   -12.817 16.881  1.00 27.08  ? 6   GLU A O   1 
ATOM   41   C CB  . GLU A 1 6   ? 5.010   -13.971 19.865  1.00 40.81  ? 6   GLU A CB  1 
ATOM   42   C CG  . GLU A 1 6   ? 6.348   -14.635 19.624  1.00 46.23  ? 6   GLU A CG  1 
ATOM   43   C CD  . GLU A 1 6   ? 7.524   -13.694 19.824  1.00 56.47  ? 6   GLU A CD  1 
ATOM   44   O OE1 . GLU A 1 6   ? 7.374   -12.781 20.654  1.00 52.13  ? 6   GLU A OE1 1 
ATOM   45   O OE2 . GLU A 1 6   ? 8.584   -13.882 19.160  1.00 63.52  ? 6   GLU A OE2 1 
ATOM   46   N N   . ARG A 1 7   ? 3.879   -13.850 16.896  1.00 31.22  ? 7   ARG A N   1 
ATOM   47   C CA  . ARG A 1 7   ? 3.916   -14.292 15.515  1.00 33.54  ? 7   ARG A CA  1 
ATOM   48   C C   . ARG A 1 7   ? 3.848   -13.066 14.574  1.00 30.89  ? 7   ARG A C   1 
ATOM   49   O O   . ARG A 1 7   ? 4.651   -12.985 13.622  1.00 25.62  ? 7   ARG A O   1 
ATOM   50   C CB  . ARG A 1 7   ? 2.802   -15.343 15.266  1.00 35.67  ? 7   ARG A CB  1 
ATOM   51   C CG  . ARG A 1 7   ? 2.631   -15.824 13.839  1.00 39.61  ? 7   ARG A CG  1 
ATOM   52   C CD  . ARG A 1 7   ? 3.833   -16.663 13.497  1.00 42.65  ? 7   ARG A CD  1 
ATOM   53   N NE  . ARG A 1 7   ? 3.901   -17.055 12.083  1.00 47.64  ? 7   ARG A NE  1 
ATOM   54   C CZ  . ARG A 1 7   ? 5.039   -17.208 11.372  1.00 43.41  ? 7   ARG A CZ  1 
ATOM   55   N NH1 . ARG A 1 7   ? 6.275   -16.951 11.898  1.00 31.52  ? 7   ARG A NH1 1 
ATOM   56   N NH2 . ARG A 1 7   ? 4.940   -17.623 10.109  1.00 38.34  ? 7   ARG A NH2 1 
ATOM   57   N N   . ALA A 1 8   ? 2.940   -12.118 14.855  1.00 27.71  ? 8   ALA A N   1 
ATOM   58   C CA  . ALA A 1 8   ? 2.876   -10.882 14.118  1.00 28.85  ? 8   ALA A CA  1 
ATOM   59   C C   . ALA A 1 8   ? 4.249   -10.198 14.064  1.00 29.06  ? 8   ALA A C   1 
ATOM   60   O O   . ALA A 1 8   ? 4.681   -9.713  13.021  1.00 29.64  ? 8   ALA A O   1 
ATOM   61   C CB  . ALA A 1 8   ? 1.892   -9.923  14.705  1.00 30.14  ? 8   ALA A CB  1 
ATOM   62   N N   . ARG A 1 9   ? 4.947   -10.209 15.172  1.00 25.74  ? 9   ARG A N   1 
ATOM   63   C CA  . ARG A 1 9   ? 6.239   -9.512  15.241  1.00 27.57  ? 9   ARG A CA  1 
ATOM   64   C C   . ARG A 1 9   ? 7.320   -10.233 14.441  1.00 25.03  ? 9   ARG A C   1 
ATOM   65   O O   . ARG A 1 9   ? 8.224   -9.597  13.896  1.00 23.96  ? 9   ARG A O   1 
ATOM   66   C CB  . ARG A 1 9   ? 6.692   -9.395  16.688  1.00 30.24  ? 9   ARG A CB  1 
ATOM   67   C CG  . ARG A 1 9   ? 5.859   -8.354  17.431  1.00 38.51  ? 9   ARG A CG  1 
ATOM   68   C CD  . ARG A 1 9   ? 6.366   -8.170  18.844  1.00 40.42  ? 9   ARG A CD  1 
ATOM   69   N NE  . ARG A 1 9   ? 5.573   -7.199  19.556  1.00 50.85  ? 9   ARG A NE  1 
ATOM   70   C CZ  . ARG A 1 9   ? 5.897   -6.702  20.758  1.00 52.16  ? 9   ARG A CZ  1 
ATOM   71   N NH1 . ARG A 1 9   ? 7.019   -7.099  21.408  1.00 47.14  ? 9   ARG A NH1 1 
ATOM   72   N NH2 . ARG A 1 9   ? 5.092   -5.809  21.306  1.00 46.85  ? 9   ARG A NH2 1 
ATOM   73   N N   . GLU A 1 10  ? 7.229   -11.558 14.435  1.00 26.69  ? 10  GLU A N   1 
ATOM   74   C CA  A GLU A 1 10  ? 8.159   -12.377 13.701  0.50 28.89  ? 10  GLU A CA  1 
ATOM   75   C CA  B GLU A 1 10  ? 8.150   -12.413 13.716  0.50 28.03  ? 10  GLU A CA  1 
ATOM   76   C C   . GLU A 1 10  ? 8.028   -12.128 12.202  1.00 27.41  ? 10  GLU A C   1 
ATOM   77   O O   . GLU A 1 10  ? 9.015   -12.029 11.493  1.00 22.67  ? 10  GLU A O   1 
ATOM   78   C CB  A GLU A 1 10  ? 7.928   -13.843 14.015  0.50 34.14  ? 10  GLU A CB  1 
ATOM   79   C CB  B GLU A 1 10  ? 7.836   -13.887 14.032  0.50 32.13  ? 10  GLU A CB  1 
ATOM   80   C CG  A GLU A 1 10  ? 8.859   -14.272 15.129  0.50 40.37  ? 10  GLU A CG  1 
ATOM   81   C CG  B GLU A 1 10  ? 8.130   -14.264 15.496  0.50 37.57  ? 10  GLU A CG  1 
ATOM   82   C CD  A GLU A 1 10  ? 10.299  -14.000 14.753  0.50 40.86  ? 10  GLU A CD  1 
ATOM   83   C CD  B GLU A 1 10  ? 7.656   -15.656 15.932  0.50 35.02  ? 10  GLU A CD  1 
ATOM   84   O OE1 A GLU A 1 10  ? 11.018  -13.247 15.463  0.50 39.21  ? 10  GLU A OE1 1 
ATOM   85   O OE1 B GLU A 1 10  ? 6.981   -16.356 15.146  0.50 40.03  ? 10  GLU A OE1 1 
ATOM   86   O OE2 A GLU A 1 10  ? 10.677  -14.535 13.684  0.50 48.09  ? 10  GLU A OE2 1 
ATOM   87   O OE2 B GLU A 1 10  ? 7.981   -16.059 17.072  0.50 35.13  ? 10  GLU A OE2 1 
ATOM   88   N N   . ILE A 1 11  ? 6.785   -12.023 11.740  1.00 24.70  ? 11  ILE A N   1 
ATOM   89   C CA  . ILE A 1 11  ? 6.489   -11.789 10.346  1.00 26.05  ? 11  ILE A CA  1 
ATOM   90   C C   . ILE A 1 11  ? 7.008   -10.439 10.002  1.00 22.43  ? 11  ILE A C   1 
ATOM   91   O O   . ILE A 1 11  ? 7.661   -10.277 9.018   1.00 28.23  ? 11  ILE A O   1 
ATOM   92   C CB  . ILE A 1 11  ? 4.948   -11.901 10.056  1.00 26.51  ? 11  ILE A CB  1 
ATOM   93   C CG1 . ILE A 1 11  ? 4.484   -13.314 10.340  1.00 24.85  ? 11  ILE A CG1 1 
ATOM   94   C CG2 . ILE A 1 11  ? 4.601   -11.550 8.579   1.00 28.78  ? 11  ILE A CG2 1 
ATOM   95   C CD1 . ILE A 1 11  ? 2.990   -13.581 10.213  1.00 25.39  ? 11  ILE A CD1 1 
ATOM   96   N N   . LEU A 1 12  ? 6.653   -9.428  10.790  1.00 27.81  ? 12  LEU A N   1 
ATOM   97   C CA  . LEU A 1 12  ? 7.115   -8.096  10.523  1.00 26.43  ? 12  LEU A CA  1 
ATOM   98   C C   . LEU A 1 12  ? 8.665   -8.064  10.414  1.00 25.69  ? 12  LEU A C   1 
ATOM   99   O O   . LEU A 1 12  ? 9.223   -7.585  9.419   1.00 26.43  ? 12  LEU A O   1 
ATOM   100  C CB  . LEU A 1 12  ? 6.639   -7.155  11.559  1.00 27.98  ? 12  LEU A CB  1 
ATOM   101  C CG  . LEU A 1 12  ? 7.247   -5.741  11.445  1.00 29.81  ? 12  LEU A CG  1 
ATOM   102  C CD1 . LEU A 1 12  ? 6.862   -5.102  10.103  1.00 30.90  ? 12  LEU A CD1 1 
ATOM   103  C CD2 . LEU A 1 12  ? 6.740   -4.897  12.628  1.00 29.64  ? 12  LEU A CD2 1 
ATOM   104  N N   . ARG A 1 13  ? 9.326   -8.647  11.390  1.00 25.44  ? 13  ARG A N   1 
ATOM   105  C CA  . ARG A 1 13  ? 10.782  -8.795  11.363  1.00 25.48  ? 13  ARG A CA  1 
ATOM   106  C C   . ARG A 1 13  ? 11.334  -9.372  10.053  1.00 25.66  ? 13  ARG A C   1 
ATOM   107  O O   . ARG A 1 13  ? 12.373  -8.925  9.584   1.00 24.40  ? 13  ARG A O   1 
ATOM   108  C CB  . ARG A 1 13  ? 11.284  -9.640  12.522  1.00 25.97  ? 13  ARG A CB  1 
ATOM   109  C CG  . ARG A 1 13  ? 12.804  -9.717  12.592  1.00 27.14  ? 13  ARG A CG  1 
ATOM   110  C CD  . ARG A 1 13  ? 13.212  -10.519 13.829  1.00 29.21  ? 13  ARG A CD  1 
ATOM   111  N NE  . ARG A 1 13  ? 14.625  -10.827 13.615  1.00 31.26  ? 13  ARG A NE  1 
ATOM   112  C CZ  . ARG A 1 13  ? 15.606  -9.959  13.832  1.00 25.61  ? 13  ARG A CZ  1 
ATOM   113  N NH1 . ARG A 1 13  ? 15.365  -8.777  14.360  1.00 25.45  ? 13  ARG A NH1 1 
ATOM   114  N NH2 . ARG A 1 13  ? 16.823  -10.294 13.597  1.00 26.91  ? 13  ARG A NH2 1 
ATOM   115  N N   . GLY A 1 14  ? 10.668  -10.353 9.475   1.00 23.89  ? 14  GLY A N   1 
ATOM   116  C CA  . GLY A 1 14  ? 11.205  -10.979 8.264   1.00 25.70  ? 14  GLY A CA  1 
ATOM   117  C C   . GLY A 1 14  ? 10.690  -10.349 6.970   1.00 26.68  ? 14  GLY A C   1 
ATOM   118  O O   . GLY A 1 14  ? 10.931  -10.862 5.889   1.00 26.88  ? 14  GLY A O   1 
ATOM   119  N N   . PHE A 1 15  ? 9.892   -9.307  7.068   1.00 27.03  ? 15  PHE A N   1 
ATOM   120  C CA  . PHE A 1 15  ? 9.258   -8.783  5.879   1.00 26.79  ? 15  PHE A CA  1 
ATOM   121  C C   . PHE A 1 15  ? 10.005  -7.579  5.321   1.00 28.99  ? 15  PHE A C   1 
ATOM   122  O O   . PHE A 1 15  ? 10.582  -6.774  6.045   1.00 26.13  ? 15  PHE A O   1 
ATOM   123  C CB  . PHE A 1 15  ? 7.809   -8.435  6.178   1.00 26.97  ? 15  PHE A CB  1 
ATOM   124  C CG  . PHE A 1 15  ? 7.042   -7.918  5.010   1.00 24.58  ? 15  PHE A CG  1 
ATOM   125  C CD1 . PHE A 1 15  ? 7.023   -6.555  4.748   1.00 27.85  ? 15  PHE A CD1 1 
ATOM   126  C CD2 . PHE A 1 15  ? 6.308   -8.756  4.213   1.00 27.84  ? 15  PHE A CD2 1 
ATOM   127  C CE1 . PHE A 1 15  ? 6.291   -6.050  3.666   1.00 30.06  ? 15  PHE A CE1 1 
ATOM   128  C CE2 . PHE A 1 15  ? 5.539   -8.264  3.133   1.00 29.98  ? 15  PHE A CE2 1 
ATOM   129  C CZ  . PHE A 1 15  ? 5.562   -6.909  2.851   1.00 27.84  ? 15  PHE A CZ  1 
ATOM   130  N N   . LYS A 1 16  ? 10.000  -7.451  4.011   1.00 28.74  ? 16  LYS A N   1 
ATOM   131  C CA  . LYS A 1 16  ? 10.650  -6.293  3.404   1.00 35.81  ? 16  LYS A CA  1 
ATOM   132  C C   . LYS A 1 16  ? 9.885   -5.963  2.115   1.00 30.68  ? 16  LYS A C   1 
ATOM   133  O O   . LYS A 1 16  ? 9.560   -6.835  1.299   1.00 30.21  ? 16  LYS A O   1 
ATOM   134  C CB  . LYS A 1 16  ? 12.098  -6.749  3.104   1.00 42.12  ? 16  LYS A CB  1 
ATOM   135  C CG  . LYS A 1 16  ? 12.953  -5.840  2.289   1.00 50.30  ? 16  LYS A CG  1 
ATOM   136  C CD  . LYS A 1 16  ? 13.642  -4.814  3.165   1.00 62.31  ? 16  LYS A CD  1 
ATOM   137  C CE  . LYS A 1 16  ? 14.534  -3.862  2.362   1.00 65.53  ? 16  LYS A CE  1 
ATOM   138  N NZ  . LYS A 1 16  ? 14.578  -2.552  3.045   1.00 62.45  ? 16  LYS A NZ  1 
ATOM   139  N N   . LEU A 1 17  ? 9.619   -4.709  1.869   1.00 28.30  ? 17  LEU A N   1 
ATOM   140  C CA  . LEU A 1 17  ? 9.117   -4.351  0.530   1.00 30.84  ? 17  LEU A CA  1 
ATOM   141  C C   . LEU A 1 17  ? 10.339  -3.841  -0.240  1.00 33.13  ? 17  LEU A C   1 
ATOM   142  O O   . LEU A 1 17  ? 10.939  -2.873  0.215   1.00 27.48  ? 17  LEU A O   1 
ATOM   143  C CB  . LEU A 1 17  ? 8.076   -3.270  0.727   1.00 34.81  ? 17  LEU A CB  1 
ATOM   144  C CG  . LEU A 1 17  ? 7.105   -2.911  -0.384  1.00 44.93  ? 17  LEU A CG  1 
ATOM   145  C CD1 . LEU A 1 17  ? 5.997   -2.078  0.251   1.00 47.71  ? 17  LEU A CD1 1 
ATOM   146  C CD2 . LEU A 1 17  ? 7.804   -2.135  -1.498  1.00 45.69  ? 17  LEU A CD2 1 
ATOM   147  N N   . ASN A 1 18  ? 10.699  -4.481  -1.365  1.00 29.40  ? 18  ASN A N   1 
ATOM   148  C CA  . ASN A 1 18  ? 11.913  -4.145  -2.077  1.00 31.48  ? 18  ASN A CA  1 
ATOM   149  C C   . ASN A 1 18  ? 11.695  -3.083  -3.166  1.00 34.23  ? 18  ASN A C   1 
ATOM   150  O O   . ASN A 1 18  ? 12.521  -2.247  -3.359  1.00 33.08  ? 18  ASN A O   1 
ATOM   151  C CB  . ASN A 1 18  ? 12.430  -5.372  -2.800  1.00 32.48  ? 18  ASN A CB  1 
ATOM   152  C CG  . ASN A 1 18  ? 12.648  -6.560  -1.895  1.00 28.98  ? 18  ASN A CG  1 
ATOM   153  O OD1 . ASN A 1 18  ? 12.107  -7.648  -2.120  1.00 35.70  ? 18  ASN A OD1 1 
ATOM   154  N ND2 . ASN A 1 18  ? 13.420  -6.377  -0.902  1.00 29.06  ? 18  ASN A ND2 1 
ATOM   155  N N   . TRP A 1 19  ? 10.600  -3.152  -3.912  1.00 33.34  ? 19  TRP A N   1 
ATOM   156  C CA  . TRP A 1 19  ? 10.289  -2.066  -4.810  1.00 37.19  ? 19  TRP A CA  1 
ATOM   157  C C   . TRP A 1 19  ? 8.825   -2.079  -5.185  1.00 34.83  ? 19  TRP A C   1 
ATOM   158  O O   . TRP A 1 19  ? 8.135   -3.076  -4.968  1.00 34.29  ? 19  TRP A O   1 
ATOM   159  C CB  . TRP A 1 19  ? 11.173  -2.090  -6.086  1.00 38.79  ? 19  TRP A CB  1 
ATOM   160  C CG  . TRP A 1 19  ? 11.178  -3.362  -6.847  1.00 36.75  ? 19  TRP A CG  1 
ATOM   161  C CD1 . TRP A 1 19  ? 12.146  -4.307  -6.805  1.00 33.72  ? 19  TRP A CD1 1 
ATOM   162  C CD2 . TRP A 1 19  ? 10.216  -3.823  -7.803  1.00 35.73  ? 19  TRP A CD2 1 
ATOM   163  N NE1 . TRP A 1 19  ? 11.840  -5.345  -7.629  1.00 30.93  ? 19  TRP A NE1 1 
ATOM   164  C CE2 . TRP A 1 19  ? 10.674  -5.079  -8.273  1.00 35.55  ? 19  TRP A CE2 1 
ATOM   165  C CE3 . TRP A 1 19  ? 9.042   -3.302  -8.320  1.00 41.28  ? 19  TRP A CE3 1 
ATOM   166  C CZ2 . TRP A 1 19  ? 9.959   -5.859  -9.206  1.00 40.31  ? 19  TRP A CZ2 1 
ATOM   167  C CZ3 . TRP A 1 19  ? 8.318   -4.070  -9.259  1.00 40.79  ? 19  TRP A CZ3 1 
ATOM   168  C CH2 . TRP A 1 19  ? 8.777   -5.332  -9.684  1.00 43.07  ? 19  TRP A CH2 1 
ATOM   169  N N   . MET A 1 20  ? 8.384   -0.945  -5.732  1.00 34.23  ? 20  MET A N   1 
ATOM   170  C CA  . MET A 1 20  ? 7.037   -0.778  -6.223  1.00 35.07  ? 20  MET A CA  1 
ATOM   171  C C   . MET A 1 20  ? 6.917   0.184   -7.415  1.00 33.73  ? 20  MET A C   1 
ATOM   172  O O   . MET A 1 20  ? 7.663   1.134   -7.519  1.00 33.77  ? 20  MET A O   1 
ATOM   173  C CB  . MET A 1 20  ? 6.168   -0.256  -5.092  1.00 34.10  ? 20  MET A CB  1 
ATOM   174  C CG  . MET A 1 20  ? 4.713   -0.041  -5.455  1.00 38.06  ? 20  MET A CG  1 
ATOM   175  S SD  . MET A 1 20  ? 3.655   0.034   -3.978  1.00 45.38  ? 20  MET A SD  1 
ATOM   176  C CE  . MET A 1 20  ? 4.636   1.039   -2.832  1.00 42.65  ? 20  MET A CE  1 
ATOM   177  N N   . ASN A 1 21  ? 5.935   -0.060  -8.278  1.00 33.23  ? 21  ASN A N   1 
ATOM   178  C CA  . ASN A 1 21  ? 5.466   0.971   -9.200  1.00 39.62  ? 21  ASN A CA  1 
ATOM   179  C C   . ASN A 1 21  ? 3.939   1.058   -9.411  1.00 41.19  ? 21  ASN A C   1 
ATOM   180  O O   . ASN A 1 21  ? 3.152   0.160   -9.078  1.00 38.62  ? 21  ASN A O   1 
ATOM   181  C CB  . ASN A 1 21  ? 6.232   0.935   -10.524 1.00 40.40  ? 21  ASN A CB  1 
ATOM   182  C CG  . ASN A 1 21  ? 6.142   -0.383  -11.195 1.00 47.31  ? 21  ASN A CG  1 
ATOM   183  O OD1 . ASN A 1 21  ? 7.158   -1.068  -11.395 1.00 52.88  ? 21  ASN A OD1 1 
ATOM   184  N ND2 . ASN A 1 21  ? 4.937   -0.787  -11.513 1.00 42.92  ? 21  ASN A ND2 1 
ATOM   185  N N   . LEU A 1 22  ? 3.553   2.227   -9.900  1.00 39.45  ? 22  LEU A N   1 
ATOM   186  C CA  . LEU A 1 22  ? 2.188   2.552   -10.171 1.00 38.03  ? 22  LEU A CA  1 
ATOM   187  C C   . LEU A 1 22  ? 2.152   2.904   -11.623 1.00 36.96  ? 22  LEU A C   1 
ATOM   188  O O   . LEU A 1 22  ? 3.029   3.640   -12.072 1.00 34.75  ? 22  LEU A O   1 
ATOM   189  C CB  . LEU A 1 22  ? 1.787   3.789   -9.364  1.00 36.35  ? 22  LEU A CB  1 
ATOM   190  C CG  . LEU A 1 22  ? 1.879   3.586   -7.850  1.00 38.59  ? 22  LEU A CG  1 
ATOM   191  C CD1 . LEU A 1 22  ? 1.363   4.825   -7.148  1.00 40.90  ? 22  LEU A CD1 1 
ATOM   192  C CD2 . LEU A 1 22  ? 1.147   2.346   -7.387  1.00 38.63  ? 22  LEU A CD2 1 
ATOM   193  N N   . ARG A 1 23  ? 1.187   2.349   -12.343 1.00 36.60  ? 23  ARG A N   1 
ATOM   194  C CA  . ARG A 1 23  ? 0.970   2.701   -13.752 1.00 41.15  ? 23  ARG A CA  1 
ATOM   195  C C   . ARG A 1 23  ? -0.513  3.005   -14.066 1.00 41.24  ? 23  ARG A C   1 
ATOM   196  O O   . ARG A 1 23  ? -1.426  2.508   -13.399 1.00 36.34  ? 23  ARG A O   1 
ATOM   197  C CB  . ARG A 1 23  ? 1.534   1.602   -14.623 1.00 49.25  ? 23  ARG A CB  1 
ATOM   198  C CG  . ARG A 1 23  ? 3.067   1.539   -14.533 1.00 56.00  ? 23  ARG A CG  1 
ATOM   199  C CD  . ARG A 1 23  ? 3.713   0.460   -15.395 1.00 59.63  ? 23  ARG A CD  1 
ATOM   200  N NE  . ARG A 1 23  ? 3.196   -0.865  -15.076 1.00 65.82  ? 23  ARG A NE  1 
ATOM   201  C CZ  . ARG A 1 23  ? 2.491   -1.663  -15.889 1.00 74.49  ? 23  ARG A CZ  1 
ATOM   202  N NH1 . ARG A 1 23  ? 2.194   -1.325  -17.146 1.00 76.02  ? 23  ARG A NH1 1 
ATOM   203  N NH2 . ARG A 1 23  ? 2.087   -2.847  -15.434 1.00 75.47  ? 23  ARG A NH2 1 
ATOM   204  N N   . ASP A 1 24  ? -0.748  3.889   -15.026 1.00 45.07  ? 24  ASP A N   1 
ATOM   205  C CA  . ASP A 1 24  ? -2.091  4.154   -15.511 1.00 42.28  ? 24  ASP A CA  1 
ATOM   206  C C   . ASP A 1 24  ? -2.523  2.841   -16.105 1.00 42.71  ? 24  ASP A C   1 
ATOM   207  O O   . ASP A 1 24  ? -1.845  2.304   -16.967 1.00 43.70  ? 24  ASP A O   1 
ATOM   208  C CB  . ASP A 1 24  ? -2.065  5.209   -16.606 1.00 49.23  ? 24  ASP A CB  1 
ATOM   209  C CG  . ASP A 1 24  ? -3.497  5.659   -17.069 1.00 48.33  ? 24  ASP A CG  1 
ATOM   210  O OD1 . ASP A 1 24  ? -4.409  4.864   -17.333 1.00 49.43  ? 24  ASP A OD1 1 
ATOM   211  O OD2 . ASP A 1 24  ? -3.711  6.862   -17.172 1.00 61.69  ? 24  ASP A OD2 1 
ATOM   212  N N   . ALA A 1 25  ? -3.634  2.319   -15.618 1.00 44.87  ? 25  ALA A N   1 
ATOM   213  C CA  . ALA A 1 25  ? -4.202  1.091   -16.138 1.00 48.37  ? 25  ALA A CA  1 
ATOM   214  C C   . ALA A 1 25  ? -4.648  1.149   -17.599 1.00 53.86  ? 25  ALA A C   1 
ATOM   215  O O   . ALA A 1 25  ? -4.838  0.098   -18.196 1.00 55.02  ? 25  ALA A O   1 
ATOM   216  C CB  . ALA A 1 25  ? -5.386  0.659   -15.283 1.00 46.66  ? 25  ALA A CB  1 
ATOM   217  N N   . GLU A 1 26  ? -4.870  2.338   -18.161 1.00 53.89  ? 26  GLU A N   1 
ATOM   218  C CA  . GLU A 1 26  ? -5.266  2.445   -19.576 1.00 64.62  ? 26  GLU A CA  1 
ATOM   219  C C   . GLU A 1 26  ? -4.062  2.427   -20.509 1.00 61.28  ? 26  GLU A C   1 
ATOM   220  O O   . GLU A 1 26  ? -4.038  1.679   -21.471 1.00 60.06  ? 26  GLU A O   1 
ATOM   221  C CB  . GLU A 1 26  ? -6.064  3.729   -19.845 1.00 69.20  ? 26  GLU A CB  1 
ATOM   222  C CG  . GLU A 1 26  ? -7.451  3.738   -19.232 1.00 76.35  ? 26  GLU A CG  1 
ATOM   223  C CD  . GLU A 1 26  ? -8.401  2.776   -19.918 1.00 83.66  ? 26  GLU A CD  1 
ATOM   224  O OE1 . GLU A 1 26  ? -8.006  2.200   -20.970 1.00 81.15  ? 26  GLU A OE1 1 
ATOM   225  O OE2 . GLU A 1 26  ? -9.526  2.593   -19.384 1.00 81.68  ? 26  GLU A OE2 1 
ATOM   226  N N   . THR A 1 27  ? -3.084  3.275   -20.202 1.00 61.72  ? 27  THR A N   1 
ATOM   227  C CA  . THR A 1 27  ? -1.919  3.480   -21.052 1.00 58.42  ? 27  THR A CA  1 
ATOM   228  C C   . THR A 1 27  ? -0.760  2.570   -20.729 1.00 57.14  ? 27  THR A C   1 
ATOM   229  O O   . THR A 1 27  ? 0.134   2.380   -21.561 1.00 52.38  ? 27  THR A O   1 
ATOM   230  C CB  . THR A 1 27  ? -1.345  4.917   -20.965 1.00 65.50  ? 27  THR A CB  1 
ATOM   231  O OG1 . THR A 1 27  ? 0.080   4.842   -20.991 1.00 76.82  ? 27  THR A OG1 1 
ATOM   232  C CG2 . THR A 1 27  ? -1.662  5.612   -19.701 1.00 69.57  ? 27  THR A CG2 1 
ATOM   233  N N   . GLY A 1 28  ? -0.723  2.069   -19.495 1.00 55.24  ? 28  GLY A N   1 
ATOM   234  C CA  . GLY A 1 28  ? 0.454   1.381   -18.984 1.00 51.90  ? 28  GLY A CA  1 
ATOM   235  C C   . GLY A 1 28  ? 1.644   2.289   -18.710 1.00 49.53  ? 28  GLY A C   1 
ATOM   236  O O   . GLY A 1 28  ? 2.731   1.788   -18.449 1.00 59.81  ? 28  GLY A O   1 
ATOM   237  N N   . LYS A 1 29  ? 1.475   3.607   -18.748 1.00 50.25  ? 29  LYS A N   1 
ATOM   238  C CA  . LYS A 1 29  ? 2.611   4.491   -18.488 1.00 54.87  ? 29  LYS A CA  1 
ATOM   239  C C   . LYS A 1 29  ? 2.895   4.469   -16.970 1.00 56.78  ? 29  LYS A C   1 
ATOM   240  O O   . LYS A 1 29  ? 1.977   4.304   -16.172 1.00 43.15  ? 29  LYS A O   1 
ATOM   241  C CB  . LYS A 1 29  ? 2.344   5.920   -18.957 1.00 59.90  ? 29  LYS A CB  1 
ATOM   242  C CG  . LYS A 1 29  ? 2.450   6.084   -20.468 1.00 74.15  ? 29  LYS A CG  1 
ATOM   243  C CD  . LYS A 1 29  ? 3.858   6.401   -20.976 1.00 78.45  ? 29  LYS A CD  1 
ATOM   244  C CE  . LYS A 1 29  ? 4.004   6.094   -22.475 1.00 84.96  ? 29  LYS A CE  1 
ATOM   245  N NZ  . LYS A 1 29  ? 2.831   6.464   -23.338 1.00 76.18  ? 29  LYS A NZ  1 
ATOM   246  N N   . ILE A 1 30  ? 4.170   4.623   -16.623 1.00 46.79  ? 30  ILE A N   1 
ATOM   247  C CA  . ILE A 1 30  ? 4.649   4.626   -15.264 1.00 54.45  ? 30  ILE A CA  1 
ATOM   248  C C   . ILE A 1 30  ? 4.390   6.000   -14.682 1.00 52.62  ? 30  ILE A C   1 
ATOM   249  O O   . ILE A 1 30  ? 4.817   6.994   -15.257 1.00 50.03  ? 30  ILE A O   1 
ATOM   250  C CB  . ILE A 1 30  ? 6.153   4.262   -15.205 1.00 59.78  ? 30  ILE A CB  1 
ATOM   251  C CG1 . ILE A 1 30  ? 6.337   2.790   -15.586 1.00 65.16  ? 30  ILE A CG1 1 
ATOM   252  C CG2 . ILE A 1 30  ? 6.723   4.521   -13.812 1.00 65.31  ? 30  ILE A CG2 1 
ATOM   253  C CD1 . ILE A 1 30  ? 7.774   2.386   -15.830 1.00 70.77  ? 30  ILE A CD1 1 
ATOM   254  N N   . LEU A 1 31  ? 3.679   6.034   -13.545 1.00 44.68  ? 31  LEU A N   1 
ATOM   255  C CA  . LEU A 1 31  ? 3.394   7.262   -12.802 1.00 42.23  ? 31  LEU A CA  1 
ATOM   256  C C   . LEU A 1 31  ? 4.380   7.429   -11.623 1.00 44.60  ? 31  LEU A C   1 
ATOM   257  O O   . LEU A 1 31  ? 4.843   8.536   -11.337 1.00 46.57  ? 31  LEU A O   1 
ATOM   258  C CB  . LEU A 1 31  ? 1.948   7.223   -12.300 1.00 47.42  ? 31  LEU A CB  1 
ATOM   259  C CG  . LEU A 1 31  ? 0.860   6.892   -13.342 1.00 45.99  ? 31  LEU A CG  1 
ATOM   260  C CD1 . LEU A 1 31  ? -0.472  6.630   -12.699 1.00 45.71  ? 31  LEU A CD1 1 
ATOM   261  C CD2 . LEU A 1 31  ? 0.725   7.990   -14.392 1.00 50.46  ? 31  LEU A CD2 1 
ATOM   262  N N   . TRP A 1 32  ? 4.735   6.331   -10.960 1.00 40.73  ? 32  TRP A N   1 
ATOM   263  C CA  . TRP A 1 32  ? 5.634   6.396   -9.813  1.00 36.65  ? 32  TRP A CA  1 
ATOM   264  C C   . TRP A 1 32  ? 6.480   5.132   -9.771  1.00 31.65  ? 32  TRP A C   1 
ATOM   265  O O   . TRP A 1 32  ? 6.005   4.079   -10.106 1.00 30.35  ? 32  TRP A O   1 
ATOM   266  C CB  . TRP A 1 32  ? 4.776   6.451   -8.530  1.00 37.04  ? 32  TRP A CB  1 
ATOM   267  C CG  . TRP A 1 32  ? 5.551   6.725   -7.309  1.00 36.82  ? 32  TRP A CG  1 
ATOM   268  C CD1 . TRP A 1 32  ? 5.926   7.952   -6.837  1.00 38.96  ? 32  TRP A CD1 1 
ATOM   269  C CD2 . TRP A 1 32  ? 6.127   5.763   -6.434  1.00 37.09  ? 32  TRP A CD2 1 
ATOM   270  N NE1 . TRP A 1 32  ? 6.725   7.807   -5.708  1.00 40.32  ? 32  TRP A NE1 1 
ATOM   271  C CE2 . TRP A 1 32  ? 6.824   6.469   -5.425  1.00 39.54  ? 32  TRP A CE2 1 
ATOM   272  C CE3 . TRP A 1 32  ? 6.090   4.383   -6.372  1.00 42.69  ? 32  TRP A CE3 1 
ATOM   273  C CZ2 . TRP A 1 32  ? 7.493   5.824   -4.387  1.00 43.36  ? 32  TRP A CZ2 1 
ATOM   274  C CZ3 . TRP A 1 32  ? 6.789   3.746   -5.355  1.00 47.41  ? 32  TRP A CZ3 1 
ATOM   275  C CH2 . TRP A 1 32  ? 7.483   4.467   -4.381  1.00 45.13  ? 32  TRP A CH2 1 
ATOM   276  N N   . GLN A 1 33  ? 7.688   5.204   -9.276  1.00 34.62  ? 33  GLN A N   1 
ATOM   277  C CA  . GLN A 1 33  ? 8.387   3.979   -8.954  1.00 46.06  ? 33  GLN A CA  1 
ATOM   278  C C   . GLN A 1 33  ? 9.435   4.232   -7.914  1.00 43.36  ? 33  GLN A C   1 
ATOM   279  O O   . GLN A 1 33  ? 9.930   5.326   -7.814  1.00 47.06  ? 33  GLN A O   1 
ATOM   280  C CB  . GLN A 1 33  ? 9.005   3.329   -10.182 1.00 49.65  ? 33  GLN A CB  1 
ATOM   281  C CG  . GLN A 1 33  ? 10.104  4.110   -10.844 1.00 61.20  ? 33  GLN A CG  1 
ATOM   282  C CD  . GLN A 1 33  ? 10.699  3.338   -12.029 1.00 76.01  ? 33  GLN A CD  1 
ATOM   283  O OE1 . GLN A 1 33  ? 10.340  2.177   -12.309 1.00 71.22  ? 33  GLN A OE1 1 
ATOM   284  N NE2 . GLN A 1 33  ? 11.631  3.973   -12.713 1.00 82.25  ? 33  GLN A NE2 1 
ATOM   285  N N   . GLY A 1 34  ? 9.740   3.242   -7.103  1.00 42.02  ? 34  GLY A N   1 
ATOM   286  C CA  . GLY A 1 34  ? 10.586  3.519   -5.920  1.00 41.38  ? 34  GLY A CA  1 
ATOM   287  C C   . GLY A 1 34  ? 11.083  2.255   -5.308  1.00 37.82  ? 34  GLY A C   1 
ATOM   288  O O   . GLY A 1 34  ? 10.501  1.189   -5.521  1.00 41.59  ? 34  GLY A O   1 
ATOM   289  N N   . THR A 1 35  ? 12.152  2.389   -4.547  1.00 42.40  ? 35  THR A N   1 
ATOM   290  C CA  . THR A 1 35  ? 12.709  1.357   -3.718  1.00 41.64  ? 35  THR A CA  1 
ATOM   291  C C   . THR A 1 35  ? 12.648  1.706   -2.206  1.00 39.33  ? 35  THR A C   1 
ATOM   292  O O   . THR A 1 35  ? 13.312  1.060   -1.427  1.00 37.01  ? 35  THR A O   1 
ATOM   293  C CB  . THR A 1 35  ? 14.211  1.101   -4.091  1.00 45.35  ? 35  THR A CB  1 
ATOM   294  O OG1 . THR A 1 35  ? 14.914  2.332   -4.121  1.00 41.20  ? 35  THR A OG1 1 
ATOM   295  C CG2 . THR A 1 35  ? 14.353  0.423   -5.457  1.00 47.31  ? 35  THR A CG2 1 
ATOM   296  N N   . GLU A 1 36  ? 11.940  2.751   -1.789  1.00 45.08  ? 36  GLU A N   1 
ATOM   297  C CA  . GLU A 1 36  ? 11.827  3.061   -0.352  1.00 44.22  ? 36  GLU A CA  1 
ATOM   298  C C   . GLU A 1 36  ? 10.852  2.009   0.209   1.00 40.03  ? 36  GLU A C   1 
ATOM   299  O O   . GLU A 1 36  ? 9.815   1.735   -0.377  1.00 37.04  ? 36  GLU A O   1 
ATOM   300  C CB  . GLU A 1 36  ? 11.294  4.485   -0.089  1.00 49.91  ? 36  GLU A CB  1 
ATOM   301  C CG  . GLU A 1 36  ? 11.685  5.105   1.286   1.00 62.30  ? 36  GLU A CG  1 
ATOM   302  C CD  . GLU A 1 36  ? 10.840  6.344   1.746   1.00 71.96  ? 36  GLU A CD  1 
ATOM   303  O OE1 . GLU A 1 36  ? 10.586  7.250   0.896   1.00 71.57  ? 36  GLU A OE1 1 
ATOM   304  O OE2 . GLU A 1 36  ? 10.436  6.444   2.968   1.00 58.93  ? 36  GLU A OE2 1 
ATOM   305  N N   . ASP A 1 37  ? 11.193  1.380   1.310   1.00 35.01  ? 37  ASP A N   1 
ATOM   306  C CA  . ASP A 1 37  ? 10.263  0.503   1.955   1.00 33.84  ? 37  ASP A CA  1 
ATOM   307  C C   . ASP A 1 37  ? 9.109   1.308   2.636   1.00 31.61  ? 37  ASP A C   1 
ATOM   308  O O   . ASP A 1 37  ? 9.152   1.680   3.818   1.00 27.62  ? 37  ASP A O   1 
ATOM   309  C CB  . ASP A 1 37  ? 10.939  -0.478  2.905   1.00 34.38  ? 37  ASP A CB  1 
ATOM   310  C CG  . ASP A 1 37  ? 9.949   -1.525  3.409   1.00 42.73  ? 37  ASP A CG  1 
ATOM   311  O OD1 . ASP A 1 37  ? 8.727   -1.206  3.368   1.00 39.58  ? 37  ASP A OD1 1 
ATOM   312  O OD2 . ASP A 1 37  ? 10.353  -2.634  3.830   1.00 40.52  ? 37  ASP A OD2 1 
ATOM   313  N N   . LEU A 1 38  ? 8.053   1.537   1.869   1.00 31.99  ? 38  LEU A N   1 
ATOM   314  C CA  . LEU A 1 38  ? 6.885   2.295   2.362   1.00 34.16  ? 38  LEU A CA  1 
ATOM   315  C C   . LEU A 1 38  ? 6.035   1.580   3.434   1.00 33.07  ? 38  LEU A C   1 
ATOM   316  O O   . LEU A 1 38  ? 5.196   2.220   4.072   1.00 36.03  ? 38  LEU A O   1 
ATOM   317  C CB  . LEU A 1 38  ? 5.993   2.751   1.179   1.00 34.97  ? 38  LEU A CB  1 
ATOM   318  C CG  . LEU A 1 38  ? 6.624   3.772   0.255   1.00 32.05  ? 38  LEU A CG  1 
ATOM   319  C CD1 . LEU A 1 38  ? 5.567   4.274   -0.719  1.00 38.62  ? 38  LEU A CD1 1 
ATOM   320  C CD2 . LEU A 1 38  ? 7.247   4.924   0.989   1.00 35.03  ? 38  LEU A CD2 1 
ATOM   321  N N   . SER A 1 39  ? 6.254   0.287   3.613   1.00 30.77  ? 39  SER A N   1 
ATOM   322  C CA  . SER A 1 39  ? 5.634   -0.528  4.667   1.00 33.86  ? 39  SER A CA  1 
ATOM   323  C C   . SER A 1 39  ? 6.153   -0.368  6.093   1.00 31.10  ? 39  SER A C   1 
ATOM   324  O O   . SER A 1 39  ? 5.564   -0.889  7.030   1.00 29.69  ? 39  SER A O   1 
ATOM   325  C CB  . SER A 1 39  ? 5.801   -2.039  4.327   1.00 32.09  ? 39  SER A CB  1 
ATOM   326  O OG  . SER A 1 39  ? 7.128   -2.480  4.505   1.00 37.72  ? 39  SER A OG  1 
ATOM   327  N N   . VAL A 1 40  ? 7.271   0.308   6.266   1.00 34.77  ? 40  VAL A N   1 
ATOM   328  C CA  . VAL A 1 40  ? 7.875   0.437   7.584   1.00 29.86  ? 40  VAL A CA  1 
ATOM   329  C C   . VAL A 1 40  ? 6.964   1.262   8.456   1.00 28.58  ? 40  VAL A C   1 
ATOM   330  O O   . VAL A 1 40  ? 6.653   2.388   8.106   1.00 27.68  ? 40  VAL A O   1 
ATOM   331  C CB  . VAL A 1 40  ? 9.279   1.074   7.527   1.00 30.39  ? 40  VAL A CB  1 
ATOM   332  C CG1 . VAL A 1 40  ? 9.829   1.245   8.939   1.00 31.93  ? 40  VAL A CG1 1 
ATOM   333  C CG2 . VAL A 1 40  ? 10.200  0.115   6.725   1.00 34.07  ? 40  VAL A CG2 1 
ATOM   334  N N   . PRO A 1 41  ? 6.531   0.699   9.582   1.00 28.09  ? 41  PRO A N   1 
ATOM   335  C CA  . PRO A 1 41  ? 5.672   1.377   10.478  1.00 29.23  ? 41  PRO A CA  1 
ATOM   336  C C   . PRO A 1 41  ? 6.373   2.330   11.367  1.00 34.47  ? 41  PRO A C   1 
ATOM   337  O O   . PRO A 1 41  ? 7.593   2.226   11.553  1.00 32.57  ? 41  PRO A O   1 
ATOM   338  C CB  . PRO A 1 41  ? 5.053   0.262   11.346  1.00 31.49  ? 41  PRO A CB  1 
ATOM   339  C CG  . PRO A 1 41  ? 5.914   -0.893  11.169  1.00 29.87  ? 41  PRO A CG  1 
ATOM   340  C CD  . PRO A 1 41  ? 6.818   -0.681  9.989   1.00 30.88  ? 41  PRO A CD  1 
ATOM   341  N N   . GLY A 1 42  ? 5.560   3.233   11.932  1.00 31.50  ? 42  GLY A N   1 
ATOM   342  C CA  . GLY A 1 42  ? 5.965   4.101   12.965  1.00 35.08  ? 42  GLY A CA  1 
ATOM   343  C C   . GLY A 1 42  ? 6.615   5.395   12.542  1.00 39.66  ? 42  GLY A C   1 
ATOM   344  O O   . GLY A 1 42  ? 6.995   6.158   13.417  1.00 45.14  ? 42  GLY A O   1 
ATOM   345  N N   . VAL A 1 43  ? 6.781   5.618   11.242  1.00 35.22  ? 43  VAL A N   1 
ATOM   346  C CA  . VAL A 1 43  ? 7.247   6.908   10.697  1.00 38.15  ? 43  VAL A CA  1 
ATOM   347  C C   . VAL A 1 43  ? 6.398   7.287   9.511   1.00 33.55  ? 43  VAL A C   1 
ATOM   348  O O   . VAL A 1 43  ? 5.923   6.412   8.773   1.00 40.38  ? 43  VAL A O   1 
ATOM   349  C CB  . VAL A 1 43  ? 8.702   6.898   10.203  1.00 44.98  ? 43  VAL A CB  1 
ATOM   350  C CG1 . VAL A 1 43  ? 9.653   6.655   11.383  1.00 57.19  ? 43  VAL A CG1 1 
ATOM   351  C CG2 . VAL A 1 43  ? 8.919   5.855   9.114   1.00 46.22  ? 43  VAL A CG2 1 
ATOM   352  N N   . GLU A 1 44  ? 6.143   8.570   9.366   1.00 29.36  ? 44  GLU A N   1 
ATOM   353  C CA  . GLU A 1 44  ? 5.395   9.050   8.228   1.00 36.12  ? 44  GLU A CA  1 
ATOM   354  C C   . GLU A 1 44  ? 6.251   9.133   6.974   1.00 32.42  ? 44  GLU A C   1 
ATOM   355  O O   . GLU A 1 44  ? 7.110   9.979   6.856   1.00 39.60  ? 44  GLU A O   1 
ATOM   356  C CB  . GLU A 1 44  ? 4.797   10.422  8.513   1.00 37.60  ? 44  GLU A CB  1 
ATOM   357  C CG  . GLU A 1 44  ? 3.820   10.867  7.397   1.00 37.35  ? 44  GLU A CG  1 
ATOM   358  C CD  . GLU A 1 44  ? 3.284   12.269  7.691   1.00 39.72  ? 44  GLU A CD  1 
ATOM   359  O OE1 . GLU A 1 44  ? 2.380   12.358  8.527   1.00 39.84  ? 44  GLU A OE1 1 
ATOM   360  O OE2 . GLU A 1 44  ? 3.824   13.253  7.144   1.00 42.59  ? 44  GLU A OE2 1 
ATOM   361  N N   . HIS A 1 45  ? 6.014   8.252   6.036   1.00 30.46  ? 45  HIS A N   1 
ATOM   362  C CA  . HIS A 1 45  ? 6.685   8.329   4.766   1.00 29.34  ? 45  HIS A CA  1 
ATOM   363  C C   . HIS A 1 45  ? 6.028   9.426   3.899   1.00 33.27  ? 45  HIS A C   1 
ATOM   364  O O   . HIS A 1 45  ? 4.943   9.843   4.187   1.00 31.14  ? 45  HIS A O   1 
ATOM   365  C CB  . HIS A 1 45  ? 6.497   6.994   4.062   1.00 29.20  ? 45  HIS A CB  1 
ATOM   366  C CG  . HIS A 1 45  ? 7.101   5.847   4.798   1.00 32.87  ? 45  HIS A CG  1 
ATOM   367  N ND1 . HIS A 1 45  ? 6.355   4.992   5.599   1.00 36.36  ? 45  HIS A ND1 1 
ATOM   368  C CD2 . HIS A 1 45  ? 8.384   5.410   4.869   1.00 29.80  ? 45  HIS A CD2 1 
ATOM   369  C CE1 . HIS A 1 45  ? 7.144   4.064   6.103   1.00 31.30  ? 45  HIS A CE1 1 
ATOM   370  N NE2 . HIS A 1 45  ? 8.382   4.313   5.696   1.00 34.03  ? 45  HIS A NE2 1 
ATOM   371  N N   . GLU A 1 46  ? 6.704   9.846   2.843   1.00 29.79  ? 46  GLU A N   1 
ATOM   372  C CA  A GLU A 1 46  ? 6.270   10.933  2.041   0.50 31.83  ? 46  GLU A CA  1 
ATOM   373  C CA  B GLU A 1 46  ? 6.303   10.948  1.999   0.50 30.52  ? 46  GLU A CA  1 
ATOM   374  C C   . GLU A 1 46  ? 6.535   10.494  0.609   1.00 34.62  ? 46  GLU A C   1 
ATOM   375  O O   . GLU A 1 46  ? 7.545   9.895   0.337   1.00 31.38  ? 46  GLU A O   1 
ATOM   376  C CB  A GLU A 1 46  ? 7.027   12.212  2.451   0.50 34.66  ? 46  GLU A CB  1 
ATOM   377  C CB  B GLU A 1 46  ? 7.183   12.178  2.172   0.50 31.30  ? 46  GLU A CB  1 
ATOM   378  C CG  A GLU A 1 46  ? 6.164   13.344  3.061   0.50 38.20  ? 46  GLU A CG  1 
ATOM   379  C CG  B GLU A 1 46  ? 7.220   12.761  3.570   0.50 34.47  ? 46  GLU A CG  1 
ATOM   380  C CD  A GLU A 1 46  ? 5.815   13.335  4.567   0.50 41.80  ? 46  GLU A CD  1 
ATOM   381  C CD  B GLU A 1 46  ? 7.838   14.129  3.601   0.50 36.31  ? 46  GLU A CD  1 
ATOM   382  O OE1 A GLU A 1 46  ? 5.247   14.363  5.028   0.50 45.11  ? 46  GLU A OE1 1 
ATOM   383  O OE1 B GLU A 1 46  ? 8.694   14.426  2.734   0.50 39.72  ? 46  GLU A OE1 1 
ATOM   384  O OE2 A GLU A 1 46  ? 6.076   12.372  5.314   0.50 42.45  ? 46  GLU A OE2 1 
ATOM   385  O OE2 B GLU A 1 46  ? 7.473   14.904  4.511   0.50 41.53  ? 46  GLU A OE2 1 
ATOM   386  N N   . ALA A 1 47  ? 5.604   10.761  -0.283  1.00 33.40  ? 47  ALA A N   1 
ATOM   387  C CA  . ALA A 1 47  ? 5.833   10.468  -1.683  1.00 33.61  ? 47  ALA A CA  1 
ATOM   388  C C   . ALA A 1 47  ? 5.176   11.482  -2.554  1.00 35.10  ? 47  ALA A C   1 
ATOM   389  O O   . ALA A 1 47  ? 4.133   12.032  -2.206  1.00 31.48  ? 47  ALA A O   1 
ATOM   390  C CB  . ALA A 1 47  ? 5.220   9.137   -1.986  1.00 33.43  ? 47  ALA A CB  1 
ATOM   391  N N   . ARG A 1 48  ? 5.737   11.634  -3.735  1.00 37.54  ? 48  ARG A N   1 
ATOM   392  C CA  . ARG A 1 48  ? 5.289   12.618  -4.713  1.00 42.63  ? 48  ARG A CA  1 
ATOM   393  C C   . ARG A 1 48  ? 4.833   11.892  -5.910  1.00 36.47  ? 48  ARG A C   1 
ATOM   394  O O   . ARG A 1 48  ? 5.573   11.094  -6.418  1.00 38.14  ? 48  ARG A O   1 
ATOM   395  C CB  . ARG A 1 48  ? 6.464   13.457  -5.191  1.00 47.55  ? 48  ARG A CB  1 
ATOM   396  C CG  . ARG A 1 48  ? 7.123   14.222  -4.101  1.00 50.47  ? 48  ARG A CG  1 
ATOM   397  C CD  . ARG A 1 48  ? 8.480   14.718  -4.542  1.00 58.69  ? 48  ARG A CD  1 
ATOM   398  N NE  . ARG A 1 48  ? 9.176   15.247  -3.389  1.00 62.93  ? 48  ARG A NE  1 
ATOM   399  C CZ  . ARG A 1 48  ? 10.367  15.850  -3.438  1.00 72.13  ? 48  ARG A CZ  1 
ATOM   400  N NH1 . ARG A 1 48  ? 11.022  15.982  -4.601  1.00 60.72  ? 48  ARG A NH1 1 
ATOM   401  N NH2 . ARG A 1 48  ? 10.899  16.328  -2.300  1.00 68.51  ? 48  ARG A NH2 1 
ATOM   402  N N   . VAL A 1 49  ? 3.611   12.141  -6.344  1.00 32.42  ? 49  VAL A N   1 
ATOM   403  C CA  . VAL A 1 49  ? 3.069   11.471  -7.484  1.00 36.88  ? 49  VAL A CA  1 
ATOM   404  C C   . VAL A 1 49  ? 2.537   12.549  -8.425  1.00 36.52  ? 49  VAL A C   1 
ATOM   405  O O   . VAL A 1 49  ? 2.166   13.627  -7.950  1.00 35.13  ? 49  VAL A O   1 
ATOM   406  C CB  . VAL A 1 49  ? 1.958   10.487  -7.086  1.00 41.25  ? 49  VAL A CB  1 
ATOM   407  C CG1 . VAL A 1 49  ? 2.537   9.457   -6.140  1.00 46.44  ? 49  VAL A CG1 1 
ATOM   408  C CG2 . VAL A 1 49  ? 0.803   11.187  -6.394  1.00 44.83  ? 49  VAL A CG2 1 
ATOM   409  N N   . PRO A 1 50  ? 2.539   12.282  -9.734  1.00 37.67  ? 50  PRO A N   1 
ATOM   410  C CA  . PRO A 1 50  ? 2.072   13.283  -10.673 1.00 37.24  ? 50  PRO A CA  1 
ATOM   411  C C   . PRO A 1 50  ? 0.589   13.407  -10.511 1.00 35.44  ? 50  PRO A C   1 
ATOM   412  O O   . PRO A 1 50  ? -0.097  12.407  -10.272 1.00 36.71  ? 50  PRO A O   1 
ATOM   413  C CB  . PRO A 1 50  ? 2.438   12.712  -12.072 1.00 41.95  ? 50  PRO A CB  1 
ATOM   414  C CG  . PRO A 1 50  ? 3.049   11.361  -11.828 1.00 43.21  ? 50  PRO A CG  1 
ATOM   415  C CD  . PRO A 1 50  ? 2.776   10.987  -10.396 1.00 43.61  ? 50  PRO A CD  1 
ATOM   416  N N   . LYS A 1 51  ? 0.120   14.641  -10.578 1.00 36.27  ? 51  LYS A N   1 
ATOM   417  C CA  . LYS A 1 51  ? -1.279  14.952  -10.362 1.00 43.76  ? 51  LYS A CA  1 
ATOM   418  C C   . LYS A 1 51  ? -2.204  14.284  -11.347 1.00 41.96  ? 51  LYS A C   1 
ATOM   419  O O   . LYS A 1 51  ? -3.397  14.043  -11.046 1.00 38.55  ? 51  LYS A O   1 
ATOM   420  C CB  . LYS A 1 51  ? -1.472  16.470  -10.411 1.00 53.23  ? 51  LYS A CB  1 
ATOM   421  C CG  . LYS A 1 51  ? -1.073  17.168  -11.723 1.00 57.16  ? 51  LYS A CG  1 
ATOM   422  C CD  . LYS A 1 51  ? -1.146  18.699  -11.596 1.00 58.13  ? 51  LYS A CD  1 
ATOM   423  C CE  . LYS A 1 51  ? -0.226  19.217  -10.491 1.00 65.90  ? 51  LYS A CE  1 
ATOM   424  N NZ  . LYS A 1 51  ? 0.374   20.576  -10.732 1.00 68.48  ? 51  LYS A NZ  1 
ATOM   425  N N   . LYS A 1 52  ? -1.676  13.952  -12.510 1.00 38.88  ? 52  LYS A N   1 
ATOM   426  C CA  . LYS A 1 52  ? -2.506  13.215  -13.477 1.00 45.16  ? 52  LYS A CA  1 
ATOM   427  C C   . LYS A 1 52  ? -3.048  11.885  -12.955 1.00 45.13  ? 52  LYS A C   1 
ATOM   428  O O   . LYS A 1 52  ? -4.088  11.432  -13.444 1.00 40.88  ? 52  LYS A O   1 
ATOM   429  C CB  . LYS A 1 52  ? -1.810  13.048  -14.862 1.00 55.35  ? 52  LYS A CB  1 
ATOM   430  C CG  . LYS A 1 52  ? -0.360  12.586  -14.869 1.00 61.74  ? 52  LYS A CG  1 
ATOM   431  C CD  . LYS A 1 52  ? 0.107   12.303  -16.313 1.00 72.10  ? 52  LYS A CD  1 
ATOM   432  C CE  . LYS A 1 52  ? 1.460   11.587  -16.397 1.00 73.29  ? 52  LYS A CE  1 
ATOM   433  N NZ  . LYS A 1 52  ? 2.589   12.431  -15.912 1.00 73.05  ? 52  LYS A NZ  1 
ATOM   434  N N   . ILE A 1 53  ? -2.428  11.288  -11.918 1.00 40.55  ? 53  ILE A N   1 
ATOM   435  C CA  . ILE A 1 53  ? -2.995  10.057  -11.320 1.00 40.95  ? 53  ILE A CA  1 
ATOM   436  C C   . ILE A 1 53  ? -4.439  10.202  -10.911 1.00 39.04  ? 53  ILE A C   1 
ATOM   437  O O   . ILE A 1 53  ? -5.263  9.251   -10.963 1.00 36.21  ? 53  ILE A O   1 
ATOM   438  C CB  . ILE A 1 53  ? -2.211  9.574   -10.062 1.00 47.60  ? 53  ILE A CB  1 
ATOM   439  C CG1 . ILE A 1 53  ? -2.697  8.177   -9.648  1.00 46.49  ? 53  ILE A CG1 1 
ATOM   440  C CG2 . ILE A 1 53  ? -2.287  10.577  -8.873  1.00 41.86  ? 53  ILE A CG2 1 
ATOM   441  C CD1 . ILE A 1 53  ? -1.686  7.448   -8.781  1.00 49.35  ? 53  ILE A CD1 1 
ATOM   442  N N   . LEU A 1 54  ? -4.771  11.409  -10.507 1.00 37.74  ? 54  LEU A N   1 
ATOM   443  C CA  . LEU A 1 54  ? -6.159  11.702  -10.118 1.00 36.37  ? 54  LEU A CA  1 
ATOM   444  C C   . LEU A 1 54  ? -7.155  11.607  -11.276 1.00 35.48  ? 54  LEU A C   1 
ATOM   445  O O   . LEU A 1 54  ? -8.363  11.493  -11.015 1.00 38.04  ? 54  LEU A O   1 
ATOM   446  C CB  . LEU A 1 54  ? -6.229  13.108  -9.486  1.00 36.51  ? 54  LEU A CB  1 
ATOM   447  C CG  . LEU A 1 54  ? -5.348  13.190  -8.242  1.00 38.72  ? 54  LEU A CG  1 
ATOM   448  C CD1 . LEU A 1 54  ? -5.083  14.640  -7.938  1.00 39.44  ? 54  LEU A CD1 1 
ATOM   449  C CD2 . LEU A 1 54  ? -5.981  12.430  -7.067  1.00 33.63  ? 54  LEU A CD2 1 
ATOM   450  N N   . LYS A 1 55  ? -6.665  11.652  -12.522 1.00 34.81  ? 55  LYS A N   1 
ATOM   451  C CA  . LYS A 1 55  ? -7.565  11.439  -13.689 1.00 43.84  ? 55  LYS A CA  1 
ATOM   452  C C   . LYS A 1 55  ? -7.659  9.996   -14.142 1.00 46.94  ? 55  LYS A C   1 
ATOM   453  O O   . LYS A 1 55  ? -8.292  9.728   -15.167 1.00 45.48  ? 55  LYS A O   1 
ATOM   454  C CB  . LYS A 1 55  ? -7.092  12.222  -14.919 1.00 45.71  ? 55  LYS A CB  1 
ATOM   455  C CG  . LYS A 1 55  ? -6.724  13.670  -14.647 1.00 51.06  ? 55  LYS A CG  1 
ATOM   456  C CD  . LYS A 1 55  ? -7.951  14.441  -14.199 1.00 55.36  ? 55  LYS A CD  1 
ATOM   457  C CE  . LYS A 1 55  ? -7.637  15.927  -14.109 1.00 58.51  ? 55  LYS A CE  1 
ATOM   458  N NZ  . LYS A 1 55  ? -8.885  16.700  -14.266 1.00 61.50  ? 55  LYS A NZ  1 
ATOM   459  N N   . CYS A 1 56  ? -6.998  9.062   -13.454 1.00 42.14  ? 56  CYS A N   1 
ATOM   460  C CA  . CYS A 1 56  ? -6.973  7.701   -13.945 1.00 42.08  ? 56  CYS A CA  1 
ATOM   461  C C   . CYS A 1 56  ? -8.194  7.036   -13.406 1.00 46.80  ? 56  CYS A C   1 
ATOM   462  O O   . CYS A 1 56  ? -8.517  7.218   -12.231 1.00 47.41  ? 56  CYS A O   1 
ATOM   463  C CB  . CYS A 1 56  ? -5.740  6.958   -13.464 1.00 42.06  ? 56  CYS A CB  1 
ATOM   464  S SG  . CYS A 1 56  ? -4.207  7.561   -14.160 1.00 44.59  ? 56  CYS A SG  1 
ATOM   465  N N   . LYS A 1 57  ? -8.852  6.229   -14.234 1.00 49.10  ? 57  LYS A N   1 
ATOM   466  C CA  . LYS A 1 57  ? -10.000 5.448   -13.768 1.00 54.26  ? 57  LYS A CA  1 
ATOM   467  C C   . LYS A 1 57  ? -9.516  4.267   -12.912 1.00 47.50  ? 57  LYS A C   1 
ATOM   468  O O   . LYS A 1 57  ? -10.102 3.950   -11.866 1.00 43.08  ? 57  LYS A O   1 
ATOM   469  C CB  . LYS A 1 57  ? -10.872 5.016   -14.945 1.00 69.35  ? 57  LYS A CB  1 
ATOM   470  C CG  . LYS A 1 57  ? -12.321 5.508   -14.815 1.00 85.00  ? 57  LYS A CG  1 
ATOM   471  C CD  . LYS A 1 57  ? -12.956 5.820   -16.169 1.00 98.45  ? 57  LYS A CD  1 
ATOM   472  C CE  . LYS A 1 57  ? -12.794 4.675   -17.172 1.00 103.46 ? 57  LYS A CE  1 
ATOM   473  N NZ  . LYS A 1 57  ? -13.152 3.324   -16.634 1.00 104.56 ? 57  LYS A NZ  1 
ATOM   474  N N   . ALA A 1 58  ? -8.388  3.697   -13.300 1.00 39.87  ? 58  ALA A N   1 
ATOM   475  C CA  . ALA A 1 58  ? -7.746  2.700   -12.465 1.00 42.34  ? 58  ALA A CA  1 
ATOM   476  C C   . ALA A 1 58  ? -6.234  2.805   -12.542 1.00 40.78  ? 58  ALA A C   1 
ATOM   477  O O   . ALA A 1 58  ? -5.657  3.248   -13.560 1.00 40.31  ? 58  ALA A O   1 
ATOM   478  C CB  . ALA A 1 58  ? -8.168  1.292   -12.874 1.00 43.92  ? 58  ALA A CB  1 
ATOM   479  N N   . VAL A 1 59  ? -5.598  2.395   -11.444 1.00 40.96  ? 59  VAL A N   1 
ATOM   480  C CA  . VAL A 1 59  ? -4.137  2.375   -11.364 1.00 42.96  ? 59  VAL A CA  1 
ATOM   481  C C   . VAL A 1 59  ? -3.633  0.932   -11.201 1.00 44.37  ? 59  VAL A C   1 
ATOM   482  O O   . VAL A 1 59  ? -4.139  0.179   -10.372 1.00 40.89  ? 59  VAL A O   1 
ATOM   483  C CB  . VAL A 1 59  ? -3.660  3.262   -10.225 1.00 44.54  ? 59  VAL A CB  1 
ATOM   484  C CG1 . VAL A 1 59  ? -2.194  3.049   -9.921  1.00 46.50  ? 59  VAL A CG1 1 
ATOM   485  C CG2 . VAL A 1 59  ? -3.945  4.715   -10.565 1.00 45.09  ? 59  VAL A CG2 1 
ATOM   486  N N   . SER A 1 60  ? -2.624  0.570   -11.991 1.00 38.95  ? 60  SER A N   1 
ATOM   487  C CA  . SER A 1 60  ? -2.026  -0.742  -11.908 1.00 43.64  ? 60  SER A CA  1 
ATOM   488  C C   . SER A 1 60  ? -0.764  -0.686  -11.013 1.00 41.77  ? 60  SER A C   1 
ATOM   489  O O   . SER A 1 60  ? 0.158   0.092   -11.249 1.00 39.02  ? 60  SER A O   1 
ATOM   490  C CB  . SER A 1 60  ? -1.726  -1.240  -13.335 1.00 45.64  ? 60  SER A CB  1 
ATOM   491  O OG  . SER A 1 60  ? -0.728  -2.217  -13.337 1.00 50.12  ? 60  SER A OG  1 
ATOM   492  N N   . ARG A 1 61  ? -0.758  -1.519  -9.985  1.00 40.29  ? 61  ARG A N   1 
ATOM   493  C CA  . ARG A 1 61  ? 0.334   -1.570  -9.002  1.00 42.96  ? 61  ARG A CA  1 
ATOM   494  C C   . ARG A 1 61  ? 1.132   -2.833  -9.162  1.00 46.12  ? 61  ARG A C   1 
ATOM   495  O O   . ARG A 1 61  ? 0.566   -3.947  -9.277  1.00 45.81  ? 61  ARG A O   1 
ATOM   496  C CB  . ARG A 1 61  ? -0.191  -1.551  -7.572  1.00 42.78  ? 61  ARG A CB  1 
ATOM   497  C CG  . ARG A 1 61  ? 0.923   -1.606  -6.521  1.00 43.41  ? 61  ARG A CG  1 
ATOM   498  C CD  . ARG A 1 61  ? 0.365   -1.573  -5.103  1.00 40.17  ? 61  ARG A CD  1 
ATOM   499  N NE  . ARG A 1 61  ? -0.496  -2.728  -4.811  1.00 37.74  ? 61  ARG A NE  1 
ATOM   500  C CZ  . ARG A 1 61  ? -1.482  -2.727  -3.897  1.00 40.24  ? 61  ARG A CZ  1 
ATOM   501  N NH1 . ARG A 1 61  ? -1.751  -1.640  -3.178  1.00 42.47  ? 61  ARG A NH1 1 
ATOM   502  N NH2 . ARG A 1 61  ? -2.233  -3.808  -3.718  1.00 39.35  ? 61  ARG A NH2 1 
ATOM   503  N N   . GLU A 1 62  ? 2.443   -2.678  -9.135  1.00 42.18  ? 62  GLU A N   1 
ATOM   504  C CA  . GLU A 1 62  ? 3.282   -3.822  -9.111  1.00 42.60  ? 62  GLU A CA  1 
ATOM   505  C C   . GLU A 1 62  ? 4.205   -3.664  -7.899  1.00 40.47  ? 62  GLU A C   1 
ATOM   506  O O   . GLU A 1 62  ? 4.946   -2.685  -7.793  1.00 39.34  ? 62  GLU A O   1 
ATOM   507  C CB  . GLU A 1 62  ? 4.043   -3.846  -10.423 1.00 48.02  ? 62  GLU A CB  1 
ATOM   508  C CG  . GLU A 1 62  ? 4.859   -5.087  -10.624 1.00 58.56  ? 62  GLU A CG  1 
ATOM   509  C CD  . GLU A 1 62  ? 5.349   -5.227  -12.053 1.00 61.11  ? 62  GLU A CD  1 
ATOM   510  O OE1 . GLU A 1 62  ? 6.083   -4.319  -12.524 1.00 58.79  ? 62  GLU A OE1 1 
ATOM   511  O OE2 . GLU A 1 62  ? 4.979   -6.251  -12.688 1.00 62.72  ? 62  GLU A OE2 1 
ATOM   512  N N   . LEU A 1 63  ? 4.190   -4.644  -7.010  1.00 39.65  ? 63  LEU A N   1 
ATOM   513  C CA  . LEU A 1 63  ? 4.803   -4.554  -5.672  1.00 37.07  ? 63  LEU A CA  1 
ATOM   514  C C   . LEU A 1 63  ? 5.683   -5.778  -5.445  1.00 35.99  ? 63  LEU A C   1 
ATOM   515  O O   . LEU A 1 63  ? 5.221   -6.896  -5.626  1.00 41.46  ? 63  LEU A O   1 
ATOM   516  C CB  . LEU A 1 63  ? 3.680   -4.518  -4.692  1.00 37.32  ? 63  LEU A CB  1 
ATOM   517  C CG  . LEU A 1 63  ? 3.892   -4.234  -3.218  1.00 38.56  ? 63  LEU A CG  1 
ATOM   518  C CD1 . LEU A 1 63  ? 2.520   -3.971  -2.616  1.00 37.81  ? 63  LEU A CD1 1 
ATOM   519  C CD2 . LEU A 1 63  ? 4.552   -5.426  -2.551  1.00 40.59  ? 63  LEU A CD2 1 
ATOM   520  N N   . ASN A 1 64  ? 6.961   -5.575  -5.109  1.00 34.80  ? 64  ASN A N   1 
ATOM   521  C CA  . ASN A 1 64  ? 7.909   -6.725  -4.904  1.00 35.22  ? 64  ASN A CA  1 
ATOM   522  C C   . ASN A 1 64  ? 8.298   -6.771  -3.430  1.00 29.87  ? 64  ASN A C   1 
ATOM   523  O O   . ASN A 1 64  ? 8.732   -5.769  -2.896  1.00 29.59  ? 64  ASN A O   1 
ATOM   524  C CB  . ASN A 1 64  ? 9.165   -6.526  -5.734  1.00 34.13  ? 64  ASN A CB  1 
ATOM   525  C CG  . ASN A 1 64  ? 10.134  -7.704  -5.671  1.00 36.34  ? 64  ASN A CG  1 
ATOM   526  O OD1 . ASN A 1 64  ? 11.053  -7.756  -4.845  1.00 38.74  ? 64  ASN A OD1 1 
ATOM   527  N ND2 . ASN A 1 64  ? 9.956   -8.623  -6.589  1.00 36.12  ? 64  ASN A ND2 1 
ATOM   528  N N   . PHE A 1 65  ? 8.113   -7.918  -2.797  1.00 28.88  ? 65  PHE A N   1 
ATOM   529  C CA  . PHE A 1 65  ? 8.332   -8.066  -1.356  1.00 30.49  ? 65  PHE A CA  1 
ATOM   530  C C   . PHE A 1 65  ? 9.014   -9.387  -1.041  1.00 30.57  ? 65  PHE A C   1 
ATOM   531  O O   . PHE A 1 65  ? 8.913   -10.313 -1.816  1.00 27.95  ? 65  PHE A O   1 
ATOM   532  C CB  . PHE A 1 65  ? 7.020   -7.936  -0.589  1.00 29.37  ? 65  PHE A CB  1 
ATOM   533  C CG  . PHE A 1 65  ? 6.072   -9.084  -0.816  1.00 30.20  ? 65  PHE A CG  1 
ATOM   534  C CD1 . PHE A 1 65  ? 5.150   -9.051  -1.857  1.00 28.24  ? 65  PHE A CD1 1 
ATOM   535  C CD2 . PHE A 1 65  ? 6.057   -10.165 0.033   1.00 32.05  ? 65  PHE A CD2 1 
ATOM   536  C CE1 . PHE A 1 65  ? 4.279   -10.088 -2.051  1.00 31.28  ? 65  PHE A CE1 1 
ATOM   537  C CE2 . PHE A 1 65  ? 5.177   -11.233 -0.171  1.00 30.43  ? 65  PHE A CE2 1 
ATOM   538  C CZ  . PHE A 1 65  ? 4.306   -11.208 -1.242  1.00 29.49  ? 65  PHE A CZ  1 
ATOM   539  N N   . SER A 1 66  ? 9.752   -9.427  0.066   1.00 28.32  ? 66  SER A N   1 
ATOM   540  C CA  . SER A 1 66  ? 10.374  -10.646 0.592   1.00 30.22  ? 66  SER A CA  1 
ATOM   541  C C   . SER A 1 66  ? 9.836   -10.946 1.986   1.00 27.56  ? 66  SER A C   1 
ATOM   542  O O   . SER A 1 66  ? 9.555   -10.018 2.774   1.00 24.77  ? 66  SER A O   1 
ATOM   543  C CB  . SER A 1 66  ? 11.923  -10.482 0.652   1.00 34.98  ? 66  SER A CB  1 
ATOM   544  O OG  . SER A 1 66  ? 12.446  -10.073 -0.624  1.00 40.64  ? 66  SER A OG  1 
ATOM   545  N N   . SER A 1 67  ? 9.700   -12.232 2.316   1.00 31.69  ? 67  SER A N   1 
ATOM   546  C CA  . SER A 1 67  ? 9.244   -12.629 3.656   1.00 30.98  ? 67  SER A CA  1 
ATOM   547  C C   . SER A 1 67  ? 9.992   -13.833 4.086   1.00 29.10  ? 67  SER A C   1 
ATOM   548  O O   . SER A 1 67  ? 9.877   -14.818 3.398   1.00 27.37  ? 67  SER A O   1 
ATOM   549  C CB  . SER A 1 67  ? 7.747   -12.942 3.625   1.00 27.37  ? 67  SER A CB  1 
ATOM   550  O OG  . SER A 1 67  ? 7.248   -13.298 4.878   1.00 25.79  ? 67  SER A OG  1 
ATOM   551  N N   . THR A 1 68  ? 10.769  -13.761 5.184   1.00 28.08  ? 68  THR A N   1 
ATOM   552  C CA  . THR A 1 68  ? 11.356  -14.970 5.768   1.00 27.45  ? 68  THR A CA  1 
ATOM   553  C C   . THR A 1 68  ? 10.273  -15.858 6.282   1.00 26.40  ? 68  THR A C   1 
ATOM   554  O O   . THR A 1 68  ? 10.356  -17.058 6.168   1.00 23.59  ? 68  THR A O   1 
ATOM   555  C CB  . THR A 1 68  ? 12.354  -14.739 6.970   1.00 30.91  ? 68  THR A CB  1 
ATOM   556  O OG1 . THR A 1 68  ? 11.679  -14.128 8.062   1.00 29.06  ? 68  THR A OG1 1 
ATOM   557  C CG2 . THR A 1 68  ? 13.539  -13.864 6.525   1.00 32.10  ? 68  THR A CG2 1 
ATOM   558  N N   . GLU A 1 69  ? 9.201   -15.271 6.804   1.00 28.27  ? 69  GLU A N   1 
ATOM   559  C CA  . GLU A 1 69  ? 8.114   -16.111 7.333   1.00 26.91  ? 69  GLU A CA  1 
ATOM   560  C C   . GLU A 1 69  ? 7.067   -16.510 6.307   1.00 27.71  ? 69  GLU A C   1 
ATOM   561  O O   . GLU A 1 69  ? 6.687   -15.738 5.409   1.00 26.05  ? 69  GLU A O   1 
ATOM   562  C CB  . GLU A 1 69  ? 7.419   -15.439 8.531   1.00 27.17  ? 69  GLU A CB  1 
ATOM   563  C CG  . GLU A 1 69  ? 8.357   -14.969 9.632   1.00 26.27  ? 69  GLU A CG  1 
ATOM   564  C CD  . GLU A 1 69  ? 9.293   -16.076 10.043  1.00 27.71  ? 69  GLU A CD  1 
ATOM   565  O OE1 . GLU A 1 69  ? 8.769   -17.086 10.582  1.00 29.87  ? 69  GLU A OE1 1 
ATOM   566  O OE2 . GLU A 1 69  ? 10.506  -15.961 9.707   1.00 29.59  ? 69  GLU A OE2 1 
ATOM   567  N N   . GLN A 1 70  ? 6.576   -17.726 6.515   1.00 24.89  ? 70  GLN A N   1 
ATOM   568  C CA  . GLN A 1 70  ? 5.459   -18.242 5.830   1.00 28.21  ? 70  GLN A CA  1 
ATOM   569  C C   . GLN A 1 70  ? 4.225   -17.446 6.217   1.00 28.86  ? 70  GLN A C   1 
ATOM   570  O O   . GLN A 1 70  ? 4.071   -17.132 7.392   1.00 25.15  ? 70  GLN A O   1 
ATOM   571  C CB  . GLN A 1 70  ? 5.231   -19.708 6.241   1.00 29.61  ? 70  GLN A CB  1 
ATOM   572  C CG  . GLN A 1 70  ? 3.985   -20.309 5.589   1.00 27.39  ? 70  GLN A CG  1 
ATOM   573  C CD  . GLN A 1 70  ? 4.007   -21.808 5.581   1.00 28.97  ? 70  GLN A CD  1 
ATOM   574  O OE1 . GLN A 1 70  ? 4.956   -22.432 5.034   1.00 27.44  ? 70  GLN A OE1 1 
ATOM   575  N NE2 . GLN A 1 70  ? 3.003   -22.422 6.258   1.00 27.25  ? 70  GLN A NE2 1 
ATOM   576  N N   . MET A 1 71  ? 3.365   -17.110 5.236   1.00 27.13  ? 71  MET A N   1 
ATOM   577  C CA  . MET A 1 71  ? 2.048   -16.546 5.573   1.00 28.87  ? 71  MET A CA  1 
ATOM   578  C C   . MET A 1 71  ? 0.983   -17.322 4.848   1.00 29.40  ? 71  MET A C   1 
ATOM   579  O O   . MET A 1 71  ? 1.149   -17.725 3.702   1.00 33.70  ? 71  MET A O   1 
ATOM   580  C CB  . MET A 1 71  ? 1.931   -15.069 5.194   1.00 29.38  ? 71  MET A CB  1 
ATOM   581  C CG  . MET A 1 71  ? 2.760   -14.097 5.999   1.00 29.95  ? 71  MET A CG  1 
ATOM   582  S SD  . MET A 1 71  ? 2.501   -12.362 5.536   1.00 34.47  ? 71  MET A SD  1 
ATOM   583  C CE  . MET A 1 71  ? 3.839   -12.118 4.459   1.00 30.26  ? 71  MET A CE  1 
ATOM   584  N N   . GLU A 1 72  ? -0.131  -17.485 5.531   1.00 34.98  ? 72  GLU A N   1 
ATOM   585  C CA  . GLU A 1 72  ? -1.222  -18.295 5.049   1.00 35.97  ? 72  GLU A CA  1 
ATOM   586  C C   . GLU A 1 72  ? -2.062  -17.456 4.077   1.00 37.44  ? 72  GLU A C   1 
ATOM   587  O O   . GLU A 1 72  ? -2.496  -17.952 3.075   1.00 39.74  ? 72  GLU A O   1 
ATOM   588  C CB  . GLU A 1 72  ? -2.098  -18.799 6.214   1.00 38.94  ? 72  GLU A CB  1 
ATOM   589  C CG  . GLU A 1 72  ? -1.345  -19.446 7.395   1.00 58.42  ? 72  GLU A CG  1 
ATOM   590  C CD  . GLU A 1 72  ? -0.606  -20.752 7.024   1.00 64.61  ? 72  GLU A CD  1 
ATOM   591  O OE1 . GLU A 1 72  ? 0.649   -20.842 7.269   1.00 53.69  ? 72  GLU A OE1 1 
ATOM   592  O OE2 . GLU A 1 72  ? -1.299  -21.679 6.494   1.00 70.58  ? 72  GLU A OE2 1 
ATOM   593  N N   . LYS A 1 73  ? -2.345  -16.208 4.439   1.00 38.29  ? 73  LYS A N   1 
ATOM   594  C CA  . LYS A 1 73  ? -3.236  -15.365 3.673   1.00 39.64  ? 73  LYS A CA  1 
ATOM   595  C C   . LYS A 1 73  ? -2.797  -13.903 3.801   1.00 32.88  ? 73  LYS A C   1 
ATOM   596  O O   . LYS A 1 73  ? -3.350  -13.123 4.525   1.00 33.20  ? 73  LYS A O   1 
ATOM   597  C CB  . LYS A 1 73  ? -4.662  -15.558 4.147   1.00 42.43  ? 73  LYS A CB  1 
ATOM   598  C CG  . LYS A 1 73  ? -5.648  -14.810 3.276   1.00 51.90  ? 73  LYS A CG  1 
ATOM   599  C CD  . LYS A 1 73  ? -7.067  -15.105 3.740   1.00 63.62  ? 73  LYS A CD  1 
ATOM   600  C CE  . LYS A 1 73  ? -8.070  -14.661 2.704   1.00 70.02  ? 73  LYS A CE  1 
ATOM   601  N NZ  . LYS A 1 73  ? -9.464  -15.004 3.083   1.00 80.45  ? 73  LYS A NZ  1 
ATOM   602  N N   . PHE A 1 74  ? -1.756  -13.574 3.094   1.00 30.55  ? 74  PHE A N   1 
ATOM   603  C CA  . PHE A 1 74  ? -1.231  -12.263 3.145   1.00 30.62  ? 74  PHE A CA  1 
ATOM   604  C C   . PHE A 1 74  ? -2.186  -11.363 2.397   1.00 29.33  ? 74  PHE A C   1 
ATOM   605  O O   . PHE A 1 74  ? -2.597  -11.690 1.284   1.00 29.66  ? 74  PHE A O   1 
ATOM   606  C CB  . PHE A 1 74  ? 0.131   -12.261 2.481   1.00 27.99  ? 74  PHE A CB  1 
ATOM   607  C CG  . PHE A 1 74  ? 0.734   -10.902 2.306   1.00 28.12  ? 74  PHE A CG  1 
ATOM   608  C CD1 . PHE A 1 74  ? 0.700   -9.972  3.330   1.00 32.18  ? 74  PHE A CD1 1 
ATOM   609  C CD2 . PHE A 1 74  ? 1.385   -10.576 1.138   1.00 27.44  ? 74  PHE A CD2 1 
ATOM   610  C CE1 . PHE A 1 74  ? 1.287   -8.752  3.184   1.00 31.07  ? 74  PHE A CE1 1 
ATOM   611  C CE2 . PHE A 1 74  ? 1.985   -9.351  0.985   1.00 30.68  ? 74  PHE A CE2 1 
ATOM   612  C CZ  . PHE A 1 74  ? 1.913   -8.424  2.006   1.00 31.82  ? 74  PHE A CZ  1 
ATOM   613  N N   . ARG A 1 75  ? -2.563  -10.257 3.040   1.00 29.98  ? 75  ARG A N   1 
ATOM   614  C CA  . ARG A 1 75  ? -3.518  -9.333  2.457   1.00 31.33  ? 75  ARG A CA  1 
ATOM   615  C C   . ARG A 1 75  ? -3.300  -7.930  3.024   1.00 31.22  ? 75  ARG A C   1 
ATOM   616  O O   . ARG A 1 75  ? -2.615  -7.754  4.055   1.00 32.25  ? 75  ARG A O   1 
ATOM   617  C CB  . ARG A 1 75  ? -4.933  -9.861  2.700   1.00 31.40  ? 75  ARG A CB  1 
ATOM   618  C CG  . ARG A 1 75  ? -5.428  -9.629  4.081   1.00 31.15  ? 75  ARG A CG  1 
ATOM   619  C CD  . ARG A 1 75  ? -6.805  -10.290 4.255   1.00 31.11  ? 75  ARG A CD  1 
ATOM   620  N NE  . ARG A 1 75  ? -7.186  -10.140 5.635   1.00 28.85  ? 75  ARG A NE  1 
ATOM   621  C CZ  . ARG A 1 75  ? -7.686  -9.053  6.188   1.00 32.09  ? 75  ARG A CZ  1 
ATOM   622  N NH1 . ARG A 1 75  ? -7.962  -7.939  5.515   1.00 37.63  ? 75  ARG A NH1 1 
ATOM   623  N NH2 . ARG A 1 75  ? -7.926  -9.069  7.455   1.00 31.15  ? 75  ARG A NH2 1 
ATOM   624  N N   . LEU A 1 76  ? -3.826  -6.945  2.312   1.00 31.33  ? 76  LEU A N   1 
ATOM   625  C CA  . LEU A 1 76  ? -3.783  -5.541  2.732   1.00 32.86  ? 76  LEU A CA  1 
ATOM   626  C C   . LEU A 1 76  ? -5.147  -4.919  2.834   1.00 31.17  ? 76  LEU A C   1 
ATOM   627  O O   . LEU A 1 76  ? -6.040  -5.229  2.053   1.00 35.52  ? 76  LEU A O   1 
ATOM   628  C CB  . LEU A 1 76  ? -3.019  -4.697  1.703   1.00 33.69  ? 76  LEU A CB  1 
ATOM   629  C CG  . LEU A 1 76  ? -1.641  -5.180  1.256   1.00 36.63  ? 76  LEU A CG  1 
ATOM   630  C CD1 . LEU A 1 76  ? -1.117  -4.358  0.081   1.00 38.28  ? 76  LEU A CD1 1 
ATOM   631  C CD2 . LEU A 1 76  ? -0.651  -5.150  2.405   1.00 36.56  ? 76  LEU A CD2 1 
ATOM   632  N N   . GLU A 1 77  ? -5.271  -3.982  3.751   1.00 30.08  ? 77  GLU A N   1 
ATOM   633  C CA  . GLU A 1 77  ? -6.390  -3.052  3.780   1.00 32.24  ? 77  GLU A CA  1 
ATOM   634  C C   . GLU A 1 77  ? -5.789  -1.666  3.661   1.00 32.76  ? 77  GLU A C   1 
ATOM   635  O O   . GLU A 1 77  ? -4.910  -1.285  4.454   1.00 32.92  ? 77  GLU A O   1 
ATOM   636  C CB  . GLU A 1 77  ? -7.150  -3.151  5.103   1.00 32.45  ? 77  GLU A CB  1 
ATOM   637  C CG  . GLU A 1 77  ? -7.937  -4.427  5.296   1.00 34.89  ? 77  GLU A CG  1 
ATOM   638  C CD  . GLU A 1 77  ? -8.687  -4.519  6.664   1.00 33.92  ? 77  GLU A CD  1 
ATOM   639  O OE1 . GLU A 1 77  ? -8.699  -3.555  7.504   1.00 33.76  ? 77  GLU A OE1 1 
ATOM   640  O OE2 . GLU A 1 77  ? -9.240  -5.598  6.895   1.00 35.20  ? 77  GLU A OE2 1 
ATOM   641  N N   . GLN A 1 78  ? -6.261  -0.904  2.683   1.00 31.49  ? 78  GLN A N   1 
ATOM   642  C CA  . GLN A 1 78  ? -5.746  0.422   2.476   1.00 32.74  ? 78  GLN A CA  1 
ATOM   643  C C   . GLN A 1 78  ? -6.851  1.452   2.491   1.00 33.39  ? 78  GLN A C   1 
ATOM   644  O O   . GLN A 1 78  ? -7.920  1.218   1.933   1.00 36.00  ? 78  GLN A O   1 
ATOM   645  C CB  . GLN A 1 78  ? -4.989  0.494   1.190   1.00 34.62  ? 78  GLN A CB  1 
ATOM   646  C CG  . GLN A 1 78  ? -3.846  -0.434  1.150   1.00 36.88  ? 78  GLN A CG  1 
ATOM   647  C CD  . GLN A 1 78  ? -3.071  -0.296  -0.115  1.00 40.66  ? 78  GLN A CD  1 
ATOM   648  O OE1 . GLN A 1 78  ? -3.481  -0.805  -1.153  1.00 44.24  ? 78  GLN A OE1 1 
ATOM   649  N NE2 . GLN A 1 78  ? -1.934  0.379   -0.046  1.00 42.86  ? 78  GLN A NE2 1 
ATOM   650  N N   . LYS A 1 79  ? -6.579  2.583   3.144   1.00 32.43  ? 79  LYS A N   1 
ATOM   651  C CA  . LYS A 1 79  ? -7.508  3.695   3.262   1.00 31.99  ? 79  LYS A CA  1 
ATOM   652  C C   . LYS A 1 79  ? -6.894  5.008   2.832   1.00 37.02  ? 79  LYS A C   1 
ATOM   653  O O   . LYS A 1 79  ? -5.747  5.298   3.203   1.00 34.31  ? 79  LYS A O   1 
ATOM   654  C CB  . LYS A 1 79  ? -7.971  3.864   4.693   1.00 31.06  ? 79  LYS A CB  1 
ATOM   655  C CG  . LYS A 1 79  ? -8.955  2.805   5.138   1.00 32.59  ? 79  LYS A CG  1 
ATOM   656  C CD  . LYS A 1 79  ? -9.290  2.960   6.600   1.00 35.52  ? 79  LYS A CD  1 
ATOM   657  C CE  . LYS A 1 79  ? -10.428 2.036   6.961   1.00 40.76  ? 79  LYS A CE  1 
ATOM   658  N NZ  . LYS A 1 79  ? -10.675 2.081   8.427   1.00 42.93  ? 79  LYS A NZ  1 
ATOM   659  N N   . VAL A 1 80  ? -7.666  5.793   2.041   1.00 36.06  ? 80  VAL A N   1 
ATOM   660  C CA  . VAL A 1 80  ? -7.348  7.159   1.761   1.00 35.17  ? 80  VAL A CA  1 
ATOM   661  C C   . VAL A 1 80  ? -8.009  8.076   2.802   1.00 34.04  ? 80  VAL A C   1 
ATOM   662  O O   . VAL A 1 80  ? -9.237  8.062   2.983   1.00 28.85  ? 80  VAL A O   1 
ATOM   663  C CB  . VAL A 1 80  ? -7.814  7.613   0.372   1.00 40.28  ? 80  VAL A CB  1 
ATOM   664  C CG1 . VAL A 1 80  ? -7.490  9.089   0.185   1.00 41.17  ? 80  VAL A CG1 1 
ATOM   665  C CG2 . VAL A 1 80  ? -7.125  6.847   -0.719  1.00 41.54  ? 80  VAL A CG2 1 
ATOM   666  N N   . TYR A 1 81  ? -7.185  8.914   3.430   1.00 27.61  ? 81  TYR A N   1 
ATOM   667  C CA  . TYR A 1 81  ? -7.622  9.869   4.421   1.00 28.15  ? 81  TYR A CA  1 
ATOM   668  C C   . TYR A 1 81  ? -7.305  11.257  3.926   1.00 29.95  ? 81  TYR A C   1 
ATOM   669  O O   . TYR A 1 81  ? -6.165  11.540  3.501   1.00 28.75  ? 81  TYR A O   1 
ATOM   670  C CB  . TYR A 1 81  ? -6.900  9.646   5.766   1.00 31.33  ? 81  TYR A CB  1 
ATOM   671  C CG  . TYR A 1 81  ? -7.446  8.534   6.606   1.00 32.98  ? 81  TYR A CG  1 
ATOM   672  C CD1 . TYR A 1 81  ? -8.585  8.732   7.414   1.00 37.48  ? 81  TYR A CD1 1 
ATOM   673  C CD2 . TYR A 1 81  ? -6.853  7.301   6.618   1.00 32.84  ? 81  TYR A CD2 1 
ATOM   674  C CE1 . TYR A 1 81  ? -9.074  7.726   8.225   1.00 35.48  ? 81  TYR A CE1 1 
ATOM   675  C CE2 . TYR A 1 81  ? -7.351  6.262   7.409   1.00 36.52  ? 81  TYR A CE2 1 
ATOM   676  C CZ  . TYR A 1 81  ? -8.455  6.480   8.204   1.00 39.16  ? 81  TYR A CZ  1 
ATOM   677  O OH  . TYR A 1 81  ? -8.929  5.463   8.986   1.00 45.61  ? 81  TYR A OH  1 
ATOM   678  N N   . PHE A 1 82  ? -8.309  12.136  3.982   1.00 26.31  ? 82  PHE A N   1 
ATOM   679  C CA  . PHE A 1 82  ? -8.142  13.526  3.651   1.00 27.27  ? 82  PHE A CA  1 
ATOM   680  C C   . PHE A 1 82  ? -8.488  14.326  4.869   1.00 30.69  ? 82  PHE A C   1 
ATOM   681  O O   . PHE A 1 82  ? -9.617  14.277  5.369   1.00 29.42  ? 82  PHE A O   1 
ATOM   682  C CB  . PHE A 1 82  ? -9.006  13.922  2.441   1.00 26.55  ? 82  PHE A CB  1 
ATOM   683  C CG  . PHE A 1 82  ? -9.091  15.405  2.224   1.00 25.28  ? 82  PHE A CG  1 
ATOM   684  C CD1 . PHE A 1 82  ? -8.071  16.086  1.536   1.00 25.85  ? 82  PHE A CD1 1 
ATOM   685  C CD2 . PHE A 1 82  ? -10.178 16.123  2.717   1.00 24.31  ? 82  PHE A CD2 1 
ATOM   686  C CE1 . PHE A 1 82  ? -8.141  17.466  1.350   1.00 25.19  ? 82  PHE A CE1 1 
ATOM   687  C CE2 . PHE A 1 82  ? -10.278 17.491  2.531   1.00 26.11  ? 82  PHE A CE2 1 
ATOM   688  C CZ  . PHE A 1 82  ? -9.254  18.174  1.833   1.00 26.49  ? 82  PHE A CZ  1 
ATOM   689  N N   . LYS A 1 83  ? -7.501  15.046  5.345   1.00 33.26  ? 83  LYS A N   1 
ATOM   690  C CA  . LYS A 1 83  ? -7.575  15.767  6.601   1.00 37.61  ? 83  LYS A CA  1 
ATOM   691  C C   . LYS A 1 83  ? -8.181  14.904  7.703   1.00 37.41  ? 83  LYS A C   1 
ATOM   692  O O   . LYS A 1 83  ? -8.971  15.410  8.504   1.00 30.88  ? 83  LYS A O   1 
ATOM   693  C CB  . LYS A 1 83  ? -8.368  17.087  6.438   1.00 37.10  ? 83  LYS A CB  1 
ATOM   694  C CG  . LYS A 1 83  ? -7.753  18.066  5.435   1.00 34.58  ? 83  LYS A CG  1 
ATOM   695  C CD  . LYS A 1 83  ? -8.330  19.478  5.567   1.00 35.90  ? 83  LYS A CD  1 
ATOM   696  C CE  . LYS A 1 83  ? -7.799  20.394  4.471   1.00 35.17  ? 83  LYS A CE  1 
ATOM   697  N NZ  . LYS A 1 83  ? -8.340  21.769  4.543   1.00 33.17  ? 83  LYS A NZ  1 
ATOM   698  N N   . GLY A 1 84  ? -7.761  13.639  7.793   1.00 36.27  ? 84  GLY A N   1 
ATOM   699  C CA  . GLY A 1 84  ? -8.246  12.782  8.898   1.00 38.34  ? 84  GLY A CA  1 
ATOM   700  C C   . GLY A 1 84  ? -9.560  12.073  8.594   1.00 38.57  ? 84  GLY A C   1 
ATOM   701  O O   . GLY A 1 84  ? -9.992  11.198  9.314   1.00 42.31  ? 84  GLY A O   1 
ATOM   702  N N   . GLN A 1 85  ? -10.211 12.404  7.496   1.00 41.12  ? 85  GLN A N   1 
ATOM   703  C CA  . GLN A 1 85  ? -11.432 11.676  7.107   1.00 36.72  ? 85  GLN A CA  1 
ATOM   704  C C   . GLN A 1 85  ? -11.276 10.611  5.979   1.00 34.37  ? 85  GLN A C   1 
ATOM   705  O O   . GLN A 1 85  ? -10.726 10.928  4.901   1.00 38.24  ? 85  GLN A O   1 
ATOM   706  C CB  . GLN A 1 85  ? -12.420 12.741  6.645   1.00 39.09  ? 85  GLN A CB  1 
ATOM   707  C CG  . GLN A 1 85  ? -13.691 12.130  6.118   1.00 44.78  ? 85  GLN A CG  1 
ATOM   708  C CD  . GLN A 1 85  ? -14.759 13.175  5.857   1.00 49.73  ? 85  GLN A CD  1 
ATOM   709  O OE1 . GLN A 1 85  ? -14.800 14.236  6.474   1.00 54.96  ? 85  GLN A OE1 1 
ATOM   710  N NE2 . GLN A 1 85  ? -15.619 12.871  4.941   1.00 43.47  ? 85  GLN A NE2 1 
ATOM   711  N N   . CYS A 1 86  ? -11.844 9.398   6.144   1.00 32.78  ? 86  CYS A N   1 
ATOM   712  C CA  . CYS A 1 86  ? -11.721 8.322   5.147   1.00 34.81  ? 86  CYS A CA  1 
ATOM   713  C C   . CYS A 1 86  ? -12.617 8.567   3.942   1.00 35.30  ? 86  CYS A C   1 
ATOM   714  O O   . CYS A 1 86  ? -13.791 8.718   4.048   1.00 43.55  ? 86  CYS A O   1 
ATOM   715  C CB  . CYS A 1 86  ? -11.909 6.890   5.760   1.00 37.74  ? 86  CYS A CB  1 
ATOM   716  S SG  . CYS A 1 86  ? -11.688 5.567   4.555   1.00 44.46  ? 86  CYS A SG  1 
ATOM   717  N N   . LEU A 1 87  ? -12.038 8.643   2.772   1.00 38.42  ? 87  LEU A N   1 
ATOM   718  C CA  . LEU A 1 87  ? -12.792 8.835   1.548   1.00 40.52  ? 87  LEU A CA  1 
ATOM   719  C C   . LEU A 1 87  ? -12.944 7.552   0.720   1.00 46.30  ? 87  LEU A C   1 
ATOM   720  O O   . LEU A 1 87  ? -13.746 7.515   -0.207  1.00 41.66  ? 87  LEU A O   1 
ATOM   721  C CB  . LEU A 1 87  ? -12.063 9.792   0.640   1.00 35.94  ? 87  LEU A CB  1 
ATOM   722  C CG  . LEU A 1 87  ? -11.612 11.139  1.182   1.00 36.92  ? 87  LEU A CG  1 
ATOM   723  C CD1 . LEU A 1 87  ? -10.979 11.874  0.035   1.00 39.83  ? 87  LEU A CD1 1 
ATOM   724  C CD2 . LEU A 1 87  ? -12.703 11.955  1.823   1.00 41.57  ? 87  LEU A CD2 1 
ATOM   725  N N   . GLU A 1 88  ? -12.125 6.537   0.999   1.00 43.21  ? 88  GLU A N   1 
ATOM   726  C CA  . GLU A 1 88  ? -12.057 5.377   0.138   1.00 41.97  ? 88  GLU A CA  1 
ATOM   727  C C   . GLU A 1 88  ? -11.222 4.312   0.842   1.00 45.21  ? 88  GLU A C   1 
ATOM   728  O O   . GLU A 1 88  ? -10.293 4.669   1.614   1.00 36.59  ? 88  GLU A O   1 
ATOM   729  C CB  . GLU A 1 88  ? -11.428 5.746   -1.211  1.00 47.35  ? 88  GLU A CB  1 
ATOM   730  C CG  . GLU A 1 88  ? -11.609 4.618   -2.182  1.00 53.12  ? 88  GLU A CG  1 
ATOM   731  C CD  . GLU A 1 88  ? -11.309 4.990   -3.614  1.00 68.81  ? 88  GLU A CD  1 
ATOM   732  O OE1 . GLU A 1 88  ? -11.694 4.168   -4.486  1.00 69.97  ? 88  GLU A OE1 1 
ATOM   733  O OE2 . GLU A 1 88  ? -10.672 6.054   -3.862  1.00 66.54  ? 88  GLU A OE2 1 
ATOM   734  N N   . GLU A 1 89  ? -11.582 3.037   0.589   1.00 41.93  ? 89  GLU A N   1 
ATOM   735  C CA  . GLU A 1 89  ? -10.966 1.841   1.183   1.00 44.47  ? 89  GLU A CA  1 
ATOM   736  C C   . GLU A 1 89  ? -10.845 0.766   0.122   1.00 45.07  ? 89  GLU A C   1 
ATOM   737  O O   . GLU A 1 89  ? -11.758 0.596   -0.697  1.00 37.22  ? 89  GLU A O   1 
ATOM   738  C CB  . GLU A 1 89  ? -11.775 1.269   2.357   1.00 47.95  ? 89  GLU A CB  1 
ATOM   739  C CG  . GLU A 1 89  ? -11.084 0.054   3.051   1.00 54.67  ? 89  GLU A CG  1 
ATOM   740  C CD  . GLU A 1 89  ? -11.613 -0.260  4.446   1.00 50.85  ? 89  GLU A CD  1 
ATOM   741  O OE1 . GLU A 1 89  ? -12.662 0.241   4.765   1.00 53.44  ? 89  GLU A OE1 1 
ATOM   742  O OE2 . GLU A 1 89  ? -10.986 -0.989  5.254   1.00 57.37  ? 89  GLU A OE2 1 
ATOM   743  N N   . TRP A 1 90  ? -9.720  0.046   0.135   1.00 38.09  ? 90  TRP A N   1 
ATOM   744  C CA  . TRP A 1 90  ? -9.548  -1.181  -0.694  1.00 38.08  ? 90  TRP A CA  1 
ATOM   745  C C   . TRP A 1 90  ? -9.082  -2.376  0.109   1.00 35.28  ? 90  TRP A C   1 
ATOM   746  O O   . TRP A 1 90  ? -8.399  -2.222  1.103   1.00 33.43  ? 90  TRP A O   1 
ATOM   747  C CB  . TRP A 1 90  ? -8.507  -1.006  -1.772  1.00 39.30  ? 90  TRP A CB  1 
ATOM   748  C CG  . TRP A 1 90  ? -8.760  0.074   -2.714  1.00 48.24  ? 90  TRP A CG  1 
ATOM   749  C CD1 . TRP A 1 90  ? -9.367  -0.008  -3.957  1.00 52.89  ? 90  TRP A CD1 1 
ATOM   750  C CD2 . TRP A 1 90  ? -8.379  1.424   -2.545  1.00 49.16  ? 90  TRP A CD2 1 
ATOM   751  N NE1 . TRP A 1 90  ? -9.399  1.236   -4.547  1.00 49.87  ? 90  TRP A NE1 1 
ATOM   752  C CE2 . TRP A 1 90  ? -8.803  2.132   -3.694  1.00 54.76  ? 90  TRP A CE2 1 
ATOM   753  C CE3 . TRP A 1 90  ? -7.713  2.111   -1.538  1.00 51.39  ? 90  TRP A CE3 1 
ATOM   754  C CZ2 . TRP A 1 90  ? -8.556  3.496   -3.854  1.00 58.73  ? 90  TRP A CZ2 1 
ATOM   755  C CZ3 . TRP A 1 90  ? -7.483  3.451   -1.685  1.00 59.26  ? 90  TRP A CZ3 1 
ATOM   756  C CH2 . TRP A 1 90  ? -7.893  4.137   -2.839  1.00 58.74  ? 90  TRP A CH2 1 
ATOM   757  N N   . PHE A 1 91  ? -9.389  -3.558  -0.389  1.00 35.11  ? 91  PHE A N   1 
ATOM   758  C CA  . PHE A 1 91  ? -8.936  -4.828  0.167   1.00 35.44  ? 91  PHE A CA  1 
ATOM   759  C C   . PHE A 1 91  ? -8.243  -5.540  -0.985  1.00 36.34  ? 91  PHE A C   1 
ATOM   760  O O   . PHE A 1 91  ? -8.740  -5.548  -2.087  1.00 37.08  ? 91  PHE A O   1 
ATOM   761  C CB  . PHE A 1 91  ? -10.122 -5.635  0.713   1.00 36.55  ? 91  PHE A CB  1 
ATOM   762  C CG  . PHE A 1 91  ? -10.934 -4.885  1.756   1.00 35.40  ? 91  PHE A CG  1 
ATOM   763  C CD1 . PHE A 1 91  ? -11.876 -3.943  1.381   1.00 37.01  ? 91  PHE A CD1 1 
ATOM   764  C CD2 . PHE A 1 91  ? -10.702 -5.076  3.118   1.00 39.12  ? 91  PHE A CD2 1 
ATOM   765  C CE1 . PHE A 1 91  ? -12.558 -3.217  2.351   1.00 39.27  ? 91  PHE A CE1 1 
ATOM   766  C CE2 . PHE A 1 91  ? -11.402 -4.377  4.099   1.00 38.08  ? 91  PHE A CE2 1 
ATOM   767  C CZ  . PHE A 1 91  ? -12.343 -3.446  3.723   1.00 38.22  ? 91  PHE A CZ  1 
ATOM   768  N N   . PHE A 1 92  ? -7.055  -6.065  -0.749  1.00 31.22  ? 92  PHE A N   1 
ATOM   769  C CA  . PHE A 1 92  ? -6.387  -6.868  -1.735  1.00 31.88  ? 92  PHE A CA  1 
ATOM   770  C C   . PHE A 1 92  ? -5.823  -8.110  -1.061  1.00 32.98  ? 92  PHE A C   1 
ATOM   771  O O   . PHE A 1 92  ? -5.280  -8.024  0.033   1.00 32.83  ? 92  PHE A O   1 
ATOM   772  C CB  . PHE A 1 92  ? -5.198  -6.113  -2.335  1.00 29.90  ? 92  PHE A CB  1 
ATOM   773  C CG  . PHE A 1 92  ? -5.566  -4.848  -3.047  1.00 35.25  ? 92  PHE A CG  1 
ATOM   774  C CD1 . PHE A 1 92  ? -6.107  -4.898  -4.324  1.00 37.67  ? 92  PHE A CD1 1 
ATOM   775  C CD2 . PHE A 1 92  ? -5.362  -3.614  -2.448  1.00 33.20  ? 92  PHE A CD2 1 
ATOM   776  C CE1 . PHE A 1 92  ? -6.445  -3.730  -4.977  1.00 42.46  ? 92  PHE A CE1 1 
ATOM   777  C CE2 . PHE A 1 92  ? -5.713  -2.454  -3.093  1.00 34.97  ? 92  PHE A CE2 1 
ATOM   778  C CZ  . PHE A 1 92  ? -6.238  -2.512  -4.359  1.00 41.12  ? 92  PHE A CZ  1 
ATOM   779  N N   . GLU A 1 93  ? -5.906  -9.239  -1.745  1.00 35.16  ? 93  GLU A N   1 
ATOM   780  C CA  . GLU A 1 93  ? -5.495  -10.483 -1.220  1.00 36.24  ? 93  GLU A CA  1 
ATOM   781  C C   . GLU A 1 93  ? -4.349  -11.029 -2.081  1.00 36.85  ? 93  GLU A C   1 
ATOM   782  O O   . GLU A 1 93  ? -4.471  -11.134 -3.279  1.00 30.60  ? 93  GLU A O   1 
ATOM   783  C CB  . GLU A 1 93  ? -6.636  -11.468 -1.140  1.00 42.88  ? 93  GLU A CB  1 
ATOM   784  C CG  . GLU A 1 93  ? -6.124  -12.844 -0.670  1.00 50.63  ? 93  GLU A CG  1 
ATOM   785  C CD  . GLU A 1 93  ? -7.200  -13.916 -0.447  1.00 57.61  ? 93  GLU A CD  1 
ATOM   786  O OE1 . GLU A 1 93  ? -6.898  -15.108 -0.718  1.00 63.65  ? 93  GLU A OE1 1 
ATOM   787  O OE2 . GLU A 1 93  ? -8.312  -13.585 0.027   1.00 52.15  ? 93  GLU A OE2 1 
ATOM   788  N N   . PHE A 1 94  ? -3.211  -11.316 -1.455  1.00 34.27  ? 94  PHE A N   1 
ATOM   789  C CA  . PHE A 1 94  ? -2.123  -12.023 -2.149  1.00 33.10  ? 94  PHE A CA  1 
ATOM   790  C C   . PHE A 1 94  ? -2.305  -13.506 -1.926  1.00 33.03  ? 94  PHE A C   1 
ATOM   791  O O   . PHE A 1 94  ? -2.184  -14.249 -2.833  1.00 32.62  ? 94  PHE A O   1 
ATOM   792  C CB  . PHE A 1 94  ? -0.758  -11.618 -1.608  1.00 32.42  ? 94  PHE A CB  1 
ATOM   793  C CG  . PHE A 1 94  ? 0.388   -12.367 -2.258  1.00 33.95  ? 94  PHE A CG  1 
ATOM   794  C CD1 . PHE A 1 94  ? 0.909   -11.924 -3.462  1.00 33.77  ? 94  PHE A CD1 1 
ATOM   795  C CD2 . PHE A 1 94  ? 0.907   -13.526 -1.689  1.00 31.66  ? 94  PHE A CD2 1 
ATOM   796  C CE1 . PHE A 1 94  ? 1.925   -12.601 -4.115  1.00 34.36  ? 94  PHE A CE1 1 
ATOM   797  C CE2 . PHE A 1 94  ? 1.923   -14.211 -2.326  1.00 33.74  ? 94  PHE A CE2 1 
ATOM   798  C CZ  . PHE A 1 94  ? 2.453   -13.731 -3.528  1.00 37.61  ? 94  PHE A CZ  1 
ATOM   799  N N   . GLY A 1 95  ? -2.545  -13.931 -0.678  1.00 33.16  ? 95  GLY A N   1 
ATOM   800  C CA  . GLY A 1 95  ? -2.677  -15.376 -0.362  1.00 33.72  ? 95  GLY A CA  1 
ATOM   801  C C   . GLY A 1 95  ? -1.402  -15.924 0.304   1.00 34.40  ? 95  GLY A C   1 
ATOM   802  O O   . GLY A 1 95  ? -0.761  -15.264 1.129   1.00 32.95  ? 95  GLY A O   1 
ATOM   803  N N   . PHE A 1 96  ? -1.052  -17.130 -0.082  1.00 31.97  ? 96  PHE A N   1 
ATOM   804  C CA  . PHE A 1 96  ? -0.096  -17.916 0.588   1.00 33.69  ? 96  PHE A CA  1 
ATOM   805  C C   . PHE A 1 96  ? 1.275   -17.416 0.181   1.00 33.30  ? 96  PHE A C   1 
ATOM   806  O O   . PHE A 1 96  ? 1.518   -17.078 -0.968  1.00 31.01  ? 96  PHE A O   1 
ATOM   807  C CB  . PHE A 1 96  ? -0.264  -19.421 0.242   1.00 34.49  ? 96  PHE A CB  1 
ATOM   808  C CG  . PHE A 1 96  ? 0.817   -20.308 0.875   1.00 34.74  ? 96  PHE A CG  1 
ATOM   809  C CD1 . PHE A 1 96  ? 0.734   -20.705 2.206   1.00 38.33  ? 96  PHE A CD1 1 
ATOM   810  C CD2 . PHE A 1 96  ? 1.927   -20.698 0.155   1.00 33.89  ? 96  PHE A CD2 1 
ATOM   811  C CE1 . PHE A 1 96  ? 1.743   -21.501 2.800   1.00 34.78  ? 96  PHE A CE1 1 
ATOM   812  C CE2 . PHE A 1 96  ? 2.914   -21.519 0.731   1.00 33.30  ? 96  PHE A CE2 1 
ATOM   813  C CZ  . PHE A 1 96  ? 2.822   -21.883 2.055   1.00 30.03  ? 96  PHE A CZ  1 
ATOM   814  N N   . VAL A 1 97  ? 2.167   -17.332 1.145   1.00 30.67  ? 97  VAL A N   1 
ATOM   815  C CA  . VAL A 1 97  ? 3.531   -16.886 0.880   1.00 28.86  ? 97  VAL A CA  1 
ATOM   816  C C   . VAL A 1 97  ? 4.481   -17.909 1.427   1.00 28.56  ? 97  VAL A C   1 
ATOM   817  O O   . VAL A 1 97  ? 4.427   -18.254 2.630   1.00 29.38  ? 97  VAL A O   1 
ATOM   818  C CB  . VAL A 1 97  ? 3.802   -15.518 1.611   1.00 29.20  ? 97  VAL A CB  1 
ATOM   819  C CG1 . VAL A 1 97  ? 5.256   -15.049 1.461   1.00 25.27  ? 97  VAL A CG1 1 
ATOM   820  C CG2 . VAL A 1 97  ? 2.815   -14.467 1.069   1.00 31.25  ? 97  VAL A CG2 1 
ATOM   821  N N   . ILE A 1 98  ? 5.362   -18.362 0.559   1.00 31.72  ? 98  ILE A N   1 
ATOM   822  C CA  . ILE A 1 98  ? 6.391   -19.349 0.890   1.00 31.16  ? 98  ILE A CA  1 
ATOM   823  C C   . ILE A 1 98  ? 7.457   -18.673 1.774   1.00 28.37  ? 98  ILE A C   1 
ATOM   824  O O   . ILE A 1 98  ? 7.934   -17.610 1.436   1.00 28.22  ? 98  ILE A O   1 
ATOM   825  C CB  . ILE A 1 98  ? 7.082   -19.811 -0.414  1.00 34.99  ? 98  ILE A CB  1 
ATOM   826  C CG1 . ILE A 1 98  ? 6.251   -20.849 -1.146  1.00 44.12  ? 98  ILE A CG1 1 
ATOM   827  C CG2 . ILE A 1 98  ? 8.488   -20.396 -0.191  1.00 37.03  ? 98  ILE A CG2 1 
ATOM   828  C CD1 . ILE A 1 98  ? 6.452   -20.798 -2.667  1.00 50.04  ? 98  ILE A CD1 1 
ATOM   829  N N   . PRO A 1 99  ? 7.853   -19.291 2.879   1.00 25.90  ? 99  PRO A N   1 
ATOM   830  C CA  . PRO A 1 99  ? 8.934   -18.745 3.707   1.00 26.60  ? 99  PRO A CA  1 
ATOM   831  C C   . PRO A 1 99  ? 10.203  -18.539 2.871   1.00 27.18  ? 99  PRO A C   1 
ATOM   832  O O   . PRO A 1 99  ? 10.508  -19.411 2.087   1.00 29.22  ? 99  PRO A O   1 
ATOM   833  C CB  . PRO A 1 99  ? 9.204   -19.872 4.708   1.00 27.80  ? 99  PRO A CB  1 
ATOM   834  C CG  . PRO A 1 99  ? 8.597   -21.151 4.114   1.00 26.72  ? 99  PRO A CG  1 
ATOM   835  C CD  . PRO A 1 99  ? 7.444   -20.636 3.318   1.00 28.49  ? 99  PRO A CD  1 
ATOM   836  N N   . ASN A 1 100 ? 10.885  -17.404 3.042   1.00 27.32  ? 100 ASN A N   1 
ATOM   837  C CA  . ASN A 1 100 ? 12.111  -17.044 2.345   1.00 33.42  ? 100 ASN A CA  1 
ATOM   838  C C   . ASN A 1 100 ? 11.960  -16.863 0.833   1.00 34.42  ? 100 ASN A C   1 
ATOM   839  O O   . ASN A 1 100 ? 12.914  -17.076 0.101   1.00 36.17  ? 100 ASN A O   1 
ATOM   840  C CB  . ASN A 1 100 ? 13.218  -18.094 2.624   1.00 34.67  ? 100 ASN A CB  1 
ATOM   841  C CG  . ASN A 1 100 ? 13.566  -18.199 4.120   1.00 34.74  ? 100 ASN A CG  1 
ATOM   842  O OD1 . ASN A 1 100 ? 13.367  -19.238 4.745   1.00 36.74  ? 100 ASN A OD1 1 
ATOM   843  N ND2 . ASN A 1 100 ? 14.005  -17.117 4.687   1.00 33.19  ? 100 ASN A ND2 1 
ATOM   844  N N   . SER A 1 101 ? 10.773  -16.476 0.386   1.00 31.87  ? 101 SER A N   1 
ATOM   845  C CA  . SER A 1 101 ? 10.524  -16.144 -0.999  1.00 32.07  ? 101 SER A CA  1 
ATOM   846  C C   . SER A 1 101 ? 10.559  -14.623 -1.216  1.00 34.42  ? 101 SER A C   1 
ATOM   847  O O   . SER A 1 101 ? 10.428  -13.800 -0.284  1.00 32.93  ? 101 SER A O   1 
ATOM   848  C CB  . SER A 1 101 ? 9.167   -16.658 -1.445  1.00 30.55  ? 101 SER A CB  1 
ATOM   849  O OG  . SER A 1 101 ? 8.146   -16.030 -0.667  1.00 31.21  ? 101 SER A OG  1 
ATOM   850  N N   . THR A 1 102 ? 10.787  -14.284 -2.464  1.00 30.99  ? 102 THR A N   1 
ATOM   851  C CA  . THR A 1 102 ? 10.646  -12.962 -2.984  1.00 31.79  ? 102 THR A CA  1 
ATOM   852  C C   . THR A 1 102 ? 9.563   -13.052 -4.065  1.00 34.19  ? 102 THR A C   1 
ATOM   853  O O   . THR A 1 102 ? 9.537   -13.997 -4.851  1.00 35.29  ? 102 THR A O   1 
ATOM   854  C CB  . THR A 1 102 ? 12.007  -12.523 -3.532  1.00 33.32  ? 102 THR A CB  1 
ATOM   855  O OG1 . THR A 1 102 ? 12.845  -12.286 -2.423  1.00 36.06  ? 102 THR A OG1 1 
ATOM   856  C CG2 . THR A 1 102 ? 11.919  -11.248 -4.299  1.00 32.35  ? 102 THR A CG2 1 
ATOM   857  N N   . ASN A 1 103 ? 8.619   -12.116 -4.041  1.00 33.89  ? 103 ASN A N   1 
ATOM   858  C CA  . ASN A 1 103 ? 7.418   -12.213 -4.843  1.00 31.64  ? 103 ASN A CA  1 
ATOM   859  C C   . ASN A 1 103 ? 7.066   -10.861 -5.452  1.00 37.74  ? 103 ASN A C   1 
ATOM   860  O O   . ASN A 1 103 ? 7.313   -9.795  -4.831  1.00 36.69  ? 103 ASN A O   1 
ATOM   861  C CB  . ASN A 1 103 ? 6.252   -12.657 -3.982  1.00 31.76  ? 103 ASN A CB  1 
ATOM   862  C CG  . ASN A 1 103 ? 6.548   -13.901 -3.178  1.00 33.44  ? 103 ASN A CG  1 
ATOM   863  O OD1 . ASN A 1 103 ? 6.212   -15.010 -3.581  1.00 39.72  ? 103 ASN A OD1 1 
ATOM   864  N ND2 . ASN A 1 103 ? 7.163   -13.719 -2.028  1.00 32.31  ? 103 ASN A ND2 1 
ATOM   865  N N   . THR A 1 104 ? 6.456   -10.913 -6.642  1.00 37.09  ? 104 THR A N   1 
ATOM   866  C CA  . THR A 1 104 ? 5.981   -9.725  -7.359  1.00 36.42  ? 104 THR A CA  1 
ATOM   867  C C   . THR A 1 104 ? 4.509   -9.821  -7.435  1.00 34.60  ? 104 THR A C   1 
ATOM   868  O O   . THR A 1 104 ? 4.009   -10.773 -7.954  1.00 35.67  ? 104 THR A O   1 
ATOM   869  C CB  . THR A 1 104 ? 6.568   -9.641  -8.769  1.00 38.11  ? 104 THR A CB  1 
ATOM   870  O OG1 . THR A 1 104 ? 7.907   -9.231  -8.624  1.00 38.09  ? 104 THR A OG1 1 
ATOM   871  C CG2 . THR A 1 104 ? 5.856   -8.588  -9.630  1.00 38.99  ? 104 THR A CG2 1 
ATOM   872  N N   . TRP A 1 105 ? 3.823   -8.844  -6.881  1.00 33.70  ? 105 TRP A N   1 
ATOM   873  C CA  . TRP A 1 105 ? 2.384   -8.889  -6.784  1.00 38.92  ? 105 TRP A CA  1 
ATOM   874  C C   . TRP A 1 105 ? 1.758   -7.785  -7.640  1.00 40.51  ? 105 TRP A C   1 
ATOM   875  O O   . TRP A 1 105 ? 2.102   -6.604  -7.510  1.00 38.56  ? 105 TRP A O   1 
ATOM   876  C CB  . TRP A 1 105 ? 2.022   -8.651  -5.336  1.00 37.21  ? 105 TRP A CB  1 
ATOM   877  C CG  . TRP A 1 105 ? 0.577   -8.724  -5.082  1.00 38.07  ? 105 TRP A CG  1 
ATOM   878  C CD1 . TRP A 1 105 ? -0.400  -9.165  -5.933  1.00 35.04  ? 105 TRP A CD1 1 
ATOM   879  C CD2 . TRP A 1 105 ? -0.074  -8.393  -3.855  1.00 35.17  ? 105 TRP A CD2 1 
ATOM   880  N NE1 . TRP A 1 105 ? -1.628  -9.079  -5.305  1.00 35.84  ? 105 TRP A NE1 1 
ATOM   881  C CE2 . TRP A 1 105 ? -1.451  -8.609  -4.038  1.00 30.38  ? 105 TRP A CE2 1 
ATOM   882  C CE3 . TRP A 1 105 ? 0.378   -7.923  -2.625  1.00 35.19  ? 105 TRP A CE3 1 
ATOM   883  C CZ2 . TRP A 1 105 ? -2.373  -8.389  -3.043  1.00 35.90  ? 105 TRP A CZ2 1 
ATOM   884  C CZ3 . TRP A 1 105 ? -0.552  -7.692  -1.631  1.00 36.35  ? 105 TRP A CZ3 1 
ATOM   885  C CH2 . TRP A 1 105 ? -1.921  -7.915  -1.844  1.00 30.63  ? 105 TRP A CH2 1 
ATOM   886  N N   . GLN A 1 106 ? 0.873   -8.176  -8.526  1.00 38.80  ? 106 GLN A N   1 
ATOM   887  C CA  . GLN A 1 106 ? 0.197   -7.250  -9.373  1.00 43.87  ? 106 GLN A CA  1 
ATOM   888  C C   . GLN A 1 106 ? -1.236  -7.037  -8.905  1.00 40.35  ? 106 GLN A C   1 
ATOM   889  O O   . GLN A 1 106 ? -1.984  -8.000  -8.695  1.00 38.72  ? 106 GLN A O   1 
ATOM   890  C CB  . GLN A 1 106 ? 0.184   -7.788  -10.782 1.00 54.65  ? 106 GLN A CB  1 
ATOM   891  C CG  . GLN A 1 106 ? 0.064   -6.702  -11.843 1.00 70.86  ? 106 GLN A CG  1 
ATOM   892  C CD  . GLN A 1 106 ? 1.070   -6.903  -12.991 1.00 82.51  ? 106 GLN A CD  1 
ATOM   893  O OE1 . GLN A 1 106 ? 2.226   -7.310  -12.776 1.00 78.65  ? 106 GLN A OE1 1 
ATOM   894  N NE2 . GLN A 1 106 ? 0.626   -6.620  -14.212 1.00 79.18  ? 106 GLN A NE2 1 
ATOM   895  N N   . SER A 1 107 ? -1.615  -5.763  -8.779  1.00 38.64  ? 107 SER A N   1 
ATOM   896  C CA  . SER A 1 107 ? -2.953  -5.362  -8.349  1.00 38.45  ? 107 SER A CA  1 
ATOM   897  C C   . SER A 1 107 ? -3.505  -4.218  -9.201  1.00 39.15  ? 107 SER A C   1 
ATOM   898  O O   . SER A 1 107 ? -2.759  -3.391  -9.700  1.00 42.32  ? 107 SER A O   1 
ATOM   899  C CB  . SER A 1 107 ? -2.939  -4.893  -6.891  1.00 38.44  ? 107 SER A CB  1 
ATOM   900  O OG  . SER A 1 107 ? -2.726  -5.945  -5.992  1.00 43.27  ? 107 SER A OG  1 
ATOM   901  N N   . LEU A 1 108 ? -4.827  -4.164  -9.320  1.00 40.04  ? 108 LEU A N   1 
ATOM   902  C CA  . LEU A 1 108 ? -5.500  -3.111  -10.054 1.00 41.60  ? 108 LEU A CA  1 
ATOM   903  C C   . LEU A 1 108 ? -6.324  -2.274  -9.062  1.00 44.35  ? 108 LEU A C   1 
ATOM   904  O O   . LEU A 1 108 ? -7.227  -2.802  -8.350  1.00 38.37  ? 108 LEU A O   1 
ATOM   905  C CB  . LEU A 1 108 ? -6.429  -3.735  -11.097 1.00 48.08  ? 108 LEU A CB  1 
ATOM   906  C CG  . LEU A 1 108 ? -7.438  -2.806  -11.838 1.00 49.73  ? 108 LEU A CG  1 
ATOM   907  C CD1 . LEU A 1 108 ? -6.640  -1.907  -12.771 1.00 47.93  ? 108 LEU A CD1 1 
ATOM   908  C CD2 . LEU A 1 108 ? -8.463  -3.645  -12.612 1.00 45.61  ? 108 LEU A CD2 1 
ATOM   909  N N   . ILE A 1 109 ? -6.036  -0.969  -9.015  1.00 39.84  ? 109 ILE A N   1 
ATOM   910  C CA  . ILE A 1 109 ? -6.689  -0.106  -8.049  1.00 43.15  ? 109 ILE A CA  1 
ATOM   911  C C   . ILE A 1 109 ? -7.718  0.770   -8.759  1.00 41.96  ? 109 ILE A C   1 
ATOM   912  O O   . ILE A 1 109 ? -7.357  1.622   -9.572  1.00 42.45  ? 109 ILE A O   1 
ATOM   913  C CB  . ILE A 1 109 ? -5.670  0.755   -7.288  1.00 43.07  ? 109 ILE A CB  1 
ATOM   914  C CG1 . ILE A 1 109 ? -4.522  -0.125  -6.754  1.00 41.94  ? 109 ILE A CG1 1 
ATOM   915  C CG2 . ILE A 1 109 ? -6.393  1.558   -6.195  1.00 46.03  ? 109 ILE A CG2 1 
ATOM   916  C CD1 . ILE A 1 109 ? -3.331  0.640   -6.175  1.00 39.93  ? 109 ILE A CD1 1 
ATOM   917  N N   . SER A 1 110 ? -8.994  0.529   -8.460  1.00 46.49  ? 110 SER A N   1 
ATOM   918  C CA  . SER A 1 110 ? -10.107 1.246   -9.124  1.00 52.59  ? 110 SER A CA  1 
ATOM   919  C C   . SER A 1 110 ? -10.451 2.490   -8.339  1.00 55.95  ? 110 SER A C   1 
ATOM   920  O O   . SER A 1 110 ? -10.535 2.461   -7.081  1.00 54.51  ? 110 SER A O   1 
ATOM   921  C CB  . SER A 1 110 ? -11.366 0.348   -9.280  1.00 50.99  ? 110 SER A CB  1 
ATOM   922  O OG  . SER A 1 110 ? -11.173 -0.702  -10.234 1.00 48.48  ? 110 SER A OG  1 
ATOM   923  N N   . ALA A 1 111 ? -10.645 3.596   -9.062  1.00 61.85  ? 111 ALA A N   1 
ATOM   924  C CA  . ALA A 1 111 ? -11.273 4.780   -8.466  1.00 64.12  ? 111 ALA A CA  1 
ATOM   925  C C   . ALA A 1 111 ? -12.763 4.491   -8.287  1.00 61.20  ? 111 ALA A C   1 
ATOM   926  O O   . ALA A 1 111 ? -13.407 4.088   -9.235  1.00 59.19  ? 111 ALA A O   1 
ATOM   927  C CB  . ALA A 1 111 ? -11.088 6.005   -9.346  1.00 64.13  ? 111 ALA A CB  1 
ATOM   928  N N   . ALA A 1 112 ? -13.277 4.708   -7.073  1.00 59.67  ? 112 ALA A N   1 
ATOM   929  C CA  . ALA A 1 112 ? -14.719 4.794   -6.766  1.00 66.72  ? 112 ALA A CA  1 
ATOM   930  C C   . ALA A 1 112 ? -15.462 5.614   -7.820  1.00 69.96  ? 112 ALA A C   1 
ATOM   931  O O   . ALA A 1 112 ? -15.201 6.806   -7.932  1.00 61.47  ? 112 ALA A O   1 
ATOM   932  C CB  . ALA A 1 112 ? -14.902 5.450   -5.402  1.00 69.29  ? 112 ALA A CB  1 
ATOM   933  N N   . PRO A 1 113 ? -16.384 4.986   -8.600  1.00 82.08  ? 113 PRO A N   1 
ATOM   934  C CA  . PRO A 1 113 ? -16.996 5.700   -9.769  1.00 81.78  ? 113 PRO A CA  1 
ATOM   935  C C   . PRO A 1 113 ? -18.013 6.826   -9.411  1.00 76.90  ? 113 PRO A C   1 
ATOM   936  O O   . PRO A 1 113 ? -18.120 7.810   -10.143 1.00 78.52  ? 113 PRO A O   1 
ATOM   937  C CB  . PRO A 1 113 ? -17.679 4.564   -10.556 1.00 80.87  ? 113 PRO A CB  1 
ATOM   938  C CG  . PRO A 1 113 ? -18.022 3.530   -9.503  1.00 84.95  ? 113 PRO A CG  1 
ATOM   939  C CD  . PRO A 1 113 ? -16.998 3.653   -8.383  1.00 85.77  ? 113 PRO A CD  1 
ATOM   940  N N   . GLU A 1 114 ? -18.712 6.661   -8.283  1.00 76.93  ? 114 GLU A N   1 
ATOM   941  C CA  . GLU A 1 114 ? -19.730 7.599   -7.763  1.00 82.04  ? 114 GLU A CA  1 
ATOM   942  C C   . GLU A 1 114 ? -19.176 8.824   -6.980  1.00 77.06  ? 114 GLU A C   1 
ATOM   943  O O   . GLU A 1 114 ? -19.958 9.671   -6.548  1.00 70.91  ? 114 GLU A O   1 
ATOM   944  C CB  . GLU A 1 114 ? -20.794 6.863   -6.889  1.00 89.63  ? 114 GLU A CB  1 
ATOM   945  C CG  . GLU A 1 114 ? -20.481 5.441   -6.373  1.00 93.18  ? 114 GLU A CG  1 
ATOM   946  C CD  . GLU A 1 114 ? -19.260 5.333   -5.455  1.00 90.34  ? 114 GLU A CD  1 
ATOM   947  O OE1 . GLU A 1 114 ? -19.428 5.045   -4.258  1.00 84.06  ? 114 GLU A OE1 1 
ATOM   948  O OE2 . GLU A 1 114 ? -18.122 5.507   -5.930  1.00 92.22  ? 114 GLU A OE2 1 
ATOM   949  N N   . SER A 1 115 ? -17.859 8.899   -6.778  1.00 68.01  ? 115 SER A N   1 
ATOM   950  C CA  . SER A 1 115 ? -17.190 10.109  -6.248  1.00 61.50  ? 115 SER A CA  1 
ATOM   951  C C   . SER A 1 115 ? -16.605 10.987  -7.355  1.00 52.87  ? 115 SER A C   1 
ATOM   952  O O   . SER A 1 115 ? -16.332 10.514  -8.450  1.00 55.56  ? 115 SER A O   1 
ATOM   953  C CB  . SER A 1 115 ? -16.038 9.714   -5.323  1.00 59.88  ? 115 SER A CB  1 
ATOM   954  O OG  . SER A 1 115 ? -16.546 9.075   -4.172  1.00 70.07  ? 115 SER A OG  1 
ATOM   955  N N   . GLN A 1 116 ? -16.400 12.255  -7.032  1.00 50.85  ? 116 GLN A N   1 
ATOM   956  C CA  . GLN A 1 116 ? -15.700 13.227  -7.893  1.00 52.03  ? 116 GLN A CA  1 
ATOM   957  C C   . GLN A 1 116 ? -14.419 13.712  -7.163  1.00 46.43  ? 116 GLN A C   1 
ATOM   958  O O   . GLN A 1 116 ? -14.451 14.132  -6.007  1.00 43.98  ? 116 GLN A O   1 
ATOM   959  C CB  . GLN A 1 116 ? -16.592 14.448  -8.230  1.00 55.32  ? 116 GLN A CB  1 
ATOM   960  C CG  . GLN A 1 116 ? -17.958 14.177  -8.882  1.00 63.90  ? 116 GLN A CG  1 
ATOM   961  C CD  . GLN A 1 116 ? -19.023 13.741  -7.867  1.00 73.54  ? 116 GLN A CD  1 
ATOM   962  O OE1 . GLN A 1 116 ? -19.305 14.449  -6.881  1.00 75.35  ? 116 GLN A OE1 1 
ATOM   963  N NE2 . GLN A 1 116 ? -19.606 12.561  -8.086  1.00 72.46  ? 116 GLN A NE2 1 
ATOM   964  N N   . MET A 1 117 ? -13.293 13.641  -7.827  1.00 40.68  ? 117 MET A N   1 
ATOM   965  C CA  . MET A 1 117 ? -12.046 14.005  -7.204  1.00 45.05  ? 117 MET A CA  1 
ATOM   966  C C   . MET A 1 117 ? -11.981 15.503  -6.932  1.00 44.07  ? 117 MET A C   1 
ATOM   967  O O   . MET A 1 117 ? -12.334 16.315  -7.807  1.00 39.82  ? 117 MET A O   1 
ATOM   968  C CB  . MET A 1 117 ? -10.902 13.637  -8.142  1.00 50.89  ? 117 MET A CB  1 
ATOM   969  C CG  . MET A 1 117 ? -10.631 12.140  -8.130  1.00 56.34  ? 117 MET A CG  1 
ATOM   970  S SD  . MET A 1 117 ? -9.992  11.568  -6.525  1.00 54.51  ? 117 MET A SD  1 
ATOM   971  C CE  . MET A 1 117 ? -9.783  9.875   -7.072  1.00 57.00  ? 117 MET A CE  1 
ATOM   972  N N   . MET A 1 118 ? -11.516 15.861  -5.732  1.00 35.89  ? 118 MET A N   1 
ATOM   973  C CA  . MET A 1 118 ? -11.117 17.238  -5.451  1.00 34.79  ? 118 MET A CA  1 
ATOM   974  C C   . MET A 1 118 ? -9.899  17.492  -6.309  1.00 31.60  ? 118 MET A C   1 
ATOM   975  O O   . MET A 1 118 ? -9.240  16.560  -6.768  1.00 30.83  ? 118 MET A O   1 
ATOM   976  C CB  . MET A 1 118 ? -10.753 17.413  -4.010  1.00 33.74  ? 118 MET A CB  1 
ATOM   977  C CG  . MET A 1 118 ? -11.958 17.678  -3.156  1.00 35.12  ? 118 MET A CG  1 
ATOM   978  S SD  . MET A 1 118 ? -11.524 17.850  -1.393  1.00 34.76  ? 118 MET A SD  1 
ATOM   979  C CE  . MET A 1 118 ? -11.455 16.087  -1.112  1.00 28.91  ? 118 MET A CE  1 
ATOM   980  N N   . PRO A 1 119 ? -9.586  18.750  -6.559  1.00 30.85  ? 119 PRO A N   1 
ATOM   981  C CA  . PRO A 1 119 ? -8.357  19.035  -7.328  1.00 29.45  ? 119 PRO A CA  1 
ATOM   982  C C   . PRO A 1 119 ? -7.047  18.756  -6.525  1.00 29.52  ? 119 PRO A C   1 
ATOM   983  O O   . PRO A 1 119 ? -7.002  18.855  -5.270  1.00 26.10  ? 119 PRO A O   1 
ATOM   984  C CB  . PRO A 1 119 ? -8.417  20.543  -7.591  1.00 33.69  ? 119 PRO A CB  1 
ATOM   985  C CG  . PRO A 1 119 ? -9.628  21.065  -6.900  1.00 33.82  ? 119 PRO A CG  1 
ATOM   986  C CD  . PRO A 1 119 ? -10.396 19.927  -6.261  1.00 32.57  ? 119 PRO A CD  1 
ATOM   987  N N   . ALA A 1 120 ? -5.996  18.498  -7.283  1.00 27.00  ? 120 ALA A N   1 
ATOM   988  C CA  . ALA A 1 120 ? -4.654  18.251  -6.796  1.00 28.51  ? 120 ALA A CA  1 
ATOM   989  C C   . ALA A 1 120 ? -4.197  19.266  -5.788  1.00 29.01  ? 120 ALA A C   1 
ATOM   990  O O   . ALA A 1 120 ? -3.694  18.908  -4.686  1.00 27.96  ? 120 ALA A O   1 
ATOM   991  C CB  . ALA A 1 120 ? -3.671  18.270  -7.973  1.00 32.16  ? 120 ALA A CB  1 
ATOM   992  N N   . SER A 1 121 ? -4.406  20.535  -6.138  1.00 27.72  ? 121 SER A N   1 
ATOM   993  C CA  . SER A 1 121 ? -3.930  21.603  -5.307  1.00 33.06  ? 121 SER A CA  1 
ATOM   994  C C   . SER A 1 121 ? -4.561  21.573  -3.915  1.00 31.98  ? 121 SER A C   1 
ATOM   995  O O   . SER A 1 121 ? -3.954  22.082  -2.997  1.00 27.12  ? 121 SER A O   1 
ATOM   996  C CB  . SER A 1 121 ? -4.147  22.990  -5.950  1.00 31.59  ? 121 SER A CB  1 
ATOM   997  O OG  . SER A 1 121 ? -5.537  23.306  -6.103  1.00 30.04  ? 121 SER A OG  1 
ATOM   998  N N   . VAL A 1 122 ? -5.776  21.038  -3.804  1.00 26.32  ? 122 VAL A N   1 
ATOM   999  C CA  . VAL A 1 122 ? -6.461  20.973  -2.526  1.00 25.77  ? 122 VAL A CA  1 
ATOM   1000 C C   . VAL A 1 122 ? -6.002  19.737  -1.768  1.00 23.44  ? 122 VAL A C   1 
ATOM   1001 O O   . VAL A 1 122 ? -5.777  19.773  -0.570  1.00 23.60  ? 122 VAL A O   1 
ATOM   1002 C CB  . VAL A 1 122 ? -7.966  20.918  -2.735  1.00 25.52  ? 122 VAL A CB  1 
ATOM   1003 C CG1 . VAL A 1 122 ? -8.685  20.624  -1.431  1.00 27.99  ? 122 VAL A CG1 1 
ATOM   1004 C CG2 . VAL A 1 122 ? -8.465  22.232  -3.304  1.00 27.31  ? 122 VAL A CG2 1 
ATOM   1005 N N   . LEU A 1 123 ? -5.866  18.639  -2.503  1.00 25.55  ? 123 LEU A N   1 
ATOM   1006 C CA  . LEU A 1 123 ? -5.437  17.368  -1.952  1.00 26.85  ? 123 LEU A CA  1 
ATOM   1007 C C   . LEU A 1 123 ? -4.000  17.361  -1.477  1.00 26.73  ? 123 LEU A C   1 
ATOM   1008 O O   . LEU A 1 123 ? -3.698  16.674  -0.515  1.00 26.09  ? 123 LEU A O   1 
ATOM   1009 C CB  . LEU A 1 123 ? -5.628  16.227  -2.963  1.00 28.64  ? 123 LEU A CB  1 
ATOM   1010 C CG  . LEU A 1 123 ? -7.105  15.978  -3.273  1.00 29.86  ? 123 LEU A CG  1 
ATOM   1011 C CD1 . LEU A 1 123 ? -7.227  14.993  -4.447  1.00 31.05  ? 123 LEU A CD1 1 
ATOM   1012 C CD2 . LEU A 1 123 ? -7.920  15.513  -2.042  1.00 25.28  ? 123 LEU A CD2 1 
ATOM   1013 N N   . THR A 1 124 ? -3.129  18.130  -2.107  1.00 27.57  ? 124 THR A N   1 
ATOM   1014 C CA  . THR A 1 124 ? -1.701  17.904  -1.939  1.00 25.44  ? 124 THR A CA  1 
ATOM   1015 C C   . THR A 1 124 ? -1.222  18.122  -0.504  1.00 24.01  ? 124 THR A C   1 
ATOM   1016 O O   . THR A 1 124 ? -1.519  19.132  0.181   1.00 24.28  ? 124 THR A O   1 
ATOM   1017 C CB  . THR A 1 124 ? -0.869  18.644  -2.990  1.00 25.79  ? 124 THR A CB  1 
ATOM   1018 O OG1 . THR A 1 124 ? 0.482   18.119  -2.966  1.00 26.95  ? 124 THR A OG1 1 
ATOM   1019 C CG2 . THR A 1 124 ? -0.831  20.116  -2.713  1.00 23.40  ? 124 THR A CG2 1 
ATOM   1020 N N   . GLY A 1 125 ? -0.559  17.117  0.033   1.00 26.81  ? 125 GLY A N   1 
ATOM   1021 C CA  . GLY A 1 125 ? -0.046  17.233  1.437   1.00 27.37  ? 125 GLY A CA  1 
ATOM   1022 C C   . GLY A 1 125 ? -1.116  17.009  2.484   1.00 27.25  ? 125 GLY A C   1 
ATOM   1023 O O   . GLY A 1 125 ? -0.800  17.017  3.664   1.00 29.31  ? 125 GLY A O   1 
ATOM   1024 N N   . ASN A 1 126 ? -2.379  16.808  2.067   1.00 24.52  ? 126 ASN A N   1 
ATOM   1025 C CA  . ASN A 1 126 ? -3.473  16.611  2.984   1.00 26.58  ? 126 ASN A CA  1 
ATOM   1026 C C   . ASN A 1 126 ? -3.975  15.180  2.941   1.00 29.03  ? 126 ASN A C   1 
ATOM   1027 O O   . ASN A 1 126 ? -4.933  14.814  3.682   1.00 27.79  ? 126 ASN A O   1 
ATOM   1028 C CB  . ASN A 1 126 ? -4.658  17.562  2.653   1.00 24.62  ? 126 ASN A CB  1 
ATOM   1029 C CG  . ASN A 1 126 ? -4.385  18.990  3.031   1.00 24.99  ? 126 ASN A CG  1 
ATOM   1030 O OD1 . ASN A 1 126 ? -4.493  19.905  2.221   1.00 32.05  ? 126 ASN A OD1 1 
ATOM   1031 N ND2 . ASN A 1 126 ? -3.991  19.195  4.222   1.00 23.41  ? 126 ASN A ND2 1 
ATOM   1032 N N   . VAL A 1 127 ? -3.417  14.394  2.018   1.00 25.08  ? 127 VAL A N   1 
ATOM   1033 C CA  . VAL A 1 127 ? -3.849  13.002  1.867   1.00 25.54  ? 127 VAL A CA  1 
ATOM   1034 C C   . VAL A 1 127 ? -2.831  12.020  2.533   1.00 26.39  ? 127 VAL A C   1 
ATOM   1035 O O   . VAL A 1 127 ? -1.612  12.089  2.281   1.00 24.36  ? 127 VAL A O   1 
ATOM   1036 C CB  . VAL A 1 127 ? -3.998  12.649  0.407   1.00 25.64  ? 127 VAL A CB  1 
ATOM   1037 C CG1 . VAL A 1 127 ? -4.157  11.162  0.216   1.00 25.77  ? 127 VAL A CG1 1 
ATOM   1038 C CG2 . VAL A 1 127 ? -5.176  13.404  -0.221  1.00 29.12  ? 127 VAL A CG2 1 
ATOM   1039 N N   . ILE A 1 128 ? -3.343  11.133  3.378   1.00 28.04  ? 128 ILE A N   1 
ATOM   1040 C CA  . ILE A 1 128 ? -2.559  10.036  3.983   1.00 28.44  ? 128 ILE A CA  1 
ATOM   1041 C C   . ILE A 1 128 ? -3.144  8.715   3.495   1.00 27.93  ? 128 ILE A C   1 
ATOM   1042 O O   . ILE A 1 128 ? -4.362  8.533   3.519   1.00 25.52  ? 128 ILE A O   1 
ATOM   1043 C CB  . ILE A 1 128 ? -2.695  10.068  5.520   1.00 27.99  ? 128 ILE A CB  1 
ATOM   1044 C CG1 . ILE A 1 128 ? -2.031  11.264  6.085   1.00 29.97  ? 128 ILE A CG1 1 
ATOM   1045 C CG2 . ILE A 1 128 ? -2.106  8.820   6.166   1.00 28.91  ? 128 ILE A CG2 1 
ATOM   1046 C CD1 . ILE A 1 128 ? -0.523  11.120  6.091   1.00 40.56  ? 128 ILE A CD1 1 
ATOM   1047 N N   . ILE A 1 129 ? -2.294  7.827   3.016   1.00 25.09  ? 129 ILE A N   1 
ATOM   1048 C CA  . ILE A 1 129 ? -2.660  6.477   2.699   1.00 25.03  ? 129 ILE A CA  1 
ATOM   1049 C C   . ILE A 1 129 ? -2.234  5.585   3.848   1.00 29.70  ? 129 ILE A C   1 
ATOM   1050 O O   . ILE A 1 129 ? -0.994  5.476   4.142   1.00 28.85  ? 129 ILE A O   1 
ATOM   1051 C CB  . ILE A 1 129 ? -1.951  5.971   1.475   1.00 27.94  ? 129 ILE A CB  1 
ATOM   1052 C CG1 . ILE A 1 129 ? -2.134  6.929   0.314   1.00 30.47  ? 129 ILE A CG1 1 
ATOM   1053 C CG2 . ILE A 1 129 ? -2.550  4.607   1.131   1.00 33.20  ? 129 ILE A CG2 1 
ATOM   1054 C CD1 . ILE A 1 129 ? -3.622  7.142   -0.010  1.00 33.27  ? 129 ILE A CD1 1 
ATOM   1055 N N   . GLU A 1 130 ? -3.214  4.998   4.546   1.00 28.82  ? 130 GLU A N   1 
ATOM   1056 C CA  . GLU A 1 130 ? -2.914  4.036   5.637   1.00 31.63  ? 130 GLU A CA  1 
ATOM   1057 C C   . GLU A 1 130 ? -3.019  2.630   5.086   1.00 33.01  ? 130 GLU A C   1 
ATOM   1058 O O   . GLU A 1 130 ? -4.060  2.287   4.509   1.00 36.10  ? 130 GLU A O   1 
ATOM   1059 C CB  . GLU A 1 130 ? -3.876  4.228   6.762   1.00 33.10  ? 130 GLU A CB  1 
ATOM   1060 C CG  . GLU A 1 130 ? -3.638  3.339   7.984   1.00 36.34  ? 130 GLU A CG  1 
ATOM   1061 C CD  . GLU A 1 130 ? -4.876  3.312   8.881   1.00 34.89  ? 130 GLU A CD  1 
ATOM   1062 O OE1 . GLU A 1 130 ? -5.925  2.792   8.476   1.00 39.82  ? 130 GLU A OE1 1 
ATOM   1063 O OE2 . GLU A 1 130 ? -4.801  3.850   9.978   1.00 42.66  ? 130 GLU A OE2 1 
ATOM   1064 N N   . THR A 1 131 ? -1.933  1.853   5.178   1.00 30.01  ? 131 THR A N   1 
ATOM   1065 C CA  . THR A 1 131 ? -1.909  0.461   4.731   1.00 29.33  ? 131 THR A CA  1 
ATOM   1066 C C   . THR A 1 131 ? -1.710  -0.454  5.936   1.00 30.43  ? 131 THR A C   1 
ATOM   1067 O O   . THR A 1 131 ? -0.753  -0.312  6.707   1.00 32.06  ? 131 THR A O   1 
ATOM   1068 C CB  . THR A 1 131 ? -0.781  0.238   3.723   1.00 30.71  ? 131 THR A CB  1 
ATOM   1069 O OG1 . THR A 1 131 ? -0.940  1.075   2.583   1.00 26.07  ? 131 THR A OG1 1 
ATOM   1070 C CG2 . THR A 1 131 ? -0.745  -1.157  3.200   1.00 33.37  ? 131 THR A CG2 1 
ATOM   1071 N N   . LYS A 1 132 ? -2.619  -1.388  6.110   1.00 33.25  ? 132 LYS A N   1 
ATOM   1072 C CA  . LYS A 1 132 ? -2.502  -2.427  7.116   1.00 30.04  ? 132 LYS A CA  1 
ATOM   1073 C C   . LYS A 1 132 ? -2.181  -3.742  6.434   1.00 32.92  ? 132 LYS A C   1 
ATOM   1074 O O   . LYS A 1 132 ? -2.885  -4.151  5.489   1.00 29.18  ? 132 LYS A O   1 
ATOM   1075 C CB  . LYS A 1 132 ? -3.802  -2.579  7.850   1.00 28.77  ? 132 LYS A CB  1 
ATOM   1076 C CG  . LYS A 1 132 ? -4.025  -1.482  8.827   1.00 33.32  ? 132 LYS A CG  1 
ATOM   1077 C CD  . LYS A 1 132 ? -5.433  -1.531  9.362   1.00 40.59  ? 132 LYS A CD  1 
ATOM   1078 C CE  . LYS A 1 132 ? -5.673  -0.565  10.519  1.00 40.89  ? 132 LYS A CE  1 
ATOM   1079 N NZ  . LYS A 1 132 ? -7.117  -0.803  10.836  1.00 49.25  ? 132 LYS A NZ  1 
ATOM   1080 N N   . PHE A 1 133 ? -1.116  -4.392  6.932   1.00 29.59  ? 133 PHE A N   1 
ATOM   1081 C CA  . PHE A 1 133 ? -0.616  -5.649  6.430   1.00 32.16  ? 133 PHE A CA  1 
ATOM   1082 C C   . PHE A 1 133 ? -1.158  -6.715  7.392   1.00 28.40  ? 133 PHE A C   1 
ATOM   1083 O O   . PHE A 1 133 ? -0.918  -6.634  8.569   1.00 28.37  ? 133 PHE A O   1 
ATOM   1084 C CB  . PHE A 1 133 ? 0.947   -5.671  6.416   1.00 34.76  ? 133 PHE A CB  1 
ATOM   1085 C CG  . PHE A 1 133 ? 1.553   -4.663  5.436   1.00 45.22  ? 133 PHE A CG  1 
ATOM   1086 C CD1 . PHE A 1 133 ? 1.603   -3.293  5.740   1.00 51.09  ? 133 PHE A CD1 1 
ATOM   1087 C CD2 . PHE A 1 133 ? 2.059   -5.074  4.198   1.00 48.56  ? 133 PHE A CD2 1 
ATOM   1088 C CE1 . PHE A 1 133 ? 2.142   -2.388  4.845   1.00 54.61  ? 133 PHE A CE1 1 
ATOM   1089 C CE2 . PHE A 1 133 ? 2.599   -4.164  3.298   1.00 45.75  ? 133 PHE A CE2 1 
ATOM   1090 C CZ  . PHE A 1 133 ? 2.635   -2.826  3.623   1.00 48.78  ? 133 PHE A CZ  1 
ATOM   1091 N N   . PHE A 1 134 ? -1.803  -7.737  6.857   1.00 28.71  ? 134 PHE A N   1 
ATOM   1092 C CA  . PHE A 1 134 ? -2.387  -8.785  7.613   1.00 29.21  ? 134 PHE A CA  1 
ATOM   1093 C C   . PHE A 1 134 ? -1.842  -10.106 7.041   1.00 29.77  ? 134 PHE A C   1 
ATOM   1094 O O   . PHE A 1 134 ? -1.597  -10.234 5.844   1.00 28.86  ? 134 PHE A O   1 
ATOM   1095 C CB  . PHE A 1 134 ? -3.941  -8.799  7.452   1.00 30.05  ? 134 PHE A CB  1 
ATOM   1096 C CG  . PHE A 1 134 ? -4.687  -7.767  8.262   1.00 29.00  ? 134 PHE A CG  1 
ATOM   1097 C CD1 . PHE A 1 134 ? -5.101  -8.036  9.556   1.00 31.21  ? 134 PHE A CD1 1 
ATOM   1098 C CD2 . PHE A 1 134 ? -5.060  -6.547  7.679   1.00 28.16  ? 134 PHE A CD2 1 
ATOM   1099 C CE1 . PHE A 1 134 ? -5.839  -7.099  10.307  1.00 33.25  ? 134 PHE A CE1 1 
ATOM   1100 C CE2 . PHE A 1 134 ? -5.790  -5.609  8.413   1.00 31.87  ? 134 PHE A CE2 1 
ATOM   1101 C CZ  . PHE A 1 134 ? -6.183  -5.870  9.724   1.00 32.73  ? 134 PHE A CZ  1 
ATOM   1102 N N   . ASP A 1 135 ? -1.669  -11.104 7.904   1.00 32.06  ? 135 ASP A N   1 
ATOM   1103 C CA  . ASP A 1 135 ? -1.750  -12.494 7.471   1.00 33.17  ? 135 ASP A CA  1 
ATOM   1104 C C   . ASP A 1 135 ? -3.086  -13.007 8.027   1.00 33.43  ? 135 ASP A C   1 
ATOM   1105 O O   . ASP A 1 135 ? -3.244  -13.205 9.244   1.00 31.28  ? 135 ASP A O   1 
ATOM   1106 C CB  . ASP A 1 135 ? -0.640  -13.339 8.020   1.00 33.93  ? 135 ASP A CB  1 
ATOM   1107 C CG  . ASP A 1 135 ? -0.837  -14.799 7.701   1.00 35.88  ? 135 ASP A CG  1 
ATOM   1108 O OD1 . ASP A 1 135 ? -1.805  -15.113 6.990   1.00 35.63  ? 135 ASP A OD1 1 
ATOM   1109 O OD2 . ASP A 1 135 ? -0.011  -15.622 8.113   1.00 31.04  ? 135 ASP A OD2 1 
ATOM   1110 N N   . ASP A 1 136 ? -4.048  -13.194 7.143   1.00 32.77  ? 136 ASP A N   1 
ATOM   1111 C CA  . ASP A 1 136 ? -5.410  -13.553 7.580   1.00 38.22  ? 136 ASP A CA  1 
ATOM   1112 C C   . ASP A 1 136 ? -5.955  -12.511 8.527   1.00 35.82  ? 136 ASP A C   1 
ATOM   1113 O O   . ASP A 1 136 ? -6.136  -11.365 8.116   1.00 39.35  ? 136 ASP A O   1 
ATOM   1114 C CB  . ASP A 1 136 ? -5.457  -15.001 8.120   1.00 46.46  ? 136 ASP A CB  1 
ATOM   1115 C CG  . ASP A 1 136 ? -6.827  -15.668 7.862   1.00 57.25  ? 136 ASP A CG  1 
ATOM   1116 O OD1 . ASP A 1 136 ? -7.828  -14.931 7.742   1.00 59.56  ? 136 ASP A OD1 1 
ATOM   1117 O OD2 . ASP A 1 136 ? -6.896  -16.913 7.738   1.00 69.45  ? 136 ASP A OD2 1 
ATOM   1118 N N   . ASP A 1 137 ? -6.186  -12.836 9.794   1.00 37.48  ? 137 ASP A N   1 
ATOM   1119 C CA  . ASP A 1 137 ? -6.740  -11.868 10.719  1.00 40.24  ? 137 ASP A CA  1 
ATOM   1120 C C   . ASP A 1 137 ? -5.727  -11.313 11.626  1.00 39.64  ? 137 ASP A C   1 
ATOM   1121 O O   . ASP A 1 137 ? -6.067  -10.596 12.524  1.00 40.22  ? 137 ASP A O   1 
ATOM   1122 C CB  . ASP A 1 137 ? -7.889  -12.499 11.538  1.00 53.36  ? 137 ASP A CB  1 
ATOM   1123 C CG  . ASP A 1 137 ? -9.114  -12.843 10.631  1.00 64.76  ? 137 ASP A CG  1 
ATOM   1124 O OD1 . ASP A 1 137 ? -9.664  -11.918 9.955   1.00 64.19  ? 137 ASP A OD1 1 
ATOM   1125 O OD2 . ASP A 1 137 ? -9.467  -14.046 10.548  1.00 67.35  ? 137 ASP A OD2 1 
ATOM   1126 N N   . LEU A 1 138 ? -4.466  -11.663 11.404  1.00 36.70  ? 138 LEU A N   1 
ATOM   1127 C CA  . LEU A 1 138 ? -3.405  -11.158 12.196  1.00 35.09  ? 138 LEU A CA  1 
ATOM   1128 C C   . LEU A 1 138 ? -2.817  -9.837  11.614  1.00 32.89  ? 138 LEU A C   1 
ATOM   1129 O O   . LEU A 1 138 ? -2.272  -9.828  10.496  1.00 33.29  ? 138 LEU A O   1 
ATOM   1130 C CB  . LEU A 1 138 ? -2.325  -12.246 12.211  1.00 41.74  ? 138 LEU A CB  1 
ATOM   1131 C CG  . LEU A 1 138 ? -1.258  -12.033 13.258  1.00 41.43  ? 138 LEU A CG  1 
ATOM   1132 C CD1 . LEU A 1 138 ? -1.905  -12.043 14.663  1.00 45.35  ? 138 LEU A CD1 1 
ATOM   1133 C CD2 . LEU A 1 138 ? -0.244  -13.131 13.130  1.00 40.12  ? 138 LEU A CD2 1 
ATOM   1134 N N   . LEU A 1 139 ? -2.892  -8.753  12.380  1.00 29.29  ? 139 LEU A N   1 
ATOM   1135 C CA  . LEU A 1 139 ? -2.287  -7.477  12.025  1.00 33.91  ? 139 LEU A CA  1 
ATOM   1136 C C   . LEU A 1 139 ? -0.824  -7.506  12.288  1.00 36.00  ? 139 LEU A C   1 
ATOM   1137 O O   . LEU A 1 139 ? -0.425  -7.614  13.421  1.00 40.44  ? 139 LEU A O   1 
ATOM   1138 C CB  . LEU A 1 139 ? -2.879  -6.316  12.820  1.00 35.07  ? 139 LEU A CB  1 
ATOM   1139 C CG  . LEU A 1 139 ? -2.457  -4.907  12.409  1.00 34.50  ? 139 LEU A CG  1 
ATOM   1140 C CD1 . LEU A 1 139 ? -2.738  -4.619  10.945  1.00 32.48  ? 139 LEU A CD1 1 
ATOM   1141 C CD2 . LEU A 1 139 ? -3.261  -3.955  13.320  1.00 39.22  ? 139 LEU A CD2 1 
ATOM   1142 N N   . VAL A 1 140 ? -0.061  -7.398  11.216  1.00 31.80  ? 140 VAL A N   1 
ATOM   1143 C CA  . VAL A 1 140 ? 1.365   -7.413  11.217  1.00 35.13  ? 140 VAL A CA  1 
ATOM   1144 C C   . VAL A 1 140 ? 1.938   -6.021  11.328  1.00 39.82  ? 140 VAL A C   1 
ATOM   1145 O O   . VAL A 1 140 ? 2.984   -5.776  11.976  1.00 43.65  ? 140 VAL A O   1 
ATOM   1146 C CB  . VAL A 1 140 ? 1.825   -8.056  9.885   1.00 31.97  ? 140 VAL A CB  1 
ATOM   1147 C CG1 . VAL A 1 140 ? 3.311   -7.903  9.659   1.00 37.58  ? 140 VAL A CG1 1 
ATOM   1148 C CG2 . VAL A 1 140 ? 1.461   -9.537  9.888   1.00 35.47  ? 140 VAL A CG2 1 
ATOM   1149 N N   . SER A 1 141 ? 1.299   -5.104  10.612  1.00 38.46  ? 141 SER A N   1 
ATOM   1150 C CA  . SER A 1 141 ? 1.726   -3.739  10.636  1.00 40.12  ? 141 SER A CA  1 
ATOM   1151 C C   . SER A 1 141 ? 0.763   -2.755  9.947   1.00 37.26  ? 141 SER A C   1 
ATOM   1152 O O   . SER A 1 141 ? -0.043  -3.135  9.110   1.00 33.84  ? 141 SER A O   1 
ATOM   1153 C CB  . SER A 1 141 ? 3.074   -3.661  9.939   1.00 38.17  ? 141 SER A CB  1 
ATOM   1154 O OG  . SER A 1 141 ? 2.938   -3.405  8.584   1.00 37.57  ? 141 SER A OG  1 
ATOM   1155 N N   . THR A 1 142 ? 0.995   -1.496  10.266  1.00 30.99  ? 142 THR A N   1 
ATOM   1156 C CA  . THR A 1 142 ? 0.275   -0.370  9.815   1.00 30.94  ? 142 THR A CA  1 
ATOM   1157 C C   . THR A 1 142 ? 1.281   0.703   9.496   1.00 28.58  ? 142 THR A C   1 
ATOM   1158 O O   . THR A 1 142 ? 2.056   1.155   10.349  1.00 33.72  ? 142 THR A O   1 
ATOM   1159 C CB  . THR A 1 142 ? -0.618  0.164   10.979  1.00 34.19  ? 142 THR A CB  1 
ATOM   1160 O OG1 . THR A 1 142 ? -1.442  -0.890  11.445  1.00 32.98  ? 142 THR A OG1 1 
ATOM   1161 C CG2 . THR A 1 142 ? -1.494  1.274   10.510  1.00 36.52  ? 142 THR A CG2 1 
ATOM   1162 N N   . SER A 1 143 ? 1.297   1.099   8.261   1.00 29.54  ? 143 SER A N   1 
ATOM   1163 C CA  . SER A 1 143 ? 2.120   2.168   7.871   1.00 28.74  ? 143 SER A CA  1 
ATOM   1164 C C   . SER A 1 143 ? 1.294   3.293   7.234   1.00 28.76  ? 143 SER A C   1 
ATOM   1165 O O   . SER A 1 143 ? 0.138   3.056   6.834   1.00 29.61  ? 143 SER A O   1 
ATOM   1166 C CB  . SER A 1 143 ? 3.112   1.586   6.913   1.00 30.34  ? 143 SER A CB  1 
ATOM   1167 O OG  . SER A 1 143 ? 2.446   1.085   5.804   1.00 31.49  ? 143 SER A OG  1 
ATOM   1168 N N   . ARG A 1 144 ? 1.890   4.486   7.155   1.00 29.98  ? 144 ARG A N   1 
ATOM   1169 C CA  . ARG A 1 144 ? 1.304   5.712   6.539   1.00 32.69  ? 144 ARG A CA  1 
ATOM   1170 C C   . ARG A 1 144 ? 2.223   6.361   5.548   1.00 29.68  ? 144 ARG A C   1 
ATOM   1171 O O   . ARG A 1 144 ? 3.409   6.458   5.792   1.00 28.23  ? 144 ARG A O   1 
ATOM   1172 C CB  . ARG A 1 144 ? 1.021   6.740   7.615   1.00 32.42  ? 144 ARG A CB  1 
ATOM   1173 C CG  . ARG A 1 144 ? 0.029   6.191   8.627   1.00 43.97  ? 144 ARG A CG  1 
ATOM   1174 C CD  . ARG A 1 144 ? -0.297  7.087   9.825   1.00 44.73  ? 144 ARG A CD  1 
ATOM   1175 N NE  . ARG A 1 144 ? -0.526  6.213   10.970  1.00 68.26  ? 144 ARG A NE  1 
ATOM   1176 C CZ  . ARG A 1 144 ? -1.591  5.411   11.160  1.00 72.55  ? 144 ARG A CZ  1 
ATOM   1177 N NH1 . ARG A 1 144 ? -2.606  5.367   10.311  1.00 73.11  ? 144 ARG A NH1 1 
ATOM   1178 N NH2 . ARG A 1 144 ? -1.650  4.647   12.240  1.00 67.50  ? 144 ARG A NH2 1 
ATOM   1179 N N   . VAL A 1 145 ? 1.662   6.851   4.450   1.00 30.56  ? 145 VAL A N   1 
ATOM   1180 C CA  . VAL A 1 145 ? 2.363   7.677   3.496   1.00 27.58  ? 145 VAL A CA  1 
ATOM   1181 C C   . VAL A 1 145 ? 1.540   8.939   3.241   1.00 28.20  ? 145 VAL A C   1 
ATOM   1182 O O   . VAL A 1 145 ? 0.367   8.831   2.909   1.00 29.07  ? 145 VAL A O   1 
ATOM   1183 C CB  . VAL A 1 145 ? 2.530   6.945   2.176   1.00 31.24  ? 145 VAL A CB  1 
ATOM   1184 C CG1 . VAL A 1 145 ? 3.326   7.784   1.197   1.00 33.31  ? 145 VAL A CG1 1 
ATOM   1185 C CG2 . VAL A 1 145 ? 3.198   5.584   2.362   1.00 32.88  ? 145 VAL A CG2 1 
ATOM   1186 N N   . ARG A 1 146 ? 2.140   10.111  3.403   1.00 26.03  ? 146 ARG A N   1 
ATOM   1187 C CA  . ARG A 1 146 ? 1.529   11.377  3.020   1.00 25.86  ? 146 ARG A CA  1 
ATOM   1188 C C   . ARG A 1 146 ? 1.872   11.618  1.543   1.00 26.18  ? 146 ARG A C   1 
ATOM   1189 O O   . ARG A 1 146 ? 3.017   11.407  1.114   1.00 24.66  ? 146 ARG A O   1 
ATOM   1190 C CB  . ARG A 1 146 ? 2.100   12.487  3.899   1.00 27.59  ? 146 ARG A CB  1 
ATOM   1191 C CG  . ARG A 1 146 ? 1.448   13.840  3.669   1.00 28.93  ? 146 ARG A CG  1 
ATOM   1192 C CD  . ARG A 1 146 ? 1.935   15.003  4.544   1.00 30.84  ? 146 ARG A CD  1 
ATOM   1193 N NE  . ARG A 1 146 ? 1.687   14.682  5.941   1.00 37.41  ? 146 ARG A NE  1 
ATOM   1194 C CZ  . ARG A 1 146 ? 0.509   14.792  6.586   1.00 38.37  ? 146 ARG A CZ  1 
ATOM   1195 N NH1 . ARG A 1 146 ? -0.616  15.238  5.987   1.00 36.82  ? 146 ARG A NH1 1 
ATOM   1196 N NH2 . ARG A 1 146 ? 0.467   14.443  7.869   1.00 33.71  ? 146 ARG A NH2 1 
ATOM   1197 N N   . LEU A 1 147 ? 0.880   11.990  0.755   1.00 25.43  ? 147 LEU A N   1 
ATOM   1198 C CA  . LEU A 1 147 ? 1.040   12.245  -0.704  1.00 27.81  ? 147 LEU A CA  1 
ATOM   1199 C C   . LEU A 1 147 ? 1.046   13.708  -1.075  1.00 29.38  ? 147 LEU A C   1 
ATOM   1200 O O   . LEU A 1 147 ? 0.281   14.485  -0.524  1.00 29.96  ? 147 LEU A O   1 
ATOM   1201 C CB  . LEU A 1 147 ? -0.129  11.643  -1.497  1.00 28.83  ? 147 LEU A CB  1 
ATOM   1202 C CG  . LEU A 1 147 ? -0.254  10.154  -1.442  1.00 34.41  ? 147 LEU A CG  1 
ATOM   1203 C CD1 . LEU A 1 147 ? -1.402  9.629   -2.252  1.00 34.89  ? 147 LEU A CD1 1 
ATOM   1204 C CD2 . LEU A 1 147 ? 1.047   9.537   -1.998  1.00 40.06  ? 147 LEU A CD2 1 
ATOM   1205 N N   . PHE A 1 148 ? 1.935   14.050  -2.008  1.00 28.05  ? 148 PHE A N   1 
ATOM   1206 C CA  . PHE A 1 148 ? 2.007   15.311  -2.659  1.00 28.25  ? 148 PHE A CA  1 
ATOM   1207 C C   . PHE A 1 148 ? 1.768   14.997  -4.130  1.00 27.59  ? 148 PHE A C   1 
ATOM   1208 O O   . PHE A 1 148 ? 2.230   14.015  -4.662  1.00 31.03  ? 148 PHE A O   1 
ATOM   1209 C CB  . PHE A 1 148 ? 3.376   15.986  -2.385  1.00 29.35  ? 148 PHE A CB  1 
ATOM   1210 C CG  . PHE A 1 148 ? 3.676   16.116  -0.913  1.00 31.88  ? 148 PHE A CG  1 
ATOM   1211 C CD1 . PHE A 1 148 ? 3.079   17.100  -0.137  1.00 26.60  ? 148 PHE A CD1 1 
ATOM   1212 C CD2 . PHE A 1 148 ? 4.478   15.204  -0.290  1.00 33.49  ? 148 PHE A CD2 1 
ATOM   1213 C CE1 . PHE A 1 148 ? 3.305   17.170  1.241   1.00 28.79  ? 148 PHE A CE1 1 
ATOM   1214 C CE2 . PHE A 1 148 ? 4.719   15.269  1.075   1.00 35.24  ? 148 PHE A CE2 1 
ATOM   1215 C CZ  . PHE A 1 148 ? 4.116   16.250  1.864   1.00 34.43  ? 148 PHE A CZ  1 
ATOM   1216 N N   . TYR A 1 149 ? 0.955   15.813  -4.739  1.00 27.81  ? 149 TYR A N   1 
ATOM   1217 C CA  . TYR A 1 149 ? 0.557   15.680  -6.110  1.00 29.89  ? 149 TYR A CA  1 
ATOM   1218 C C   . TYR A 1 149 ? 1.307   16.794  -6.846  1.00 32.20  ? 149 TYR A C   1 
ATOM   1219 O O   . TYR A 1 149 ? 1.063   17.944  -6.561  1.00 31.34  ? 149 TYR A O   1 
ATOM   1220 C CB  . TYR A 1 149 ? -0.954  15.853  -6.226  1.00 29.61  ? 149 TYR A CB  1 
ATOM   1221 C CG  . TYR A 1 149 ? -1.678  14.789  -5.505  1.00 28.92  ? 149 TYR A CG  1 
ATOM   1222 C CD1 . TYR A 1 149 ? -1.906  13.520  -6.111  1.00 29.47  ? 149 TYR A CD1 1 
ATOM   1223 C CD2 . TYR A 1 149 ? -2.128  14.997  -4.206  1.00 27.78  ? 149 TYR A CD2 1 
ATOM   1224 C CE1 . TYR A 1 149 ? -2.544  12.497  -5.439  1.00 28.43  ? 149 TYR A CE1 1 
ATOM   1225 C CE2 . TYR A 1 149 ? -2.757  13.977  -3.511  1.00 30.46  ? 149 TYR A CE2 1 
ATOM   1226 C CZ  . TYR A 1 149 ? -2.969  12.733  -4.119  1.00 32.93  ? 149 TYR A CZ  1 
ATOM   1227 O OH  . TYR A 1 149 ? -3.605  11.753  -3.384  1.00 32.64  ? 149 TYR A OH  1 
ATOM   1228 N N   . VAL A 1 150 ? 2.190   16.451  -7.779  1.00 31.97  ? 150 VAL A N   1 
ATOM   1229 C CA  . VAL A 1 150 ? 3.164   17.397  -8.310  1.00 36.06  ? 150 VAL A CA  1 
ATOM   1230 C C   . VAL A 1 150 ? 3.118   17.572  -9.857  1.00 37.24  ? 150 VAL A C   1 
ATOM   1231 O O   . VAL A 1 150 ? 2.475   16.784  -10.519 1.00 40.14  ? 150 VAL A O   1 
ATOM   1232 C CB  . VAL A 1 150 ? 4.568   16.961  -7.948  1.00 37.97  ? 150 VAL A CB  1 
ATOM   1233 C CG1 . VAL A 1 150 ? 4.619   16.646  -6.458  1.00 41.06  ? 150 VAL A CG1 1 
ATOM   1234 C CG2 . VAL A 1 150 ? 4.968   15.728  -8.750  1.00 42.25  ? 150 VAL A CG2 1 
HETATM 1235 F FAS . JAY B 2 .   ? 1.449   6.205   -1.143  1.00 44.58  ? 201 JAY A FAS 1 
HETATM 1236 C CAN . JAY B 2 .   ? 1.970   5.510   -2.067  1.00 39.13  ? 201 JAY A CAN 1 
HETATM 1237 C CAO . JAY B 2 .   ? 3.048   6.040   -2.784  1.00 40.36  ? 201 JAY A CAO 1 
HETATM 1238 C CAP . JAY B 2 .   ? 3.684   5.321   -3.790  1.00 38.65  ? 201 JAY A CAP 1 
HETATM 1239 C CAQ . JAY B 2 .   ? 3.210   4.042   -4.082  1.00 42.46  ? 201 JAY A CAQ 1 
HETATM 1240 C CAR . JAY B 2 .   ? 2.096   3.531   -3.380  1.00 38.84  ? 201 JAY A CAR 1 
HETATM 1241 C CAL . JAY B 2 .   ? 1.476   4.253   -2.341  1.00 37.45  ? 201 JAY A CAL 1 
HETATM 1242 C CAH . JAY B 2 .   ? 0.359   3.781   -1.600  1.00 36.57  ? 201 JAY A CAH 1 
HETATM 1243 N NAG . JAY B 2 .   ? 0.840   3.210   -0.320  1.00 36.26  ? 201 JAY A NAG 1 
HETATM 1244 C CAE . JAY B 2 .   ? 1.311   1.935   -0.347  1.00 35.52  ? 201 JAY A CAE 1 
HETATM 1245 C CAD . JAY B 2 .   ? 2.167   1.570   0.643   1.00 38.32  ? 201 JAY A CAD 1 
HETATM 1246 C CAC . JAY B 2 .   ? 2.691   0.304   0.674   1.00 37.55  ? 201 JAY A CAC 1 
HETATM 1247 C CAB . JAY B 2 .   ? 2.337   -0.554  -0.333  1.00 44.65  ? 201 JAY A CAB 1 
HETATM 1248 C CAA . JAY B 2 .   ? 1.456   -0.193  -1.324  1.00 40.42  ? 201 JAY A CAA 1 
HETATM 1249 C CAF . JAY B 2 .   ? 0.948   1.092   -1.370  1.00 39.32  ? 201 JAY A CAF 1 
HETATM 1250 C CAJ . JAY B 2 .   ? -0.011  1.481   -2.375  1.00 40.01  ? 201 JAY A CAJ 1 
HETATM 1251 O OAK . JAY B 2 .   ? -0.692  0.637   -3.023  1.00 40.98  ? 201 JAY A OAK 1 
HETATM 1252 N NAI . JAY B 2 .   ? -0.413  2.764   -2.414  1.00 39.07  ? 201 JAY A NAI 1 
HETATM 1253 C CAM . JAY B 2 .   ? -1.553  3.198   -3.316  1.00 43.42  ? 201 JAY A CAM 1 
HETATM 1254 C CAT . JAY B 2 .   ? -2.601  3.831   -2.470  1.00 48.91  ? 201 JAY A CAT 1 
HETATM 1255 C CAU . JAY B 2 .   ? -3.809  4.063   -3.324  1.00 54.10  ? 201 JAY A CAU 1 
HETATM 1256 C CAX . JAY B 2 .   ? -1.120  4.207   -4.376  1.00 47.03  ? 201 JAY A CAX 1 
HETATM 1257 C CAW . JAY B 2 .   ? -2.318  4.609   -5.276  1.00 49.11  ? 201 JAY A CAW 1 
HETATM 1258 N NAV . JAY B 2 .   ? -3.507  4.993   -4.474  1.00 53.48  ? 201 JAY A NAV 1 
HETATM 1259 C CAY . JAY B 2 .   ? -3.498  6.440   -4.194  1.00 50.53  ? 201 JAY A CAY 1 
HETATM 1260 C CAZ . JAY B 2 .   ? -4.034  7.267   -5.406  1.00 52.41  ? 201 JAY A CAZ 1 
HETATM 1261 N NBA . JAY B 2 .   ? -5.373  7.838   -5.029  1.00 49.60  ? 201 JAY A NBA 1 
HETATM 1262 C CBB . JAY B 2 .   ? -5.511  9.115   -4.607  1.00 48.88  ? 201 JAY A CBB 1 
HETATM 1263 O OBR . JAY B 2 .   ? -4.475  9.801   -4.503  1.00 51.43  ? 201 JAY A OBR 1 
HETATM 1264 C CBC . JAY B 2 .   ? -6.807  9.592   -4.238  1.00 44.67  ? 201 JAY A CBC 1 
HETATM 1265 C CBN . JAY B 2 .   ? -7.024  10.891  -3.781  1.00 47.73  ? 201 JAY A CBN 1 
HETATM 1266 C CBO . JAY B 2 .   ? -8.300  11.340  -3.352  1.00 44.41  ? 201 JAY A CBO 1 
HETATM 1267 C CBP . JAY B 2 .   ? -9.395  10.493  -3.375  1.00 42.07  ? 201 JAY A CBP 1 
HETATM 1268 C CBQ . JAY B 2 .   ? -9.179  9.179   -3.811  1.00 41.04  ? 201 JAY A CBQ 1 
HETATM 1269 C CBD . JAY B 2 .   ? -7.915  8.732   -4.233  1.00 44.60  ? 201 JAY A CBD 1 
HETATM 1270 N NBE . JAY B 2 .   ? -7.766  7.437   -4.609  1.00 45.74  ? 201 JAY A NBE 1 
HETATM 1271 C CBF . JAY B 2 .   ? -6.559  6.967   -5.277  1.00 48.88  ? 201 JAY A CBF 1 
HETATM 1272 C CBG . JAY B 2 .   ? -6.789  6.906   -6.704  1.00 60.30  ? 201 JAY A CBG 1 
HETATM 1273 C CBH . JAY B 2 .   ? -7.074  5.667   -7.306  1.00 67.84  ? 201 JAY A CBH 1 
HETATM 1274 F FBM . JAY B 2 .   ? -7.135  4.718   -6.624  1.00 87.45  ? 201 JAY A FBM 1 
HETATM 1275 C CBI . JAY B 2 .   ? -7.303  5.503   -8.675  1.00 62.21  ? 201 JAY A CBI 1 
HETATM 1276 C CBJ . JAY B 2 .   ? -7.245  6.625   -9.465  1.00 60.12  ? 201 JAY A CBJ 1 
HETATM 1277 C CBK . JAY B 2 .   ? -6.955  7.867   -8.896  1.00 54.89  ? 201 JAY A CBK 1 
HETATM 1278 C CBL . JAY B 2 .   ? -6.709  8.036   -7.542  1.00 50.70  ? 201 JAY A CBL 1 
HETATM 1279 O O   . HOH C 3 .   ? 11.844  -14.131 14.167  1.00 47.12  ? 301 HOH A O   1 
HETATM 1280 O O   . HOH C 3 .   ? 2.797   3.036   11.868  1.00 36.77  ? 302 HOH A O   1 
HETATM 1281 O O   . HOH C 3 .   ? 4.584   4.252   8.394   1.00 23.83  ? 303 HOH A O   1 
HETATM 1282 O O   . HOH C 3 .   ? 0.106   3.384   3.020   1.00 26.02  ? 304 HOH A O   1 
HETATM 1283 O O   . HOH C 3 .   ? 8.346   -12.487 7.098   1.00 25.21  ? 305 HOH A O   1 
HETATM 1284 O O   . HOH C 3 .   ? -1.539  -8.078  15.745  1.00 45.58  ? 306 HOH A O   1 
HETATM 1285 O O   . HOH C 3 .   ? -1.853  23.625  -3.283  1.00 23.34  ? 307 HOH A O   1 
HETATM 1286 O O   . HOH C 3 .   ? -0.270  -1.924  13.564  1.00 43.41  ? 308 HOH A O   1 
HETATM 1287 O O   . HOH C 3 .   ? 3.873   -6.976  14.172  1.00 40.27  ? 309 HOH A O   1 
HETATM 1288 O O   . HOH C 3 .   ? 5.392   -17.236 -2.342  1.00 34.28  ? 310 HOH A O   1 
HETATM 1289 O O   . HOH C 3 .   ? 10.666  -5.327  9.173   1.00 37.05  ? 311 HOH A O   1 
HETATM 1290 O O   . HOH C 3 .   ? 11.588  -13.351 11.439  1.00 33.85  ? 312 HOH A O   1 
HETATM 1291 O O   . HOH C 3 .   ? -7.732  -7.377  2.857   1.00 32.90  ? 313 HOH A O   1 
HETATM 1292 O O   . HOH C 3 .   ? 11.842  -18.299 10.201  1.00 30.25  ? 314 HOH A O   1 
HETATM 1293 O O   . HOH C 3 .   ? -8.518  -0.814  7.630   1.00 34.86  ? 315 HOH A O   1 
HETATM 1294 O O   . HOH C 3 .   ? 7.686   -19.083 8.963   1.00 28.49  ? 316 HOH A O   1 
HETATM 1295 O O   . HOH C 3 .   ? 0.182   -5.214  -6.026  1.00 36.95  ? 317 HOH A O   1 
HETATM 1296 O O   . HOH C 3 .   ? -6.074  24.429  -3.596  1.00 33.55  ? 318 HOH A O   1 
HETATM 1297 O O   . HOH C 3 .   ? 9.597   9.158   2.939   1.00 33.52  ? 319 HOH A O   1 
HETATM 1298 O O   . HOH C 3 .   ? -5.078  21.190  -8.862  1.00 27.22  ? 320 HOH A O   1 
HETATM 1299 O O   . HOH C 3 .   ? 13.852  -7.906  -5.608  1.00 45.50  ? 321 HOH A O   1 
HETATM 1300 O O   . HOH C 3 .   ? 15.267  -9.211  9.993   1.00 34.97  ? 322 HOH A O   1 
HETATM 1301 O O   . HOH C 3 .   ? -9.584  -2.144  -6.697  1.00 48.29  ? 323 HOH A O   1 
HETATM 1302 O O   . HOH C 3 .   ? -7.103  4.462   -16.166 1.00 50.50  ? 324 HOH A O   1 
HETATM 1303 O O   . HOH C 3 .   ? 8.311   9.936   -4.348  1.00 35.83  ? 325 HOH A O   1 
HETATM 1304 O O   . HOH C 3 .   ? -0.264  -16.844 -3.374  1.00 42.36  ? 326 HOH A O   1 
HETATM 1305 O O   . HOH C 3 .   ? 11.667  -16.516 -4.342  1.00 41.72  ? 327 HOH A O   1 
HETATM 1306 O O   . HOH C 3 .   ? 2.271   -1.315  13.035  1.00 35.88  ? 328 HOH A O   1 
HETATM 1307 O O   . HOH C 3 .   ? -6.320  -6.502  -8.027  1.00 40.85  ? 329 HOH A O   1 
HETATM 1308 O O   . HOH C 3 .   ? -6.493  0.592   6.419   1.00 35.35  ? 330 HOH A O   1 
HETATM 1309 O O   . HOH C 3 .   ? -5.198  12.801  6.316   1.00 33.81  ? 331 HOH A O   1 
HETATM 1310 O O   . HOH C 3 .   ? 8.932   8.068   -9.802  1.00 38.41  ? 332 HOH A O   1 
HETATM 1311 O O   . HOH C 3 .   ? -3.690  14.888  7.094   1.00 35.58  ? 333 HOH A O   1 
HETATM 1312 O O   . HOH C 3 .   ? -10.946 -3.517  -3.603  1.00 43.24  ? 334 HOH A O   1 
HETATM 1313 O O   . HOH C 3 .   ? -14.772 17.476  -5.743  1.00 50.40  ? 335 HOH A O   1 
HETATM 1314 O O   . HOH C 3 .   ? -1.521  -13.552 -6.116  1.00 45.80  ? 336 HOH A O   1 
HETATM 1315 O O   . HOH C 3 .   ? 9.201   16.238  -7.503  1.00 50.91  ? 337 HOH A O   1 
HETATM 1316 O O   . HOH C 3 .   ? 15.708  -10.582 8.980   1.00 49.09  ? 338 HOH A O   1 
HETATM 1317 O O   . HOH C 3 .   ? -15.385 4.665   3.209   1.00 48.03  ? 339 HOH A O   1 
# 
loop_
_pdbx_poly_seq_scheme.asym_id 
_pdbx_poly_seq_scheme.entity_id 
_pdbx_poly_seq_scheme.seq_id 
_pdbx_poly_seq_scheme.mon_id 
_pdbx_poly_seq_scheme.ndb_seq_num 
_pdbx_poly_seq_scheme.pdb_seq_num 
_pdbx_poly_seq_scheme.auth_seq_num 
_pdbx_poly_seq_scheme.pdb_mon_id 
_pdbx_poly_seq_scheme.auth_mon_id 
_pdbx_poly_seq_scheme.pdb_strand_id 
_pdbx_poly_seq_scheme.pdb_ins_code 
_pdbx_poly_seq_scheme.hetero 
A 1 1   MET 1   1   1   MET MET A . n 
A 1 2   SER 2   2   2   SER SER A . n 
A 1 3   ALA 3   3   3   ALA ALA A . n 
A 1 4   LYS 4   4   4   LYS LYS A . n 
A 1 5   ASP 5   5   5   ASP ASP A . n 
A 1 6   GLU 6   6   6   GLU GLU A . n 
A 1 7   ARG 7   7   7   ARG ARG A . n 
A 1 8   ALA 8   8   8   ALA ALA A . n 
A 1 9   ARG 9   9   9   ARG ARG A . n 
A 1 10  GLU 10  10  10  GLU GLU A . n 
A 1 11  ILE 11  11  11  ILE ILE A . n 
A 1 12  LEU 12  12  12  LEU LEU A . n 
A 1 13  ARG 13  13  13  ARG ARG A . n 
A 1 14  GLY 14  14  14  GLY GLY A . n 
A 1 15  PHE 15  15  15  PHE PHE A . n 
A 1 16  LYS 16  16  16  LYS LYS A . n 
A 1 17  LEU 17  17  17  LEU LEU A . n 
A 1 18  ASN 18  18  18  ASN ASN A . n 
A 1 19  TRP 19  19  19  TRP TRP A . n 
A 1 20  MET 20  20  20  MET MET A . n 
A 1 21  ASN 21  21  21  ASN ASN A . n 
A 1 22  LEU 22  22  22  LEU LEU A . n 
A 1 23  ARG 23  23  23  ARG ARG A . n 
A 1 24  ASP 24  24  24  ASP ASP A . n 
A 1 25  ALA 25  25  25  ALA ALA A . n 
A 1 26  GLU 26  26  26  GLU GLU A . n 
A 1 27  THR 27  27  27  THR THR A . n 
A 1 28  GLY 28  28  28  GLY GLY A . n 
A 1 29  LYS 29  29  29  LYS LYS A . n 
A 1 30  ILE 30  30  30  ILE ILE A . n 
A 1 31  LEU 31  31  31  LEU LEU A . n 
A 1 32  TRP 32  32  32  TRP TRP A . n 
A 1 33  GLN 33  33  33  GLN GLN A . n 
A 1 34  GLY 34  34  34  GLY GLY A . n 
A 1 35  THR 35  35  35  THR THR A . n 
A 1 36  GLU 36  36  36  GLU GLU A . n 
A 1 37  ASP 37  37  37  ASP ASP A . n 
A 1 38  LEU 38  38  38  LEU LEU A . n 
A 1 39  SER 39  39  39  SER SER A . n 
A 1 40  VAL 40  40  40  VAL VAL A . n 
A 1 41  PRO 41  41  41  PRO PRO A . n 
A 1 42  GLY 42  42  42  GLY GLY A . n 
A 1 43  VAL 43  43  43  VAL VAL A . n 
A 1 44  GLU 44  44  44  GLU GLU A . n 
A 1 45  HIS 45  45  45  HIS HIS A . n 
A 1 46  GLU 46  46  46  GLU GLU A . n 
A 1 47  ALA 47  47  47  ALA ALA A . n 
A 1 48  ARG 48  48  48  ARG ARG A . n 
A 1 49  VAL 49  49  49  VAL VAL A . n 
A 1 50  PRO 50  50  50  PRO PRO A . n 
A 1 51  LYS 51  51  51  LYS LYS A . n 
A 1 52  LYS 52  52  52  LYS LYS A . n 
A 1 53  ILE 53  53  53  ILE ILE A . n 
A 1 54  LEU 54  54  54  LEU LEU A . n 
A 1 55  LYS 55  55  55  LYS LYS A . n 
A 1 56  CYS 56  56  56  CYS CYS A . n 
A 1 57  LYS 57  57  57  LYS LYS A . n 
A 1 58  ALA 58  58  58  ALA ALA A . n 
A 1 59  VAL 59  59  59  VAL VAL A . n 
A 1 60  SER 60  60  60  SER SER A . n 
A 1 61  ARG 61  61  61  ARG ARG A . n 
A 1 62  GLU 62  62  62  GLU GLU A . n 
A 1 63  LEU 63  63  63  LEU LEU A . n 
A 1 64  ASN 64  64  64  ASN ASN A . n 
A 1 65  PHE 65  65  65  PHE PHE A . n 
A 1 66  SER 66  66  66  SER SER A . n 
A 1 67  SER 67  67  67  SER SER A . n 
A 1 68  THR 68  68  68  THR THR A . n 
A 1 69  GLU 69  69  69  GLU GLU A . n 
A 1 70  GLN 70  70  70  GLN GLN A . n 
A 1 71  MET 71  71  71  MET MET A . n 
A 1 72  GLU 72  72  72  GLU GLU A . n 
A 1 73  LYS 73  73  73  LYS LYS A . n 
A 1 74  PHE 74  74  74  PHE PHE A . n 
A 1 75  ARG 75  75  75  ARG ARG A . n 
A 1 76  LEU 76  76  76  LEU LEU A . n 
A 1 77  GLU 77  77  77  GLU GLU A . n 
A 1 78  GLN 78  78  78  GLN GLN A . n 
A 1 79  LYS 79  79  79  LYS LYS A . n 
A 1 80  VAL 80  80  80  VAL VAL A . n 
A 1 81  TYR 81  81  81  TYR TYR A . n 
A 1 82  PHE 82  82  82  PHE PHE A . n 
A 1 83  LYS 83  83  83  LYS LYS A . n 
A 1 84  GLY 84  84  84  GLY GLY A . n 
A 1 85  GLN 85  85  85  GLN GLN A . n 
A 1 86  CYS 86  86  86  CYS CYS A . n 
A 1 87  LEU 87  87  87  LEU LEU A . n 
A 1 88  GLU 88  88  88  GLU GLU A . n 
A 1 89  GLU 89  89  89  GLU GLU A . n 
A 1 90  TRP 90  90  90  TRP TRP A . n 
A 1 91  PHE 91  91  91  PHE PHE A . n 
A 1 92  PHE 92  92  92  PHE PHE A . n 
A 1 93  GLU 93  93  93  GLU GLU A . n 
A 1 94  PHE 94  94  94  PHE PHE A . n 
A 1 95  GLY 95  95  95  GLY GLY A . n 
A 1 96  PHE 96  96  96  PHE PHE A . n 
A 1 97  VAL 97  97  97  VAL VAL A . n 
A 1 98  ILE 98  98  98  ILE ILE A . n 
A 1 99  PRO 99  99  99  PRO PRO A . n 
A 1 100 ASN 100 100 100 ASN ASN A . n 
A 1 101 SER 101 101 101 SER SER A . n 
A 1 102 THR 102 102 102 THR THR A . n 
A 1 103 ASN 103 103 103 ASN ASN A . n 
A 1 104 THR 104 104 104 THR THR A . n 
A 1 105 TRP 105 105 105 TRP TRP A . n 
A 1 106 GLN 106 106 106 GLN GLN A . n 
A 1 107 SER 107 107 107 SER SER A . n 
A 1 108 LEU 108 108 108 LEU LEU A . n 
A 1 109 ILE 109 109 109 ILE ILE A . n 
A 1 110 SER 110 110 110 SER SER A . n 
A 1 111 ALA 111 111 111 ALA ALA A . n 
A 1 112 ALA 112 112 112 ALA ALA A . n 
A 1 113 PRO 113 113 113 PRO PRO A . n 
A 1 114 GLU 114 114 114 GLU GLU A . n 
A 1 115 SER 115 115 115 SER SER A . n 
A 1 116 GLN 116 116 116 GLN GLN A . n 
A 1 117 MET 117 117 117 MET MET A . n 
A 1 118 MET 118 118 118 MET MET A . n 
A 1 119 PRO 119 119 119 PRO PRO A . n 
A 1 120 ALA 120 120 120 ALA ALA A . n 
A 1 121 SER 121 121 121 SER SER A . n 
A 1 122 VAL 122 122 122 VAL VAL A . n 
A 1 123 LEU 123 123 123 LEU LEU A . n 
A 1 124 THR 124 124 124 THR THR A . n 
A 1 125 GLY 125 125 125 GLY GLY A . n 
A 1 126 ASN 126 126 126 ASN ASN A . n 
A 1 127 VAL 127 127 127 VAL VAL A . n 
A 1 128 ILE 128 128 128 ILE ILE A . n 
A 1 129 ILE 129 129 129 ILE ILE A . n 
A 1 130 GLU 130 130 130 GLU GLU A . n 
A 1 131 THR 131 131 131 THR THR A . n 
A 1 132 LYS 132 132 132 LYS LYS A . n 
A 1 133 PHE 133 133 133 PHE PHE A . n 
A 1 134 PHE 134 134 134 PHE PHE A . n 
A 1 135 ASP 135 135 135 ASP ASP A . n 
A 1 136 ASP 136 136 136 ASP ASP A . n 
A 1 137 ASP 137 137 137 ASP ASP A . n 
A 1 138 LEU 138 138 138 LEU LEU A . n 
A 1 139 LEU 139 139 139 LEU LEU A . n 
A 1 140 VAL 140 140 140 VAL VAL A . n 
A 1 141 SER 141 141 141 SER SER A . n 
A 1 142 THR 142 142 142 THR THR A . n 
A 1 143 SER 143 143 143 SER SER A . n 
A 1 144 ARG 144 144 144 ARG ARG A . n 
A 1 145 VAL 145 145 145 VAL VAL A . n 
A 1 146 ARG 146 146 146 ARG ARG A . n 
A 1 147 LEU 147 147 147 LEU LEU A . n 
A 1 148 PHE 148 148 148 PHE PHE A . n 
A 1 149 TYR 149 149 149 TYR TYR A . n 
A 1 150 VAL 150 150 150 VAL VAL A . n 
# 
loop_
_pdbx_nonpoly_scheme.asym_id 
_pdbx_nonpoly_scheme.entity_id 
_pdbx_nonpoly_scheme.mon_id 
_pdbx_nonpoly_scheme.ndb_seq_num 
_pdbx_nonpoly_scheme.pdb_seq_num 
_pdbx_nonpoly_scheme.auth_seq_num 
_pdbx_nonpoly_scheme.pdb_mon_id 
_pdbx_nonpoly_scheme.auth_mon_id 
_pdbx_nonpoly_scheme.pdb_strand_id 
_pdbx_nonpoly_scheme.pdb_ins_code 
B 2 JAY 1  201 1  JAY JAY A . 
C 3 HOH 1  301 40 HOH HOH A . 
C 3 HOH 2  302 32 HOH HOH A . 
C 3 HOH 3  303 4  HOH HOH A . 
C 3 HOH 4  304 5  HOH HOH A . 
C 3 HOH 5  305 2  HOH HOH A . 
C 3 HOH 6  306 35 HOH HOH A . 
C 3 HOH 7  307 36 HOH HOH A . 
C 3 HOH 8  308 24 HOH HOH A . 
C 3 HOH 9  309 11 HOH HOH A . 
C 3 HOH 10 310 31 HOH HOH A . 
C 3 HOH 11 311 25 HOH HOH A . 
C 3 HOH 12 312 27 HOH HOH A . 
C 3 HOH 13 313 7  HOH HOH A . 
C 3 HOH 14 314 8  HOH HOH A . 
C 3 HOH 15 315 12 HOH HOH A . 
C 3 HOH 16 316 15 HOH HOH A . 
C 3 HOH 17 317 3  HOH HOH A . 
C 3 HOH 18 318 18 HOH HOH A . 
C 3 HOH 19 319 14 HOH HOH A . 
C 3 HOH 20 320 13 HOH HOH A . 
C 3 HOH 21 321 39 HOH HOH A . 
C 3 HOH 22 322 17 HOH HOH A . 
C 3 HOH 23 323 16 HOH HOH A . 
C 3 HOH 24 324 38 HOH HOH A . 
C 3 HOH 25 325 26 HOH HOH A . 
C 3 HOH 26 326 29 HOH HOH A . 
C 3 HOH 27 327 30 HOH HOH A . 
C 3 HOH 28 328 6  HOH HOH A . 
C 3 HOH 29 329 22 HOH HOH A . 
C 3 HOH 30 330 9  HOH HOH A . 
C 3 HOH 31 331 10 HOH HOH A . 
C 3 HOH 32 332 34 HOH HOH A . 
C 3 HOH 33 333 21 HOH HOH A . 
C 3 HOH 34 334 23 HOH HOH A . 
C 3 HOH 35 335 19 HOH HOH A . 
C 3 HOH 36 336 20 HOH HOH A . 
C 3 HOH 37 337 33 HOH HOH A . 
C 3 HOH 38 338 37 HOH HOH A . 
C 3 HOH 39 339 28 HOH HOH A . 
# 
_pdbx_struct_assembly.id                   1 
_pdbx_struct_assembly.details              author_defined_assembly 
_pdbx_struct_assembly.method_details       ? 
_pdbx_struct_assembly.oligomeric_details   monomeric 
_pdbx_struct_assembly.oligomeric_count     1 
# 
_pdbx_struct_assembly_gen.assembly_id       1 
_pdbx_struct_assembly_gen.oper_expression   1 
_pdbx_struct_assembly_gen.asym_id_list      A,B,C 
# 
loop_
_pdbx_struct_assembly_prop.biol_id 
_pdbx_struct_assembly_prop.type 
_pdbx_struct_assembly_prop.value 
_pdbx_struct_assembly_prop.details 
1 'ABSA (A^2)' 0    ? 
1 MORE         0    ? 
1 'SSA (A^2)'  8170 ? 
# 
_pdbx_struct_oper_list.id                   1 
_pdbx_struct_oper_list.type                 'identity operation' 
_pdbx_struct_oper_list.name                 1_555 
_pdbx_struct_oper_list.symmetry_operation   x,y,z 
_pdbx_struct_oper_list.matrix[1][1]         1.0000000000 
_pdbx_struct_oper_list.matrix[1][2]         0.0000000000 
_pdbx_struct_oper_list.matrix[1][3]         0.0000000000 
_pdbx_struct_oper_list.vector[1]            0.0000000000 
_pdbx_struct_oper_list.matrix[2][1]         0.0000000000 
_pdbx_struct_oper_list.matrix[2][2]         1.0000000000 
_pdbx_struct_oper_list.matrix[2][3]         0.0000000000 
_pdbx_struct_oper_list.vector[2]            0.0000000000 
_pdbx_struct_oper_list.matrix[3][1]         0.0000000000 
_pdbx_struct_oper_list.matrix[3][2]         0.0000000000 
_pdbx_struct_oper_list.matrix[3][3]         1.0000000000 
_pdbx_struct_oper_list.vector[3]            0.0000000000 
# 
loop_
_pdbx_audit_revision_history.ordinal 
_pdbx_audit_revision_history.data_content_type 
_pdbx_audit_revision_history.major_revision 
_pdbx_audit_revision_history.minor_revision 
_pdbx_audit_revision_history.revision_date 
1 'Structure model' 1 0 2017-10-04 
2 'Structure model' 1 1 2017-12-06 
3 'Structure model' 1 2 2023-11-22 
# 
_pdbx_audit_revision_details.ordinal             1 
_pdbx_audit_revision_details.revision_ordinal    1 
_pdbx_audit_revision_details.data_content_type   'Structure model' 
_pdbx_audit_revision_details.provider            repository 
_pdbx_audit_revision_details.type                'Initial release' 
_pdbx_audit_revision_details.description         ? 
_pdbx_audit_revision_details.details             ? 
# 
loop_
_pdbx_audit_revision_group.ordinal 
_pdbx_audit_revision_group.revision_ordinal 
_pdbx_audit_revision_group.data_content_type 
_pdbx_audit_revision_group.group 
1 2 'Structure model' 'Database references'    
2 3 'Structure model' 'Data collection'        
3 3 'Structure model' 'Database references'    
4 3 'Structure model' 'Refinement description' 
# 
loop_
_pdbx_audit_revision_category.ordinal 
_pdbx_audit_revision_category.revision_ordinal 
_pdbx_audit_revision_category.data_content_type 
_pdbx_audit_revision_category.category 
1 2 'Structure model' citation                      
2 3 'Structure model' chem_comp_atom                
3 3 'Structure model' chem_comp_bond                
4 3 'Structure model' database_2                    
5 3 'Structure model' pdbx_initial_refinement_model 
# 
loop_
_pdbx_audit_revision_item.ordinal 
_pdbx_audit_revision_item.revision_ordinal 
_pdbx_audit_revision_item.data_content_type 
_pdbx_audit_revision_item.item 
1 2 'Structure model' '_citation.journal_volume'            
2 2 'Structure model' '_citation.page_first'                
3 2 'Structure model' '_citation.page_last'                 
4 3 'Structure model' '_database_2.pdbx_DOI'                
5 3 'Structure model' '_database_2.pdbx_database_accession' 
# 
loop_
_software.citation_id 
_software.classification 
_software.compiler_name 
_software.compiler_version 
_software.contact_author 
_software.contact_author_email 
_software.date 
_software.description 
_software.dependencies 
_software.hardware 
_software.language 
_software.location 
_software.mods 
_software.name 
_software.os 
_software.os_version 
_software.type 
_software.version 
_software.pdbx_ordinal 
? refinement       ? ? ? ? ? ? ? ? ? ? ? REFMAC   ? ? ? 5.8.0073 1 
? 'data reduction' ? ? ? ? ? ? ? ? ? ? ? HKL-2000 ? ? ? .        2 
? 'data scaling'   ? ? ? ? ? ? ? ? ? ? ? HKL-2000 ? ? ? .        3 
# 
loop_
_pdbx_validate_close_contact.id 
_pdbx_validate_close_contact.PDB_model_num 
_pdbx_validate_close_contact.auth_atom_id_1 
_pdbx_validate_close_contact.auth_asym_id_1 
_pdbx_validate_close_contact.auth_comp_id_1 
_pdbx_validate_close_contact.auth_seq_id_1 
_pdbx_validate_close_contact.PDB_ins_code_1 
_pdbx_validate_close_contact.label_alt_id_1 
_pdbx_validate_close_contact.auth_atom_id_2 
_pdbx_validate_close_contact.auth_asym_id_2 
_pdbx_validate_close_contact.auth_comp_id_2 
_pdbx_validate_close_contact.auth_seq_id_2 
_pdbx_validate_close_contact.PDB_ins_code_2 
_pdbx_validate_close_contact.label_alt_id_2 
_pdbx_validate_close_contact.dist 
1 1 OE2 A GLU 10  ? A O A HOH 301 ? ? 1.33 
2 1 CD  A GLU 10  ? A O A HOH 301 ? ? 1.66 
3 1 O   A HOH 322 ? ? O A HOH 338 ? ? 1.76 
4 1 OE1 A GLU 10  ? A O A HOH 301 ? ? 1.77 
# 
_pdbx_validate_rmsd_angle.id                         1 
_pdbx_validate_rmsd_angle.PDB_model_num              1 
_pdbx_validate_rmsd_angle.auth_atom_id_1             NE 
_pdbx_validate_rmsd_angle.auth_asym_id_1             A 
_pdbx_validate_rmsd_angle.auth_comp_id_1             ARG 
_pdbx_validate_rmsd_angle.auth_seq_id_1              75 
_pdbx_validate_rmsd_angle.PDB_ins_code_1             ? 
_pdbx_validate_rmsd_angle.label_alt_id_1             ? 
_pdbx_validate_rmsd_angle.auth_atom_id_2             CZ 
_pdbx_validate_rmsd_angle.auth_asym_id_2             A 
_pdbx_validate_rmsd_angle.auth_comp_id_2             ARG 
_pdbx_validate_rmsd_angle.auth_seq_id_2              75 
_pdbx_validate_rmsd_angle.PDB_ins_code_2             ? 
_pdbx_validate_rmsd_angle.label_alt_id_2             ? 
_pdbx_validate_rmsd_angle.auth_atom_id_3             NH1 
_pdbx_validate_rmsd_angle.auth_asym_id_3             A 
_pdbx_validate_rmsd_angle.auth_comp_id_3             ARG 
_pdbx_validate_rmsd_angle.auth_seq_id_3              75 
_pdbx_validate_rmsd_angle.PDB_ins_code_3             ? 
_pdbx_validate_rmsd_angle.label_alt_id_3             ? 
_pdbx_validate_rmsd_angle.angle_value                123.84 
_pdbx_validate_rmsd_angle.angle_target_value         120.30 
_pdbx_validate_rmsd_angle.angle_deviation            3.54 
_pdbx_validate_rmsd_angle.angle_standard_deviation   0.50 
_pdbx_validate_rmsd_angle.linker_flag                N 
# 
loop_
_pdbx_validate_torsion.id 
_pdbx_validate_torsion.PDB_model_num 
_pdbx_validate_torsion.auth_comp_id 
_pdbx_validate_torsion.auth_asym_id 
_pdbx_validate_torsion.auth_seq_id 
_pdbx_validate_torsion.PDB_ins_code 
_pdbx_validate_torsion.label_alt_id 
_pdbx_validate_torsion.phi 
_pdbx_validate_torsion.psi 
1 1 GLU A 88  ? ? -170.57 147.47  
2 1 ASP A 136 ? ? 57.45   -113.91 
# 
loop_
_chem_comp_atom.comp_id 
_chem_comp_atom.atom_id 
_chem_comp_atom.type_symbol 
_chem_comp_atom.pdbx_aromatic_flag 
_chem_comp_atom.pdbx_stereo_config 
_chem_comp_atom.pdbx_ordinal 
ALA N    N N N 1   
ALA CA   C N S 2   
ALA C    C N N 3   
ALA O    O N N 4   
ALA CB   C N N 5   
ALA OXT  O N N 6   
ALA H    H N N 7   
ALA H2   H N N 8   
ALA HA   H N N 9   
ALA HB1  H N N 10  
ALA HB2  H N N 11  
ALA HB3  H N N 12  
ALA HXT  H N N 13  
ARG N    N N N 14  
ARG CA   C N S 15  
ARG C    C N N 16  
ARG O    O N N 17  
ARG CB   C N N 18  
ARG CG   C N N 19  
ARG CD   C N N 20  
ARG NE   N N N 21  
ARG CZ   C N N 22  
ARG NH1  N N N 23  
ARG NH2  N N N 24  
ARG OXT  O N N 25  
ARG H    H N N 26  
ARG H2   H N N 27  
ARG HA   H N N 28  
ARG HB2  H N N 29  
ARG HB3  H N N 30  
ARG HG2  H N N 31  
ARG HG3  H N N 32  
ARG HD2  H N N 33  
ARG HD3  H N N 34  
ARG HE   H N N 35  
ARG HH11 H N N 36  
ARG HH12 H N N 37  
ARG HH21 H N N 38  
ARG HH22 H N N 39  
ARG HXT  H N N 40  
ASN N    N N N 41  
ASN CA   C N S 42  
ASN C    C N N 43  
ASN O    O N N 44  
ASN CB   C N N 45  
ASN CG   C N N 46  
ASN OD1  O N N 47  
ASN ND2  N N N 48  
ASN OXT  O N N 49  
ASN H    H N N 50  
ASN H2   H N N 51  
ASN HA   H N N 52  
ASN HB2  H N N 53  
ASN HB3  H N N 54  
ASN HD21 H N N 55  
ASN HD22 H N N 56  
ASN HXT  H N N 57  
ASP N    N N N 58  
ASP CA   C N S 59  
ASP C    C N N 60  
ASP O    O N N 61  
ASP CB   C N N 62  
ASP CG   C N N 63  
ASP OD1  O N N 64  
ASP OD2  O N N 65  
ASP OXT  O N N 66  
ASP H    H N N 67  
ASP H2   H N N 68  
ASP HA   H N N 69  
ASP HB2  H N N 70  
ASP HB3  H N N 71  
ASP HD2  H N N 72  
ASP HXT  H N N 73  
CYS N    N N N 74  
CYS CA   C N R 75  
CYS C    C N N 76  
CYS O    O N N 77  
CYS CB   C N N 78  
CYS SG   S N N 79  
CYS OXT  O N N 80  
CYS H    H N N 81  
CYS H2   H N N 82  
CYS HA   H N N 83  
CYS HB2  H N N 84  
CYS HB3  H N N 85  
CYS HG   H N N 86  
CYS HXT  H N N 87  
GLN N    N N N 88  
GLN CA   C N S 89  
GLN C    C N N 90  
GLN O    O N N 91  
GLN CB   C N N 92  
GLN CG   C N N 93  
GLN CD   C N N 94  
GLN OE1  O N N 95  
GLN NE2  N N N 96  
GLN OXT  O N N 97  
GLN H    H N N 98  
GLN H2   H N N 99  
GLN HA   H N N 100 
GLN HB2  H N N 101 
GLN HB3  H N N 102 
GLN HG2  H N N 103 
GLN HG3  H N N 104 
GLN HE21 H N N 105 
GLN HE22 H N N 106 
GLN HXT  H N N 107 
GLU N    N N N 108 
GLU CA   C N S 109 
GLU C    C N N 110 
GLU O    O N N 111 
GLU CB   C N N 112 
GLU CG   C N N 113 
GLU CD   C N N 114 
GLU OE1  O N N 115 
GLU OE2  O N N 116 
GLU OXT  O N N 117 
GLU H    H N N 118 
GLU H2   H N N 119 
GLU HA   H N N 120 
GLU HB2  H N N 121 
GLU HB3  H N N 122 
GLU HG2  H N N 123 
GLU HG3  H N N 124 
GLU HE2  H N N 125 
GLU HXT  H N N 126 
GLY N    N N N 127 
GLY CA   C N N 128 
GLY C    C N N 129 
GLY O    O N N 130 
GLY OXT  O N N 131 
GLY H    H N N 132 
GLY H2   H N N 133 
GLY HA2  H N N 134 
GLY HA3  H N N 135 
GLY HXT  H N N 136 
HIS N    N N N 137 
HIS CA   C N S 138 
HIS C    C N N 139 
HIS O    O N N 140 
HIS CB   C N N 141 
HIS CG   C Y N 142 
HIS ND1  N Y N 143 
HIS CD2  C Y N 144 
HIS CE1  C Y N 145 
HIS NE2  N Y N 146 
HIS OXT  O N N 147 
HIS H    H N N 148 
HIS H2   H N N 149 
HIS HA   H N N 150 
HIS HB2  H N N 151 
HIS HB3  H N N 152 
HIS HD1  H N N 153 
HIS HD2  H N N 154 
HIS HE1  H N N 155 
HIS HE2  H N N 156 
HIS HXT  H N N 157 
HOH O    O N N 158 
HOH H1   H N N 159 
HOH H2   H N N 160 
ILE N    N N N 161 
ILE CA   C N S 162 
ILE C    C N N 163 
ILE O    O N N 164 
ILE CB   C N S 165 
ILE CG1  C N N 166 
ILE CG2  C N N 167 
ILE CD1  C N N 168 
ILE OXT  O N N 169 
ILE H    H N N 170 
ILE H2   H N N 171 
ILE HA   H N N 172 
ILE HB   H N N 173 
ILE HG12 H N N 174 
ILE HG13 H N N 175 
ILE HG21 H N N 176 
ILE HG22 H N N 177 
ILE HG23 H N N 178 
ILE HD11 H N N 179 
ILE HD12 H N N 180 
ILE HD13 H N N 181 
ILE HXT  H N N 182 
JAY FAS  F N N 183 
JAY CAN  C Y N 184 
JAY CAO  C Y N 185 
JAY CAP  C Y N 186 
JAY CAQ  C Y N 187 
JAY CAR  C Y N 188 
JAY CAL  C Y N 189 
JAY CAH  C N R 190 
JAY NAG  N N N 191 
JAY CAE  C Y N 192 
JAY CAD  C Y N 193 
JAY CAC  C Y N 194 
JAY CAB  C Y N 195 
JAY CAA  C Y N 196 
JAY CAF  C Y N 197 
JAY CAJ  C N N 198 
JAY OAK  O N N 199 
JAY NAI  N N N 200 
JAY CAM  C N N 201 
JAY CAT  C N N 202 
JAY CAU  C N N 203 
JAY CAX  C N N 204 
JAY CAW  C N N 205 
JAY NAV  N N N 206 
JAY CAY  C N N 207 
JAY CAZ  C N N 208 
JAY NBA  N N N 209 
JAY CBB  C N N 210 
JAY OBR  O N N 211 
JAY CBC  C Y N 212 
JAY CBN  C Y N 213 
JAY CBO  C Y N 214 
JAY CBP  C Y N 215 
JAY CBQ  C Y N 216 
JAY CBD  C Y N 217 
JAY NBE  N N N 218 
JAY CBF  C N R 219 
JAY CBG  C Y N 220 
JAY CBH  C Y N 221 
JAY FBM  F N N 222 
JAY CBI  C Y N 223 
JAY CBJ  C Y N 224 
JAY CBK  C Y N 225 
JAY CBL  C Y N 226 
JAY H1   H N N 227 
JAY H2   H N N 228 
JAY H3   H N N 229 
JAY H4   H N N 230 
JAY H5   H N N 231 
JAY H6   H N N 232 
JAY H7   H N N 233 
JAY H8   H N N 234 
JAY H9   H N N 235 
JAY H10  H N N 236 
JAY H11  H N N 237 
JAY H12  H N N 238 
JAY H13  H N N 239 
JAY H14  H N N 240 
JAY H15  H N N 241 
JAY H16  H N N 242 
JAY H17  H N N 243 
JAY H18  H N N 244 
JAY H19  H N N 245 
JAY H21  H N N 246 
JAY H22  H N N 247 
JAY H23  H N N 248 
JAY H24  H N N 249 
JAY H25  H N N 250 
JAY H26  H N N 251 
JAY H27  H N N 252 
JAY H28  H N N 253 
JAY H29  H N N 254 
JAY H30  H N N 255 
JAY H31  H N N 256 
JAY H32  H N N 257 
JAY H33  H N N 258 
JAY H34  H N N 259 
LEU N    N N N 260 
LEU CA   C N S 261 
LEU C    C N N 262 
LEU O    O N N 263 
LEU CB   C N N 264 
LEU CG   C N N 265 
LEU CD1  C N N 266 
LEU CD2  C N N 267 
LEU OXT  O N N 268 
LEU H    H N N 269 
LEU H2   H N N 270 
LEU HA   H N N 271 
LEU HB2  H N N 272 
LEU HB3  H N N 273 
LEU HG   H N N 274 
LEU HD11 H N N 275 
LEU HD12 H N N 276 
LEU HD13 H N N 277 
LEU HD21 H N N 278 
LEU HD22 H N N 279 
LEU HD23 H N N 280 
LEU HXT  H N N 281 
LYS N    N N N 282 
LYS CA   C N S 283 
LYS C    C N N 284 
LYS O    O N N 285 
LYS CB   C N N 286 
LYS CG   C N N 287 
LYS CD   C N N 288 
LYS CE   C N N 289 
LYS NZ   N N N 290 
LYS OXT  O N N 291 
LYS H    H N N 292 
LYS H2   H N N 293 
LYS HA   H N N 294 
LYS HB2  H N N 295 
LYS HB3  H N N 296 
LYS HG2  H N N 297 
LYS HG3  H N N 298 
LYS HD2  H N N 299 
LYS HD3  H N N 300 
LYS HE2  H N N 301 
LYS HE3  H N N 302 
LYS HZ1  H N N 303 
LYS HZ2  H N N 304 
LYS HZ3  H N N 305 
LYS HXT  H N N 306 
MET N    N N N 307 
MET CA   C N S 308 
MET C    C N N 309 
MET O    O N N 310 
MET CB   C N N 311 
MET CG   C N N 312 
MET SD   S N N 313 
MET CE   C N N 314 
MET OXT  O N N 315 
MET H    H N N 316 
MET H2   H N N 317 
MET HA   H N N 318 
MET HB2  H N N 319 
MET HB3  H N N 320 
MET HG2  H N N 321 
MET HG3  H N N 322 
MET HE1  H N N 323 
MET HE2  H N N 324 
MET HE3  H N N 325 
MET HXT  H N N 326 
PHE N    N N N 327 
PHE CA   C N S 328 
PHE C    C N N 329 
PHE O    O N N 330 
PHE CB   C N N 331 
PHE CG   C Y N 332 
PHE CD1  C Y N 333 
PHE CD2  C Y N 334 
PHE CE1  C Y N 335 
PHE CE2  C Y N 336 
PHE CZ   C Y N 337 
PHE OXT  O N N 338 
PHE H    H N N 339 
PHE H2   H N N 340 
PHE HA   H N N 341 
PHE HB2  H N N 342 
PHE HB3  H N N 343 
PHE HD1  H N N 344 
PHE HD2  H N N 345 
PHE HE1  H N N 346 
PHE HE2  H N N 347 
PHE HZ   H N N 348 
PHE HXT  H N N 349 
PRO N    N N N 350 
PRO CA   C N S 351 
PRO C    C N N 352 
PRO O    O N N 353 
PRO CB   C N N 354 
PRO CG   C N N 355 
PRO CD   C N N 356 
PRO OXT  O N N 357 
PRO H    H N N 358 
PRO HA   H N N 359 
PRO HB2  H N N 360 
PRO HB3  H N N 361 
PRO HG2  H N N 362 
PRO HG3  H N N 363 
PRO HD2  H N N 364 
PRO HD3  H N N 365 
PRO HXT  H N N 366 
SER N    N N N 367 
SER CA   C N S 368 
SER C    C N N 369 
SER O    O N N 370 
SER CB   C N N 371 
SER OG   O N N 372 
SER OXT  O N N 373 
SER H    H N N 374 
SER H2   H N N 375 
SER HA   H N N 376 
SER HB2  H N N 377 
SER HB3  H N N 378 
SER HG   H N N 379 
SER HXT  H N N 380 
THR N    N N N 381 
THR CA   C N S 382 
THR C    C N N 383 
THR O    O N N 384 
THR CB   C N R 385 
THR OG1  O N N 386 
THR CG2  C N N 387 
THR OXT  O N N 388 
THR H    H N N 389 
THR H2   H N N 390 
THR HA   H N N 391 
THR HB   H N N 392 
THR HG1  H N N 393 
THR HG21 H N N 394 
THR HG22 H N N 395 
THR HG23 H N N 396 
THR HXT  H N N 397 
TRP N    N N N 398 
TRP CA   C N S 399 
TRP C    C N N 400 
TRP O    O N N 401 
TRP CB   C N N 402 
TRP CG   C Y N 403 
TRP CD1  C Y N 404 
TRP CD2  C Y N 405 
TRP NE1  N Y N 406 
TRP CE2  C Y N 407 
TRP CE3  C Y N 408 
TRP CZ2  C Y N 409 
TRP CZ3  C Y N 410 
TRP CH2  C Y N 411 
TRP OXT  O N N 412 
TRP H    H N N 413 
TRP H2   H N N 414 
TRP HA   H N N 415 
TRP HB2  H N N 416 
TRP HB3  H N N 417 
TRP HD1  H N N 418 
TRP HE1  H N N 419 
TRP HE3  H N N 420 
TRP HZ2  H N N 421 
TRP HZ3  H N N 422 
TRP HH2  H N N 423 
TRP HXT  H N N 424 
TYR N    N N N 425 
TYR CA   C N S 426 
TYR C    C N N 427 
TYR O    O N N 428 
TYR CB   C N N 429 
TYR CG   C Y N 430 
TYR CD1  C Y N 431 
TYR CD2  C Y N 432 
TYR CE1  C Y N 433 
TYR CE2  C Y N 434 
TYR CZ   C Y N 435 
TYR OH   O N N 436 
TYR OXT  O N N 437 
TYR H    H N N 438 
TYR H2   H N N 439 
TYR HA   H N N 440 
TYR HB2  H N N 441 
TYR HB3  H N N 442 
TYR HD1  H N N 443 
TYR HD2  H N N 444 
TYR HE1  H N N 445 
TYR HE2  H N N 446 
TYR HH   H N N 447 
TYR HXT  H N N 448 
VAL N    N N N 449 
VAL CA   C N S 450 
VAL C    C N N 451 
VAL O    O N N 452 
VAL CB   C N N 453 
VAL CG1  C N N 454 
VAL CG2  C N N 455 
VAL OXT  O N N 456 
VAL H    H N N 457 
VAL H2   H N N 458 
VAL HA   H N N 459 
VAL HB   H N N 460 
VAL HG11 H N N 461 
VAL HG12 H N N 462 
VAL HG13 H N N 463 
VAL HG21 H N N 464 
VAL HG22 H N N 465 
VAL HG23 H N N 466 
VAL HXT  H N N 467 
# 
loop_
_chem_comp_bond.comp_id 
_chem_comp_bond.atom_id_1 
_chem_comp_bond.atom_id_2 
_chem_comp_bond.value_order 
_chem_comp_bond.pdbx_aromatic_flag 
_chem_comp_bond.pdbx_stereo_config 
_chem_comp_bond.pdbx_ordinal 
ALA N   CA   sing N N 1   
ALA N   H    sing N N 2   
ALA N   H2   sing N N 3   
ALA CA  C    sing N N 4   
ALA CA  CB   sing N N 5   
ALA CA  HA   sing N N 6   
ALA C   O    doub N N 7   
ALA C   OXT  sing N N 8   
ALA CB  HB1  sing N N 9   
ALA CB  HB2  sing N N 10  
ALA CB  HB3  sing N N 11  
ALA OXT HXT  sing N N 12  
ARG N   CA   sing N N 13  
ARG N   H    sing N N 14  
ARG N   H2   sing N N 15  
ARG CA  C    sing N N 16  
ARG CA  CB   sing N N 17  
ARG CA  HA   sing N N 18  
ARG C   O    doub N N 19  
ARG C   OXT  sing N N 20  
ARG CB  CG   sing N N 21  
ARG CB  HB2  sing N N 22  
ARG CB  HB3  sing N N 23  
ARG CG  CD   sing N N 24  
ARG CG  HG2  sing N N 25  
ARG CG  HG3  sing N N 26  
ARG CD  NE   sing N N 27  
ARG CD  HD2  sing N N 28  
ARG CD  HD3  sing N N 29  
ARG NE  CZ   sing N N 30  
ARG NE  HE   sing N N 31  
ARG CZ  NH1  sing N N 32  
ARG CZ  NH2  doub N N 33  
ARG NH1 HH11 sing N N 34  
ARG NH1 HH12 sing N N 35  
ARG NH2 HH21 sing N N 36  
ARG NH2 HH22 sing N N 37  
ARG OXT HXT  sing N N 38  
ASN N   CA   sing N N 39  
ASN N   H    sing N N 40  
ASN N   H2   sing N N 41  
ASN CA  C    sing N N 42  
ASN CA  CB   sing N N 43  
ASN CA  HA   sing N N 44  
ASN C   O    doub N N 45  
ASN C   OXT  sing N N 46  
ASN CB  CG   sing N N 47  
ASN CB  HB2  sing N N 48  
ASN CB  HB3  sing N N 49  
ASN CG  OD1  doub N N 50  
ASN CG  ND2  sing N N 51  
ASN ND2 HD21 sing N N 52  
ASN ND2 HD22 sing N N 53  
ASN OXT HXT  sing N N 54  
ASP N   CA   sing N N 55  
ASP N   H    sing N N 56  
ASP N   H2   sing N N 57  
ASP CA  C    sing N N 58  
ASP CA  CB   sing N N 59  
ASP CA  HA   sing N N 60  
ASP C   O    doub N N 61  
ASP C   OXT  sing N N 62  
ASP CB  CG   sing N N 63  
ASP CB  HB2  sing N N 64  
ASP CB  HB3  sing N N 65  
ASP CG  OD1  doub N N 66  
ASP CG  OD2  sing N N 67  
ASP OD2 HD2  sing N N 68  
ASP OXT HXT  sing N N 69  
CYS N   CA   sing N N 70  
CYS N   H    sing N N 71  
CYS N   H2   sing N N 72  
CYS CA  C    sing N N 73  
CYS CA  CB   sing N N 74  
CYS CA  HA   sing N N 75  
CYS C   O    doub N N 76  
CYS C   OXT  sing N N 77  
CYS CB  SG   sing N N 78  
CYS CB  HB2  sing N N 79  
CYS CB  HB3  sing N N 80  
CYS SG  HG   sing N N 81  
CYS OXT HXT  sing N N 82  
GLN N   CA   sing N N 83  
GLN N   H    sing N N 84  
GLN N   H2   sing N N 85  
GLN CA  C    sing N N 86  
GLN CA  CB   sing N N 87  
GLN CA  HA   sing N N 88  
GLN C   O    doub N N 89  
GLN C   OXT  sing N N 90  
GLN CB  CG   sing N N 91  
GLN CB  HB2  sing N N 92  
GLN CB  HB3  sing N N 93  
GLN CG  CD   sing N N 94  
GLN CG  HG2  sing N N 95  
GLN CG  HG3  sing N N 96  
GLN CD  OE1  doub N N 97  
GLN CD  NE2  sing N N 98  
GLN NE2 HE21 sing N N 99  
GLN NE2 HE22 sing N N 100 
GLN OXT HXT  sing N N 101 
GLU N   CA   sing N N 102 
GLU N   H    sing N N 103 
GLU N   H2   sing N N 104 
GLU CA  C    sing N N 105 
GLU CA  CB   sing N N 106 
GLU CA  HA   sing N N 107 
GLU C   O    doub N N 108 
GLU C   OXT  sing N N 109 
GLU CB  CG   sing N N 110 
GLU CB  HB2  sing N N 111 
GLU CB  HB3  sing N N 112 
GLU CG  CD   sing N N 113 
GLU CG  HG2  sing N N 114 
GLU CG  HG3  sing N N 115 
GLU CD  OE1  doub N N 116 
GLU CD  OE2  sing N N 117 
GLU OE2 HE2  sing N N 118 
GLU OXT HXT  sing N N 119 
GLY N   CA   sing N N 120 
GLY N   H    sing N N 121 
GLY N   H2   sing N N 122 
GLY CA  C    sing N N 123 
GLY CA  HA2  sing N N 124 
GLY CA  HA3  sing N N 125 
GLY C   O    doub N N 126 
GLY C   OXT  sing N N 127 
GLY OXT HXT  sing N N 128 
HIS N   CA   sing N N 129 
HIS N   H    sing N N 130 
HIS N   H2   sing N N 131 
HIS CA  C    sing N N 132 
HIS CA  CB   sing N N 133 
HIS CA  HA   sing N N 134 
HIS C   O    doub N N 135 
HIS C   OXT  sing N N 136 
HIS CB  CG   sing N N 137 
HIS CB  HB2  sing N N 138 
HIS CB  HB3  sing N N 139 
HIS CG  ND1  sing Y N 140 
HIS CG  CD2  doub Y N 141 
HIS ND1 CE1  doub Y N 142 
HIS ND1 HD1  sing N N 143 
HIS CD2 NE2  sing Y N 144 
HIS CD2 HD2  sing N N 145 
HIS CE1 NE2  sing Y N 146 
HIS CE1 HE1  sing N N 147 
HIS NE2 HE2  sing N N 148 
HIS OXT HXT  sing N N 149 
HOH O   H1   sing N N 150 
HOH O   H2   sing N N 151 
ILE N   CA   sing N N 152 
ILE N   H    sing N N 153 
ILE N   H2   sing N N 154 
ILE CA  C    sing N N 155 
ILE CA  CB   sing N N 156 
ILE CA  HA   sing N N 157 
ILE C   O    doub N N 158 
ILE C   OXT  sing N N 159 
ILE CB  CG1  sing N N 160 
ILE CB  CG2  sing N N 161 
ILE CB  HB   sing N N 162 
ILE CG1 CD1  sing N N 163 
ILE CG1 HG12 sing N N 164 
ILE CG1 HG13 sing N N 165 
ILE CG2 HG21 sing N N 166 
ILE CG2 HG22 sing N N 167 
ILE CG2 HG23 sing N N 168 
ILE CD1 HD11 sing N N 169 
ILE CD1 HD12 sing N N 170 
ILE CD1 HD13 sing N N 171 
ILE OXT HXT  sing N N 172 
JAY OAK CAJ  doub N N 173 
JAY CAA CAB  doub Y N 174 
JAY CAA CAF  sing Y N 175 
JAY CAB CAC  sing Y N 176 
JAY CAJ CAF  sing N N 177 
JAY CAJ NAI  sing N N 178 
JAY CAF CAE  doub Y N 179 
JAY CAC CAD  doub Y N 180 
JAY FBM CBH  sing N N 181 
JAY CBI CBH  doub Y N 182 
JAY CBI CBJ  sing Y N 183 
JAY CAE CAD  sing Y N 184 
JAY CAE NAG  sing N N 185 
JAY CAM NAI  sing N N 186 
JAY CAM CAT  sing N N 187 
JAY CAM CAX  sing N N 188 
JAY NAI CAH  sing N N 189 
JAY CAU CAT  sing N N 190 
JAY CAU NAV  sing N N 191 
JAY CBH CBG  sing Y N 192 
JAY CAW CAX  sing N N 193 
JAY CAW NAV  sing N N 194 
JAY CBJ CBK  doub Y N 195 
JAY CAR CAQ  doub Y N 196 
JAY CAR CAL  sing Y N 197 
JAY NAV CAY  sing N N 198 
JAY NAG CAH  sing N N 199 
JAY CAH CAL  sing N N 200 
JAY CAQ CAP  sing Y N 201 
JAY CBG CBF  sing N N 202 
JAY CBG CBL  doub Y N 203 
JAY CAL CAN  doub Y N 204 
JAY CBF NBE  sing N N 205 
JAY CBF NBA  sing N N 206 
JAY CBK CBL  sing Y N 207 
JAY NBE CBD  sing N N 208 
JAY CAY CAZ  sing N N 209 
JAY CAZ NBA  sing N N 210 
JAY CAP CAO  doub Y N 211 
JAY CAN CAO  sing Y N 212 
JAY CAN FAS  sing N N 213 
JAY NBA CBB  sing N N 214 
JAY CBD CBQ  sing Y N 215 
JAY CBD CBC  doub Y N 216 
JAY CBQ CBP  doub Y N 217 
JAY CBB CBC  sing N N 218 
JAY CBB OBR  doub N N 219 
JAY CBC CBN  sing Y N 220 
JAY CBP CBO  sing Y N 221 
JAY CBN CBO  doub Y N 222 
JAY CAO H1   sing N N 223 
JAY CAP H2   sing N N 224 
JAY CAQ H3   sing N N 225 
JAY CAR H4   sing N N 226 
JAY CAH H5   sing N N 227 
JAY NAG H6   sing N N 228 
JAY CAD H7   sing N N 229 
JAY CAC H8   sing N N 230 
JAY CAB H9   sing N N 231 
JAY CAA H10  sing N N 232 
JAY CAM H11  sing N N 233 
JAY CAT H12  sing N N 234 
JAY CAT H13  sing N N 235 
JAY CAU H14  sing N N 236 
JAY CAU H15  sing N N 237 
JAY CAX H16  sing N N 238 
JAY CAX H17  sing N N 239 
JAY CAW H18  sing N N 240 
JAY CAW H19  sing N N 241 
JAY CAY H21  sing N N 242 
JAY CAY H22  sing N N 243 
JAY CAZ H23  sing N N 244 
JAY CAZ H24  sing N N 245 
JAY CBN H25  sing N N 246 
JAY CBO H26  sing N N 247 
JAY CBP H27  sing N N 248 
JAY CBQ H28  sing N N 249 
JAY NBE H29  sing N N 250 
JAY CBF H30  sing N N 251 
JAY CBI H31  sing N N 252 
JAY CBJ H32  sing N N 253 
JAY CBK H33  sing N N 254 
JAY CBL H34  sing N N 255 
LEU N   CA   sing N N 256 
LEU N   H    sing N N 257 
LEU N   H2   sing N N 258 
LEU CA  C    sing N N 259 
LEU CA  CB   sing N N 260 
LEU CA  HA   sing N N 261 
LEU C   O    doub N N 262 
LEU C   OXT  sing N N 263 
LEU CB  CG   sing N N 264 
LEU CB  HB2  sing N N 265 
LEU CB  HB3  sing N N 266 
LEU CG  CD1  sing N N 267 
LEU CG  CD2  sing N N 268 
LEU CG  HG   sing N N 269 
LEU CD1 HD11 sing N N 270 
LEU CD1 HD12 sing N N 271 
LEU CD1 HD13 sing N N 272 
LEU CD2 HD21 sing N N 273 
LEU CD2 HD22 sing N N 274 
LEU CD2 HD23 sing N N 275 
LEU OXT HXT  sing N N 276 
LYS N   CA   sing N N 277 
LYS N   H    sing N N 278 
LYS N   H2   sing N N 279 
LYS CA  C    sing N N 280 
LYS CA  CB   sing N N 281 
LYS CA  HA   sing N N 282 
LYS C   O    doub N N 283 
LYS C   OXT  sing N N 284 
LYS CB  CG   sing N N 285 
LYS CB  HB2  sing N N 286 
LYS CB  HB3  sing N N 287 
LYS CG  CD   sing N N 288 
LYS CG  HG2  sing N N 289 
LYS CG  HG3  sing N N 290 
LYS CD  CE   sing N N 291 
LYS CD  HD2  sing N N 292 
LYS CD  HD3  sing N N 293 
LYS CE  NZ   sing N N 294 
LYS CE  HE2  sing N N 295 
LYS CE  HE3  sing N N 296 
LYS NZ  HZ1  sing N N 297 
LYS NZ  HZ2  sing N N 298 
LYS NZ  HZ3  sing N N 299 
LYS OXT HXT  sing N N 300 
MET N   CA   sing N N 301 
MET N   H    sing N N 302 
MET N   H2   sing N N 303 
MET CA  C    sing N N 304 
MET CA  CB   sing N N 305 
MET CA  HA   sing N N 306 
MET C   O    doub N N 307 
MET C   OXT  sing N N 308 
MET CB  CG   sing N N 309 
MET CB  HB2  sing N N 310 
MET CB  HB3  sing N N 311 
MET CG  SD   sing N N 312 
MET CG  HG2  sing N N 313 
MET CG  HG3  sing N N 314 
MET SD  CE   sing N N 315 
MET CE  HE1  sing N N 316 
MET CE  HE2  sing N N 317 
MET CE  HE3  sing N N 318 
MET OXT HXT  sing N N 319 
PHE N   CA   sing N N 320 
PHE N   H    sing N N 321 
PHE N   H2   sing N N 322 
PHE CA  C    sing N N 323 
PHE CA  CB   sing N N 324 
PHE CA  HA   sing N N 325 
PHE C   O    doub N N 326 
PHE C   OXT  sing N N 327 
PHE CB  CG   sing N N 328 
PHE CB  HB2  sing N N 329 
PHE CB  HB3  sing N N 330 
PHE CG  CD1  doub Y N 331 
PHE CG  CD2  sing Y N 332 
PHE CD1 CE1  sing Y N 333 
PHE CD1 HD1  sing N N 334 
PHE CD2 CE2  doub Y N 335 
PHE CD2 HD2  sing N N 336 
PHE CE1 CZ   doub Y N 337 
PHE CE1 HE1  sing N N 338 
PHE CE2 CZ   sing Y N 339 
PHE CE2 HE2  sing N N 340 
PHE CZ  HZ   sing N N 341 
PHE OXT HXT  sing N N 342 
PRO N   CA   sing N N 343 
PRO N   CD   sing N N 344 
PRO N   H    sing N N 345 
PRO CA  C    sing N N 346 
PRO CA  CB   sing N N 347 
PRO CA  HA   sing N N 348 
PRO C   O    doub N N 349 
PRO C   OXT  sing N N 350 
PRO CB  CG   sing N N 351 
PRO CB  HB2  sing N N 352 
PRO CB  HB3  sing N N 353 
PRO CG  CD   sing N N 354 
PRO CG  HG2  sing N N 355 
PRO CG  HG3  sing N N 356 
PRO CD  HD2  sing N N 357 
PRO CD  HD3  sing N N 358 
PRO OXT HXT  sing N N 359 
SER N   CA   sing N N 360 
SER N   H    sing N N 361 
SER N   H2   sing N N 362 
SER CA  C    sing N N 363 
SER CA  CB   sing N N 364 
SER CA  HA   sing N N 365 
SER C   O    doub N N 366 
SER C   OXT  sing N N 367 
SER CB  OG   sing N N 368 
SER CB  HB2  sing N N 369 
SER CB  HB3  sing N N 370 
SER OG  HG   sing N N 371 
SER OXT HXT  sing N N 372 
THR N   CA   sing N N 373 
THR N   H    sing N N 374 
THR N   H2   sing N N 375 
THR CA  C    sing N N 376 
THR CA  CB   sing N N 377 
THR CA  HA   sing N N 378 
THR C   O    doub N N 379 
THR C   OXT  sing N N 380 
THR CB  OG1  sing N N 381 
THR CB  CG2  sing N N 382 
THR CB  HB   sing N N 383 
THR OG1 HG1  sing N N 384 
THR CG2 HG21 sing N N 385 
THR CG2 HG22 sing N N 386 
THR CG2 HG23 sing N N 387 
THR OXT HXT  sing N N 388 
TRP N   CA   sing N N 389 
TRP N   H    sing N N 390 
TRP N   H2   sing N N 391 
TRP CA  C    sing N N 392 
TRP CA  CB   sing N N 393 
TRP CA  HA   sing N N 394 
TRP C   O    doub N N 395 
TRP C   OXT  sing N N 396 
TRP CB  CG   sing N N 397 
TRP CB  HB2  sing N N 398 
TRP CB  HB3  sing N N 399 
TRP CG  CD1  doub Y N 400 
TRP CG  CD2  sing Y N 401 
TRP CD1 NE1  sing Y N 402 
TRP CD1 HD1  sing N N 403 
TRP CD2 CE2  doub Y N 404 
TRP CD2 CE3  sing Y N 405 
TRP NE1 CE2  sing Y N 406 
TRP NE1 HE1  sing N N 407 
TRP CE2 CZ2  sing Y N 408 
TRP CE3 CZ3  doub Y N 409 
TRP CE3 HE3  sing N N 410 
TRP CZ2 CH2  doub Y N 411 
TRP CZ2 HZ2  sing N N 412 
TRP CZ3 CH2  sing Y N 413 
TRP CZ3 HZ3  sing N N 414 
TRP CH2 HH2  sing N N 415 
TRP OXT HXT  sing N N 416 
TYR N   CA   sing N N 417 
TYR N   H    sing N N 418 
TYR N   H2   sing N N 419 
TYR CA  C    sing N N 420 
TYR CA  CB   sing N N 421 
TYR CA  HA   sing N N 422 
TYR C   O    doub N N 423 
TYR C   OXT  sing N N 424 
TYR CB  CG   sing N N 425 
TYR CB  HB2  sing N N 426 
TYR CB  HB3  sing N N 427 
TYR CG  CD1  doub Y N 428 
TYR CG  CD2  sing Y N 429 
TYR CD1 CE1  sing Y N 430 
TYR CD1 HD1  sing N N 431 
TYR CD2 CE2  doub Y N 432 
TYR CD2 HD2  sing N N 433 
TYR CE1 CZ   doub Y N 434 
TYR CE1 HE1  sing N N 435 
TYR CE2 CZ   sing Y N 436 
TYR CE2 HE2  sing N N 437 
TYR CZ  OH   sing N N 438 
TYR OH  HH   sing N N 439 
TYR OXT HXT  sing N N 440 
VAL N   CA   sing N N 441 
VAL N   H    sing N N 442 
VAL N   H2   sing N N 443 
VAL CA  C    sing N N 444 
VAL CA  CB   sing N N 445 
VAL CA  HA   sing N N 446 
VAL C   O    doub N N 447 
VAL C   OXT  sing N N 448 
VAL CB  CG1  sing N N 449 
VAL CB  CG2  sing N N 450 
VAL CB  HB   sing N N 451 
VAL CG1 HG11 sing N N 452 
VAL CG1 HG12 sing N N 453 
VAL CG1 HG13 sing N N 454 
VAL CG2 HG21 sing N N 455 
VAL CG2 HG22 sing N N 456 
VAL CG2 HG23 sing N N 457 
VAL OXT HXT  sing N N 458 
# 
_pdbx_audit_support.funding_organization   'National Basic Research Program of China' 
_pdbx_audit_support.country                China 
_pdbx_audit_support.grant_number           2014CB541800 
_pdbx_audit_support.ordinal                1 
# 
loop_
_pdbx_entity_nonpoly.entity_id 
_pdbx_entity_nonpoly.name 
_pdbx_entity_nonpoly.comp_id 
2 
;(2R)-2-(2-fluorophenyl)-3-[2-[4-[(2R)-2-(2-fluorophenyl)-4-oxidanylidene-1,2-dihydroquinazolin-3-yl]piperidin-1-yl]ethyl]-1,2-dihydroquinazolin-4-one
;
JAY 
3 water HOH 
# 
_pdbx_initial_refinement_model.id               1 
_pdbx_initial_refinement_model.entity_id_list   ? 
_pdbx_initial_refinement_model.type             'experimental model' 
_pdbx_initial_refinement_model.source_name      PDB 
_pdbx_initial_refinement_model.accession_code   4JV6 
_pdbx_initial_refinement_model.details          ? 
# 
_pdbx_struct_assembly_auth_evidence.id                     1 
_pdbx_struct_assembly_auth_evidence.assembly_id            1 
_pdbx_struct_assembly_auth_evidence.experimental_support   'gel filtration' 
_pdbx_struct_assembly_auth_evidence.details                Monomer 
# 
